data_4TM3
#
_entry.id   4TM3
#
_cell.length_a   79.814
_cell.length_b   151.943
_cell.length_c   161.870
_cell.angle_alpha   90.00
_cell.angle_beta   90.00
_cell.angle_gamma   90.00
#
_symmetry.space_group_name_H-M   'P 21 21 21'
#
loop_
_entity.id
_entity.type
_entity.pdbx_description
1 polymer KtzI
2 non-polymer 'FLAVIN-ADENINE DINUCLEOTIDE'
3 non-polymer 'BROMIDE ION'
4 water water
#
_entity_poly.entity_id   1
_entity_poly.type   'polypeptide(L)'
_entity_poly.pdbx_seq_one_letter_code
;MGSSHHHHHHSSGLVPRGSHMVAHAGESPTHDVVGVGFGPANLSLAVALEESPAALTSAFFERRASISWHQGMLLPAAKM
QVSFLKDLATFRNPASRFSFVSFLHERGRLVRFANNHDFFPTRREFHDYLEWAESKLAHEVSYDSEVTAIRPGPGRPVDS
VLVDVSTPEATRTVEARNIVISTGLVPRMPAGVQSDEFVWHSSRFLDHFRDRDPRSLRRVAVAGGGQSAAEIVRFLHDNR
PDTVVHAIMPSYGYVVADNTPFANQIFDPAAVDDYFDGSKQAKDAFWRYHRNTNYSVVDDEVIRDLYRRGYDDEVAGAPR
LNFVNLAHVVGAKRIADDTRVTVYSMAREESYDLDVDVLVCATGYDPMDPGDLLGELAEHCVQDAEGRWQVDRDYRMVTT
PDLRCGIYLQGGTEHTHGLSSSLLSNLATRSGEIVSSIERRKS
;
_entity_poly.pdbx_strand_id   A,B,C,D
#
# COMPACT_ATOMS: atom_id res chain seq x y z
N PRO A 29 -48.53 30.28 10.45
CA PRO A 29 -47.85 28.99 10.57
C PRO A 29 -46.36 29.15 10.94
N THR A 30 -46.03 28.96 12.21
CA THR A 30 -44.66 29.16 12.68
C THR A 30 -43.91 27.83 12.87
N HIS A 31 -42.89 27.63 12.05
CA HIS A 31 -42.08 26.42 12.09
C HIS A 31 -41.17 26.38 13.30
N ASP A 32 -40.91 25.17 13.82
CA ASP A 32 -39.93 25.05 14.88
C ASP A 32 -38.53 25.42 14.36
N VAL A 33 -38.26 25.05 13.10
CA VAL A 33 -36.93 25.32 12.53
C VAL A 33 -36.97 25.47 11.00
N VAL A 34 -36.21 26.43 10.50
CA VAL A 34 -36.05 26.63 9.07
C VAL A 34 -34.58 26.47 8.71
N GLY A 35 -34.31 25.67 7.68
CA GLY A 35 -32.95 25.46 7.21
C GLY A 35 -32.68 26.31 5.97
N VAL A 36 -31.64 27.14 6.03
CA VAL A 36 -31.26 27.92 4.86
C VAL A 36 -30.15 27.19 4.12
N GLY A 37 -30.48 26.76 2.89
CA GLY A 37 -29.55 26.00 2.07
C GLY A 37 -29.90 24.53 2.17
N PHE A 38 -29.65 23.76 1.11
CA PHE A 38 -29.81 22.31 1.23
C PHE A 38 -28.65 21.57 0.59
N GLY A 39 -27.48 21.73 1.19
CA GLY A 39 -26.36 20.87 0.85
C GLY A 39 -26.37 19.72 1.84
N PRO A 40 -25.28 18.94 1.87
CA PRO A 40 -25.16 17.81 2.80
C PRO A 40 -25.40 18.20 4.26
N ALA A 41 -24.99 19.40 4.68
CA ALA A 41 -25.17 19.79 6.09
C ALA A 41 -26.64 19.84 6.50
N ASN A 42 -27.45 20.53 5.71
CA ASN A 42 -28.88 20.61 6.03
C ASN A 42 -29.59 19.31 5.68
N LEU A 43 -29.04 18.56 4.75
CA LEU A 43 -29.59 17.26 4.50
C LEU A 43 -29.44 16.41 5.75
N SER A 44 -28.26 16.44 6.35
CA SER A 44 -28.08 15.65 7.58
C SER A 44 -28.99 16.16 8.70
N LEU A 45 -29.34 17.46 8.64
CA LEU A 45 -30.22 18.05 9.66
C LEU A 45 -31.64 17.52 9.46
N ALA A 46 -32.08 17.50 8.19
CA ALA A 46 -33.37 16.93 7.84
C ALA A 46 -33.49 15.47 8.28
N VAL A 47 -32.43 14.70 8.09
CA VAL A 47 -32.41 13.33 8.55
C VAL A 47 -32.48 13.26 10.09
N ALA A 48 -31.71 14.12 10.75
CA ALA A 48 -31.70 14.14 12.21
C ALA A 48 -33.09 14.48 12.77
N LEU A 49 -33.78 15.36 12.06
CA LEU A 49 -35.14 15.75 12.41
C LEU A 49 -36.09 14.56 12.25
N GLU A 50 -36.00 13.87 11.12
CA GLU A 50 -36.89 12.75 10.89
C GLU A 50 -36.63 11.63 11.89
N GLU A 51 -35.37 11.33 12.19
CA GLU A 51 -35.05 10.24 13.09
C GLU A 51 -35.39 10.57 14.55
N SER A 52 -35.40 11.85 14.89
CA SER A 52 -35.70 12.25 16.26
C SER A 52 -37.18 12.03 16.56
N PRO A 53 -37.48 11.50 17.76
CA PRO A 53 -38.87 11.29 18.18
C PRO A 53 -39.56 12.60 18.46
N ALA A 54 -38.78 13.66 18.67
CA ALA A 54 -39.35 14.99 18.92
C ALA A 54 -40.23 15.41 17.75
N ALA A 55 -41.35 16.05 18.06
CA ALA A 55 -42.26 16.54 17.03
C ALA A 55 -41.85 17.95 16.65
N LEU A 56 -40.91 18.06 15.72
CA LEU A 56 -40.47 19.39 15.29
C LEU A 56 -40.98 19.64 13.88
N THR A 57 -41.53 20.81 13.63
CA THR A 57 -41.96 21.14 12.27
C THR A 57 -40.80 21.87 11.61
N SER A 58 -40.61 21.67 10.30
CA SER A 58 -39.47 22.26 9.64
C SER A 58 -39.78 22.66 8.23
N ALA A 59 -38.92 23.50 7.67
CA ALA A 59 -38.95 23.76 6.24
C ALA A 59 -37.52 24.06 5.82
N PHE A 60 -37.12 23.60 4.63
CA PHE A 60 -35.79 23.89 4.08
C PHE A 60 -35.92 24.59 2.75
N PHE A 61 -35.09 25.60 2.55
CA PHE A 61 -35.10 26.35 1.30
C PHE A 61 -33.74 26.25 0.62
N GLU A 62 -33.76 25.90 -0.66
CA GLU A 62 -32.56 25.79 -1.48
C GLU A 62 -32.76 26.63 -2.73
N ARG A 63 -31.81 27.49 -3.02
CA ARG A 63 -31.88 28.37 -4.19
C ARG A 63 -31.92 27.58 -5.49
N ARG A 64 -31.02 26.61 -5.64
CA ARG A 64 -30.95 25.81 -6.86
C ARG A 64 -32.26 25.07 -7.15
N ALA A 65 -32.33 24.41 -8.30
CA ALA A 65 -33.51 23.66 -8.69
C ALA A 65 -33.56 22.28 -8.05
N SER A 66 -32.41 21.80 -7.62
CA SER A 66 -32.34 20.51 -6.95
C SER A 66 -31.03 20.47 -6.16
N ILE A 67 -30.84 19.40 -5.41
CA ILE A 67 -29.64 19.23 -4.62
C ILE A 67 -28.43 19.21 -5.57
N SER A 68 -27.42 20.01 -5.24
CA SER A 68 -26.30 20.19 -6.16
C SER A 68 -25.00 20.39 -5.40
N TRP A 69 -24.21 19.31 -5.26
CA TRP A 69 -23.06 19.36 -4.36
C TRP A 69 -21.75 19.38 -5.12
N HIS A 70 -21.14 20.56 -5.24
CA HIS A 70 -19.87 20.72 -5.95
C HIS A 70 -19.82 20.02 -7.30
N GLN A 71 -20.82 20.25 -8.12
CA GLN A 71 -20.93 19.52 -9.38
C GLN A 71 -19.87 19.91 -10.39
N GLY A 72 -19.34 21.11 -10.29
CA GLY A 72 -18.28 21.54 -11.19
C GLY A 72 -16.98 20.76 -10.99
N MET A 73 -16.89 20.02 -9.90
CA MET A 73 -15.66 19.30 -9.60
C MET A 73 -15.93 17.80 -9.50
N LEU A 74 -17.06 17.37 -10.05
CA LEU A 74 -17.38 15.93 -10.07
C LEU A 74 -16.60 15.24 -11.19
N LEU A 75 -15.27 15.29 -11.07
CA LEU A 75 -14.36 14.69 -12.06
C LEU A 75 -14.41 13.16 -12.03
N PRO A 76 -14.13 12.50 -13.16
CA PRO A 76 -14.00 11.05 -13.18
C PRO A 76 -13.03 10.54 -12.16
N ALA A 77 -13.40 9.56 -11.40
CA ALA A 77 -12.48 9.01 -10.41
C ALA A 77 -12.14 9.87 -9.20
N ALA A 78 -12.59 11.11 -9.14
CA ALA A 78 -12.37 11.93 -7.96
C ALA A 78 -12.93 11.22 -6.73
N LYS A 79 -12.22 11.29 -5.62
CA LYS A 79 -12.63 10.57 -4.41
C LYS A 79 -13.10 11.48 -3.26
N MET A 80 -13.94 10.94 -2.40
CA MET A 80 -14.42 11.64 -1.22
C MET A 80 -13.25 11.91 -0.29
N GLN A 81 -13.29 12.98 0.50
CA GLN A 81 -12.21 13.25 1.48
C GLN A 81 -12.47 12.43 2.72
N VAL A 82 -13.70 11.94 2.88
CA VAL A 82 -14.05 11.25 4.13
C VAL A 82 -14.55 9.85 3.82
N SER A 83 -14.41 8.94 4.77
CA SER A 83 -14.79 7.56 4.51
C SER A 83 -16.28 7.41 4.46
N PHE A 84 -16.74 6.26 3.94
CA PHE A 84 -18.18 6.09 3.75
C PHE A 84 -18.90 6.01 5.08
N LEU A 85 -18.19 5.68 6.16
CA LEU A 85 -18.80 5.67 7.49
C LEU A 85 -19.10 7.09 8.02
N LYS A 86 -18.42 8.10 7.48
CA LYS A 86 -18.71 9.48 7.86
C LYS A 86 -19.77 9.99 6.89
N ASP A 87 -20.95 9.41 7.00
CA ASP A 87 -22.04 9.75 6.11
C ASP A 87 -23.01 10.71 6.84
N LEU A 88 -24.28 10.63 6.49
CA LEU A 88 -25.25 11.56 7.08
C LEU A 88 -25.63 11.25 8.52
N ALA A 89 -25.44 10.01 8.98
CA ALA A 89 -26.11 9.59 10.21
C ALA A 89 -25.43 8.53 11.05
N THR A 90 -24.53 7.75 10.43
CA THR A 90 -24.03 6.54 11.08
C THR A 90 -23.37 6.75 12.44
N PHE A 91 -22.54 7.78 12.61
CA PHE A 91 -21.85 7.99 13.88
C PHE A 91 -22.83 8.35 15.01
N ARG A 92 -24.02 8.82 14.64
CA ARG A 92 -25.05 9.07 15.66
C ARG A 92 -25.93 7.84 15.82
N ASN A 93 -26.36 7.29 14.69
CA ASN A 93 -27.31 6.19 14.70
C ASN A 93 -26.81 5.11 13.74
N PRO A 94 -26.09 4.11 14.29
CA PRO A 94 -25.39 3.12 13.46
C PRO A 94 -26.34 2.22 12.67
N ALA A 95 -27.64 2.32 12.93
CA ALA A 95 -28.61 1.52 12.19
C ALA A 95 -29.56 2.43 11.43
N SER A 96 -29.08 3.59 11.02
CA SER A 96 -29.91 4.53 10.27
C SER A 96 -30.35 4.00 8.91
N ARG A 97 -31.59 4.30 8.53
CA ARG A 97 -32.08 3.98 7.20
C ARG A 97 -31.47 4.91 6.15
N PHE A 98 -30.70 5.91 6.60
CA PHE A 98 -30.08 6.86 5.70
C PHE A 98 -28.57 6.71 5.59
N SER A 99 -28.05 5.63 6.15
CA SER A 99 -26.61 5.38 6.11
C SER A 99 -26.13 5.11 4.67
N PHE A 100 -24.83 5.33 4.41
CA PHE A 100 -24.29 4.99 3.10
C PHE A 100 -24.48 3.50 2.81
N VAL A 101 -24.33 2.69 3.84
CA VAL A 101 -24.50 1.26 3.71
C VAL A 101 -25.94 0.90 3.28
N SER A 102 -26.95 1.57 3.85
CA SER A 102 -28.35 1.29 3.45
C SER A 102 -28.56 1.68 2.00
N PHE A 103 -27.96 2.81 1.61
CA PHE A 103 -27.97 3.26 0.21
C PHE A 103 -27.38 2.19 -0.73
N LEU A 104 -26.19 1.70 -0.39
CA LEU A 104 -25.55 0.70 -1.27
C LEU A 104 -26.42 -0.55 -1.40
N HIS A 105 -27.03 -0.94 -0.29
CA HIS A 105 -27.86 -2.14 -0.24
C HIS A 105 -29.08 -1.96 -1.13
N GLU A 106 -29.75 -0.81 -1.02
CA GLU A 106 -30.90 -0.55 -1.90
C GLU A 106 -30.49 -0.47 -3.37
N ARG A 107 -29.28 -0.01 -3.65
CA ARG A 107 -28.82 0.04 -5.04
C ARG A 107 -28.28 -1.32 -5.52
N GLY A 108 -28.26 -2.31 -4.64
CA GLY A 108 -27.71 -3.60 -4.99
C GLY A 108 -26.20 -3.63 -5.17
N ARG A 109 -25.47 -2.70 -4.55
CA ARG A 109 -24.03 -2.62 -4.69
C ARG A 109 -23.24 -2.78 -3.39
N LEU A 110 -23.91 -3.13 -2.29
CA LEU A 110 -23.21 -3.19 -1.00
C LEU A 110 -22.11 -4.24 -1.04
N VAL A 111 -22.43 -5.41 -1.57
CA VAL A 111 -21.43 -6.47 -1.67
C VAL A 111 -20.30 -6.07 -2.60
N ARG A 112 -20.65 -5.56 -3.79
CA ARG A 112 -19.64 -5.10 -4.76
C ARG A 112 -18.74 -4.05 -4.15
N PHE A 113 -19.32 -3.11 -3.41
CA PHE A 113 -18.54 -2.04 -2.79
C PHE A 113 -17.62 -2.63 -1.73
N ALA A 114 -18.18 -3.50 -0.90
CA ALA A 114 -17.39 -4.15 0.14
C ALA A 114 -16.18 -4.93 -0.39
N ASN A 115 -16.35 -5.62 -1.52
CA ASN A 115 -15.25 -6.38 -2.08
C ASN A 115 -14.10 -5.51 -2.55
N ASN A 116 -14.37 -4.23 -2.77
CA ASN A 116 -13.34 -3.30 -3.25
C ASN A 116 -12.36 -2.91 -2.16
N HIS A 117 -12.77 -3.04 -0.90
CA HIS A 117 -11.92 -2.68 0.23
C HIS A 117 -11.36 -1.24 0.18
N ASP A 118 -12.19 -0.31 -0.29
CA ASP A 118 -11.82 1.11 -0.33
C ASP A 118 -12.80 1.87 0.55
N PHE A 119 -12.28 2.55 1.57
CA PHE A 119 -13.11 3.36 2.47
C PHE A 119 -13.72 4.61 1.84
N PHE A 120 -13.20 5.02 0.69
CA PHE A 120 -13.56 6.29 0.08
C PHE A 120 -14.33 6.11 -1.21
N PRO A 121 -15.62 6.43 -1.19
CA PRO A 121 -16.41 6.41 -2.43
C PRO A 121 -15.92 7.48 -3.40
N THR A 122 -16.36 7.39 -4.65
CA THR A 122 -16.08 8.46 -5.60
C THR A 122 -17.03 9.57 -5.27
N ARG A 123 -16.66 10.80 -5.61
CA ARG A 123 -17.55 11.92 -5.35
C ARG A 123 -18.85 11.74 -6.15
N ARG A 124 -18.77 11.10 -7.31
CA ARG A 124 -19.97 10.86 -8.11
C ARG A 124 -20.96 9.94 -7.41
N GLU A 125 -20.46 8.85 -6.82
CA GLU A 125 -21.36 7.98 -6.08
C GLU A 125 -21.93 8.70 -4.84
N PHE A 126 -21.11 9.51 -4.19
CA PHE A 126 -21.59 10.22 -3.02
C PHE A 126 -22.71 11.17 -3.40
N HIS A 127 -22.58 11.80 -4.56
CA HIS A 127 -23.66 12.68 -5.04
C HIS A 127 -24.94 11.88 -5.23
N ASP A 128 -24.84 10.65 -5.75
CA ASP A 128 -26.01 9.80 -5.90
C ASP A 128 -26.60 9.47 -4.54
N TYR A 129 -25.73 9.29 -3.56
CA TYR A 129 -26.15 8.98 -2.20
C TYR A 129 -26.97 10.14 -1.61
N LEU A 130 -26.50 11.37 -1.84
CA LEU A 130 -27.22 12.55 -1.36
C LEU A 130 -28.61 12.62 -1.99
N GLU A 131 -28.70 12.32 -3.30
CA GLU A 131 -30.00 12.40 -3.97
C GLU A 131 -30.95 11.31 -3.50
N TRP A 132 -30.38 10.14 -3.24
CA TRP A 132 -31.15 9.03 -2.72
C TRP A 132 -31.68 9.38 -1.34
N ALA A 133 -30.83 9.99 -0.52
CA ALA A 133 -31.24 10.28 0.85
C ALA A 133 -32.32 11.35 0.87
N GLU A 134 -32.15 12.34 0.00
CA GLU A 134 -33.13 13.41 -0.11
C GLU A 134 -34.49 12.85 -0.52
N SER A 135 -34.51 11.90 -1.46
CA SER A 135 -35.78 11.29 -1.91
C SER A 135 -36.47 10.49 -0.81
N LYS A 136 -35.66 9.79 -0.02
CA LYS A 136 -36.19 8.94 1.05
C LYS A 136 -36.83 9.79 2.14
N LEU A 137 -36.38 11.03 2.24
CA LEU A 137 -36.91 11.96 3.23
C LEU A 137 -38.43 12.12 3.09
N ALA A 138 -39.13 11.99 4.21
CA ALA A 138 -40.57 12.20 4.24
C ALA A 138 -40.94 13.64 3.84
N HIS A 139 -40.24 14.62 4.40
CA HIS A 139 -40.59 16.02 4.17
C HIS A 139 -39.90 16.60 2.95
N GLU A 140 -40.69 17.21 2.07
CA GLU A 140 -40.21 17.77 0.82
C GLU A 140 -39.50 19.11 1.02
N VAL A 141 -38.45 19.34 0.23
CA VAL A 141 -37.63 20.56 0.31
C VAL A 141 -38.17 21.59 -0.68
N SER A 142 -38.13 22.88 -0.33
CA SER A 142 -38.51 23.92 -1.29
C SER A 142 -37.31 24.37 -2.10
N TYR A 143 -37.29 24.00 -3.38
CA TYR A 143 -36.20 24.37 -4.27
C TYR A 143 -36.57 25.64 -5.01
N ASP A 144 -35.60 26.20 -5.75
CA ASP A 144 -35.75 27.48 -6.41
C ASP A 144 -36.24 28.53 -5.41
N SER A 145 -35.78 28.40 -4.17
CA SER A 145 -36.15 29.30 -3.10
C SER A 145 -34.90 29.88 -2.47
N GLU A 146 -34.56 31.10 -2.88
CA GLU A 146 -33.42 31.80 -2.32
C GLU A 146 -33.85 32.61 -1.11
N VAL A 147 -33.19 32.36 0.03
CA VAL A 147 -33.44 33.18 1.21
C VAL A 147 -32.66 34.47 1.04
N THR A 148 -33.36 35.59 1.13
CA THR A 148 -32.75 36.90 0.84
C THR A 148 -32.51 37.68 2.12
N ALA A 149 -33.27 37.36 3.15
CA ALA A 149 -33.09 38.04 4.42
C ALA A 149 -33.66 37.24 5.56
N ILE A 150 -33.08 37.43 6.74
CA ILE A 150 -33.67 36.93 7.98
C ILE A 150 -33.92 38.12 8.91
N ARG A 151 -35.17 38.29 9.37
CA ARG A 151 -35.56 39.46 10.13
C ARG A 151 -36.19 39.09 11.48
N PRO A 152 -36.12 40.02 12.46
CA PRO A 152 -36.78 39.79 13.77
C PRO A 152 -38.27 39.60 13.57
N GLY A 153 -38.86 38.67 14.32
CA GLY A 153 -40.29 38.52 14.34
C GLY A 153 -40.91 39.60 15.22
N PRO A 154 -42.24 39.61 15.34
CA PRO A 154 -42.93 40.63 16.13
C PRO A 154 -42.71 40.42 17.62
N GLY A 155 -42.74 41.51 18.38
CA GLY A 155 -42.76 41.41 19.83
C GLY A 155 -41.39 41.38 20.48
N ARG A 156 -41.41 41.58 21.80
CA ARG A 156 -40.22 41.56 22.63
C ARG A 156 -40.52 40.72 23.87
N PRO A 157 -39.60 39.81 24.23
CA PRO A 157 -38.37 39.49 23.49
C PRO A 157 -38.69 38.82 22.16
N VAL A 158 -37.73 38.84 21.24
CA VAL A 158 -37.94 38.27 19.92
C VAL A 158 -37.99 36.75 20.02
N ASP A 159 -39.17 36.20 19.73
CA ASP A 159 -39.42 34.77 19.90
C ASP A 159 -39.44 34.03 18.57
N SER A 160 -39.48 34.77 17.46
CA SER A 160 -39.43 34.15 16.14
C SER A 160 -38.58 35.00 15.20
N VAL A 161 -38.19 34.41 14.07
CA VAL A 161 -37.55 35.19 13.02
C VAL A 161 -38.42 35.09 11.78
N LEU A 162 -38.23 36.04 10.87
CA LEU A 162 -38.99 36.05 9.64
C LEU A 162 -38.00 35.75 8.51
N VAL A 163 -38.33 34.78 7.67
CA VAL A 163 -37.42 34.38 6.60
C VAL A 163 -38.00 34.79 5.26
N ASP A 164 -37.33 35.73 4.58
CA ASP A 164 -37.77 36.21 3.28
C ASP A 164 -37.22 35.32 2.19
N VAL A 165 -38.12 34.81 1.36
CA VAL A 165 -37.80 33.81 0.36
C VAL A 165 -38.21 34.30 -1.02
N SER A 166 -37.28 34.27 -1.97
CA SER A 166 -37.60 34.59 -3.37
C SER A 166 -37.72 33.33 -4.19
N THR A 167 -38.85 33.18 -4.89
CA THR A 167 -39.05 32.09 -5.84
C THR A 167 -39.05 32.69 -7.25
N PRO A 168 -39.10 31.85 -8.30
CA PRO A 168 -39.19 32.48 -9.63
C PRO A 168 -40.54 33.16 -9.77
N GLU A 169 -41.55 32.56 -9.15
CA GLU A 169 -42.90 33.10 -9.11
C GLU A 169 -43.13 34.41 -8.35
N ALA A 170 -42.88 34.40 -7.06
CA ALA A 170 -43.14 35.55 -6.20
C ALA A 170 -42.08 35.63 -5.11
N THR A 171 -42.43 36.30 -4.01
CA THR A 171 -41.64 36.32 -2.81
C THR A 171 -42.60 36.02 -1.68
N ARG A 172 -42.08 35.54 -0.56
CA ARG A 172 -42.93 35.28 0.58
C ARG A 172 -42.11 35.31 1.85
N THR A 173 -42.80 35.21 2.98
CA THR A 173 -42.14 35.26 4.25
C THR A 173 -42.65 34.12 5.10
N VAL A 174 -41.74 33.39 5.71
CA VAL A 174 -42.15 32.35 6.63
C VAL A 174 -41.53 32.65 7.97
N GLU A 175 -42.15 32.11 9.02
CA GLU A 175 -41.78 32.44 10.37
C GLU A 175 -41.28 31.19 11.09
N ALA A 176 -40.31 31.36 12.00
CA ALA A 176 -39.66 30.22 12.61
C ALA A 176 -39.11 30.56 13.98
N ARG A 177 -39.17 29.60 14.89
CA ARG A 177 -38.61 29.75 16.22
C ARG A 177 -37.09 29.62 16.21
N ASN A 178 -36.57 28.89 15.24
CA ASN A 178 -35.13 28.67 15.13
C ASN A 178 -34.72 28.64 13.66
N ILE A 179 -33.48 28.99 13.40
CA ILE A 179 -33.00 28.93 12.03
C ILE A 179 -31.61 28.29 12.01
N VAL A 180 -31.36 27.49 10.98
CA VAL A 180 -30.05 26.87 10.79
C VAL A 180 -29.51 27.33 9.45
N ILE A 181 -28.40 28.05 9.52
CA ILE A 181 -27.80 28.63 8.32
C ILE A 181 -26.65 27.72 7.85
N SER A 182 -26.78 27.19 6.64
CA SER A 182 -25.81 26.25 6.10
C SER A 182 -25.69 26.52 4.60
N THR A 183 -25.14 27.68 4.26
CA THR A 183 -25.15 28.15 2.89
C THR A 183 -23.84 27.88 2.17
N GLY A 184 -22.88 27.24 2.85
CA GLY A 184 -21.71 26.75 2.16
C GLY A 184 -20.59 27.76 2.01
N LEU A 185 -19.48 27.32 1.44
CA LEU A 185 -18.31 28.18 1.25
C LEU A 185 -18.48 29.16 0.10
N VAL A 186 -17.70 30.21 0.06
CA VAL A 186 -17.77 31.15 -1.03
C VAL A 186 -16.46 31.18 -1.84
N PRO A 187 -16.54 30.96 -3.15
CA PRO A 187 -15.38 30.89 -4.03
C PRO A 187 -14.46 32.08 -3.82
N ARG A 188 -13.16 31.83 -3.67
CA ARG A 188 -12.17 32.89 -3.52
C ARG A 188 -11.24 32.87 -4.71
N MET A 189 -11.00 34.04 -5.30
CA MET A 189 -10.10 34.22 -6.45
C MET A 189 -8.83 34.89 -5.96
N PRO A 190 -7.72 34.75 -6.71
CA PRO A 190 -6.53 35.50 -6.32
C PRO A 190 -6.85 37.00 -6.35
N ALA A 191 -6.27 37.74 -5.42
CA ALA A 191 -6.39 39.20 -5.39
C ALA A 191 -6.01 39.77 -6.77
N GLY A 192 -6.92 40.54 -7.36
CA GLY A 192 -6.61 41.19 -8.62
C GLY A 192 -6.99 40.36 -9.83
N VAL A 193 -7.79 39.31 -9.59
CA VAL A 193 -8.22 38.44 -10.67
C VAL A 193 -9.72 38.19 -10.61
N GLN A 194 -10.41 38.42 -11.72
CA GLN A 194 -11.84 38.24 -11.73
C GLN A 194 -12.23 37.10 -12.67
N SER A 195 -13.31 36.41 -12.35
CA SER A 195 -13.76 35.31 -13.20
C SER A 195 -14.40 35.88 -14.46
N ASP A 196 -14.17 35.23 -15.59
CA ASP A 196 -14.62 35.72 -16.89
C ASP A 196 -14.81 34.51 -17.77
N GLU A 197 -14.90 34.73 -19.06
CA GLU A 197 -15.12 33.67 -19.99
C GLU A 197 -13.95 32.71 -20.05
N PHE A 198 -12.76 33.22 -19.75
CA PHE A 198 -11.52 32.46 -19.88
C PHE A 198 -10.75 32.37 -18.58
N VAL A 199 -11.33 32.94 -17.52
CA VAL A 199 -10.80 32.82 -16.18
C VAL A 199 -11.86 32.20 -15.26
N TRP A 200 -11.64 30.95 -14.85
CA TRP A 200 -12.65 30.18 -14.13
C TRP A 200 -12.18 29.92 -12.72
N HIS A 201 -13.12 29.91 -11.77
CA HIS A 201 -12.81 29.33 -10.48
C HIS A 201 -12.99 27.82 -10.61
N SER A 202 -12.21 27.06 -9.83
CA SER A 202 -12.28 25.60 -9.94
C SER A 202 -13.69 25.06 -9.66
N SER A 203 -14.48 25.76 -8.84
CA SER A 203 -15.82 25.31 -8.50
C SER A 203 -16.71 25.21 -9.72
N ARG A 204 -16.42 25.96 -10.77
CA ARG A 204 -17.16 25.85 -12.01
C ARG A 204 -16.39 25.15 -13.14
N PHE A 205 -15.34 24.45 -12.82
CA PHE A 205 -14.50 23.85 -13.86
C PHE A 205 -15.25 22.98 -14.89
N LEU A 206 -16.01 22.00 -14.44
CA LEU A 206 -16.73 21.16 -15.38
C LEU A 206 -17.88 21.89 -16.09
N ASP A 207 -18.46 22.88 -15.41
CA ASP A 207 -19.54 23.64 -16.02
C ASP A 207 -19.02 24.33 -17.28
N HIS A 208 -17.85 24.96 -17.16
CA HIS A 208 -17.25 25.63 -18.34
C HIS A 208 -16.64 24.64 -19.31
N PHE A 209 -15.93 23.64 -18.77
CA PHE A 209 -15.21 22.68 -19.60
C PHE A 209 -16.10 21.91 -20.58
N ARG A 210 -17.30 21.54 -20.14
CA ARG A 210 -18.22 20.79 -20.97
C ARG A 210 -18.70 21.61 -22.17
N ASP A 211 -18.89 22.91 -21.95
CA ASP A 211 -19.35 23.81 -22.98
C ASP A 211 -18.18 24.37 -23.78
N ARG A 212 -17.18 23.52 -24.07
CA ARG A 212 -15.99 23.96 -24.77
C ARG A 212 -15.40 23.02 -25.76
N ASP A 213 -14.80 23.62 -26.77
CA ASP A 213 -14.24 22.94 -27.93
C ASP A 213 -12.94 22.26 -27.59
N PRO A 214 -12.95 20.88 -27.84
CA PRO A 214 -11.71 20.19 -27.44
C PRO A 214 -10.40 20.79 -27.85
N ARG A 215 -10.39 21.40 -29.02
CA ARG A 215 -9.16 21.98 -29.50
C ARG A 215 -9.20 23.45 -29.36
N SER A 216 -10.07 23.92 -28.49
CA SER A 216 -10.01 25.28 -28.08
C SER A 216 -9.02 25.36 -26.95
N LEU A 217 -8.98 24.29 -26.15
CA LEU A 217 -8.21 24.28 -24.91
C LEU A 217 -6.94 23.45 -25.05
N ARG A 218 -5.97 24.02 -25.76
CA ARG A 218 -4.69 23.36 -25.96
C ARG A 218 -3.67 23.81 -24.90
N ARG A 219 -3.91 24.97 -24.31
CA ARG A 219 -3.02 25.48 -23.27
C ARG A 219 -3.83 25.95 -22.07
N VAL A 220 -3.63 25.29 -20.92
CA VAL A 220 -4.38 25.64 -19.71
C VAL A 220 -3.44 25.92 -18.55
N ALA A 221 -3.70 27.00 -17.84
CA ALA A 221 -2.99 27.27 -16.59
C ALA A 221 -3.93 26.97 -15.43
N VAL A 222 -3.39 26.31 -14.39
CA VAL A 222 -4.16 25.96 -13.19
C VAL A 222 -3.40 26.51 -12.00
N ALA A 223 -3.98 27.50 -11.32
CA ALA A 223 -3.32 28.10 -10.17
C ALA A 223 -3.82 27.44 -8.88
N GLY A 224 -2.89 27.15 -7.97
CA GLY A 224 -3.27 26.63 -6.67
C GLY A 224 -2.37 25.46 -6.32
N GLY A 225 -2.29 25.14 -5.02
CA GLY A 225 -1.42 24.05 -4.62
C GLY A 225 -2.17 22.89 -3.97
N GLY A 226 -3.49 22.95 -3.99
CA GLY A 226 -4.31 22.02 -3.22
C GLY A 226 -4.96 20.91 -4.03
N GLN A 227 -5.86 20.17 -3.40
CA GLN A 227 -6.46 18.99 -3.99
C GLN A 227 -7.13 19.29 -5.33
N SER A 228 -7.94 20.34 -5.39
CA SER A 228 -8.72 20.62 -6.59
C SER A 228 -7.75 20.96 -7.75
N ALA A 229 -6.69 21.71 -7.44
CA ALA A 229 -5.68 22.04 -8.43
C ALA A 229 -5.08 20.79 -9.05
N ALA A 230 -4.62 19.88 -8.21
CA ALA A 230 -3.96 18.68 -8.70
C ALA A 230 -4.93 17.79 -9.47
N GLU A 231 -6.15 17.65 -8.96
CA GLU A 231 -7.16 16.85 -9.66
C GLU A 231 -7.44 17.38 -11.06
N ILE A 232 -7.52 18.70 -11.16
CA ILE A 232 -7.82 19.31 -12.46
C ILE A 232 -6.63 19.10 -13.41
N VAL A 233 -5.41 19.31 -12.92
CA VAL A 233 -4.23 19.10 -13.78
C VAL A 233 -4.23 17.66 -14.28
N ARG A 234 -4.48 16.74 -13.35
CA ARG A 234 -4.53 15.31 -13.69
C ARG A 234 -5.59 15.04 -14.75
N PHE A 235 -6.80 15.53 -14.51
CA PHE A 235 -7.90 15.35 -15.45
C PHE A 235 -7.52 15.87 -16.84
N LEU A 236 -6.92 17.05 -16.89
CA LEU A 236 -6.57 17.64 -18.18
C LEU A 236 -5.55 16.75 -18.90
N HIS A 237 -4.55 16.30 -18.15
CA HIS A 237 -3.50 15.48 -18.74
C HIS A 237 -4.11 14.21 -19.32
N ASP A 238 -5.02 13.61 -18.56
CA ASP A 238 -5.62 12.32 -18.92
C ASP A 238 -6.65 12.44 -20.05
N ASN A 239 -7.33 13.58 -20.13
CA ASN A 239 -8.48 13.77 -21.03
C ASN A 239 -8.11 14.09 -22.48
N ARG A 240 -7.01 14.81 -22.70
CA ARG A 240 -6.49 14.98 -24.06
C ARG A 240 -4.98 14.85 -24.08
N PRO A 241 -4.43 14.09 -25.01
CA PRO A 241 -3.01 13.85 -24.99
C PRO A 241 -2.19 15.00 -25.51
N ASP A 242 -2.79 16.02 -26.09
CA ASP A 242 -2.01 17.09 -26.63
C ASP A 242 -2.02 18.38 -25.79
N THR A 243 -2.83 18.43 -24.74
CA THR A 243 -2.98 19.62 -23.93
C THR A 243 -1.74 19.94 -23.14
N VAL A 244 -1.33 21.20 -23.12
CA VAL A 244 -0.20 21.62 -22.30
C VAL A 244 -0.76 22.28 -21.04
N VAL A 245 -0.27 21.86 -19.88
CA VAL A 245 -0.84 22.34 -18.61
C VAL A 245 0.26 22.96 -17.77
N HIS A 246 0.01 24.20 -17.32
CA HIS A 246 0.92 24.89 -16.40
C HIS A 246 0.29 24.88 -15.02
N ALA A 247 0.95 24.20 -14.08
CA ALA A 247 0.45 24.12 -12.72
C ALA A 247 1.25 25.11 -11.91
N ILE A 248 0.58 26.20 -11.50
CA ILE A 248 1.27 27.28 -10.82
C ILE A 248 0.97 27.28 -9.34
N MET A 249 1.99 27.03 -8.54
CA MET A 249 1.77 26.85 -7.10
C MET A 249 2.81 27.58 -6.27
N PRO A 250 2.41 28.00 -5.05
CA PRO A 250 3.33 28.74 -4.18
C PRO A 250 4.41 27.86 -3.57
N SER A 251 4.14 26.55 -3.45
CA SER A 251 5.11 25.64 -2.87
C SER A 251 6.10 25.13 -3.93
N TYR A 252 7.10 24.39 -3.49
CA TYR A 252 8.05 23.79 -4.41
C TYR A 252 7.54 22.38 -4.61
N GLY A 253 6.56 22.21 -5.50
CA GLY A 253 5.91 20.92 -5.66
C GLY A 253 4.71 20.76 -4.72
N TYR A 254 3.73 19.98 -5.17
CA TYR A 254 2.57 19.60 -4.36
C TYR A 254 3.00 19.03 -3.01
N VAL A 255 2.29 19.43 -1.96
CA VAL A 255 2.51 18.93 -0.60
C VAL A 255 1.44 17.89 -0.27
N VAL A 256 1.83 16.77 0.34
CA VAL A 256 0.91 15.67 0.57
C VAL A 256 -0.10 15.99 1.68
N ALA A 257 -1.32 15.48 1.54
CA ALA A 257 -2.34 15.55 2.58
C ALA A 257 -2.10 14.48 3.65
N ASP A 258 -2.22 14.86 4.91
CA ASP A 258 -2.06 13.92 6.03
C ASP A 258 -3.39 13.21 6.24
N ASN A 259 -3.45 11.92 5.91
CA ASN A 259 -4.66 11.14 6.13
C ASN A 259 -4.42 9.97 7.09
N THR A 260 -3.44 10.11 7.98
CA THR A 260 -3.10 9.07 8.96
C THR A 260 -4.15 9.09 10.06
N PRO A 261 -4.19 8.02 10.88
CA PRO A 261 -5.33 7.94 11.83
C PRO A 261 -5.32 9.04 12.90
N PHE A 262 -4.16 9.42 13.41
CA PHE A 262 -4.14 10.50 14.40
C PHE A 262 -4.67 11.80 13.78
N ALA A 263 -4.40 12.00 12.50
CA ALA A 263 -4.89 13.15 11.76
C ALA A 263 -6.40 13.12 11.57
N ASN A 264 -6.94 11.96 11.21
CA ASN A 264 -8.39 11.85 11.05
C ASN A 264 -9.09 12.18 12.39
N GLN A 265 -8.43 11.96 13.50
CA GLN A 265 -9.00 12.22 14.83
C GLN A 265 -9.38 13.68 15.08
N ILE A 266 -8.63 14.62 14.53
CA ILE A 266 -8.97 16.01 14.79
C ILE A 266 -10.34 16.34 14.20
N PHE A 267 -10.88 15.46 13.36
CA PHE A 267 -12.22 15.67 12.81
C PHE A 267 -13.32 14.88 13.55
N ASP A 268 -12.93 14.17 14.60
CA ASP A 268 -13.88 13.51 15.49
C ASP A 268 -14.58 14.54 16.38
N PRO A 269 -15.80 14.22 16.82
CA PRO A 269 -16.52 15.07 17.78
C PRO A 269 -15.71 15.36 19.04
N ALA A 270 -14.99 14.36 19.55
CA ALA A 270 -14.18 14.54 20.75
C ALA A 270 -13.13 15.62 20.54
N ALA A 271 -12.64 15.74 19.32
CA ALA A 271 -11.64 16.76 19.02
C ALA A 271 -12.26 18.14 18.85
N VAL A 272 -13.55 18.16 18.49
CA VAL A 272 -14.27 19.41 18.47
C VAL A 272 -14.33 19.98 19.89
N ASP A 273 -14.64 19.13 20.86
CA ASP A 273 -14.61 19.51 22.26
C ASP A 273 -13.25 20.09 22.65
N ASP A 274 -12.18 19.38 22.31
CA ASP A 274 -10.84 19.84 22.70
C ASP A 274 -10.54 21.19 22.10
N TYR A 275 -10.97 21.40 20.87
CA TYR A 275 -10.72 22.67 20.21
C TYR A 275 -11.63 23.75 20.82
N PHE A 276 -12.90 23.43 21.00
CA PHE A 276 -13.84 24.39 21.55
C PHE A 276 -13.37 24.88 22.93
N ASP A 277 -13.12 23.95 23.85
CA ASP A 277 -12.73 24.26 25.22
C ASP A 277 -11.31 24.80 25.31
N GLY A 278 -10.58 24.75 24.21
CA GLY A 278 -9.16 25.06 24.25
C GLY A 278 -8.86 26.55 24.28
N SER A 279 -7.72 26.92 24.85
CA SER A 279 -7.28 28.30 24.84
C SER A 279 -7.03 28.74 23.41
N LYS A 280 -6.83 30.02 23.20
CA LYS A 280 -6.52 30.51 21.88
C LYS A 280 -5.21 29.99 21.41
N GLN A 281 -4.30 29.82 22.32
CA GLN A 281 -3.04 29.29 21.98
C GLN A 281 -3.24 27.96 21.30
N ALA A 282 -4.01 27.11 21.96
CA ALA A 282 -4.30 25.79 21.48
C ALA A 282 -4.98 25.81 20.12
N LYS A 283 -6.07 26.55 19.99
CA LYS A 283 -6.72 26.67 18.71
C LYS A 283 -5.72 27.04 17.63
N ASP A 284 -4.80 27.92 17.94
CA ASP A 284 -3.78 28.29 16.96
C ASP A 284 -2.93 27.08 16.58
N ALA A 285 -2.65 26.23 17.57
CA ALA A 285 -1.80 25.05 17.36
C ALA A 285 -2.45 24.07 16.40
N PHE A 286 -3.77 23.87 16.55
CA PHE A 286 -4.52 23.02 15.62
C PHE A 286 -4.27 23.43 14.17
N TRP A 287 -4.52 24.71 13.89
CA TRP A 287 -4.37 25.22 12.53
C TRP A 287 -2.91 25.18 12.10
N ARG A 288 -2.01 25.46 13.03
CA ARG A 288 -0.58 25.46 12.73
C ARG A 288 -0.06 24.07 12.37
N TYR A 289 -0.19 23.13 13.30
CA TYR A 289 0.31 21.77 13.09
C TYR A 289 -0.49 20.95 12.11
N HIS A 290 -1.76 21.28 11.93
CA HIS A 290 -2.64 20.37 11.19
C HIS A 290 -3.39 21.01 10.03
N ARG A 291 -2.79 22.04 9.45
CA ARG A 291 -3.38 22.69 8.27
C ARG A 291 -3.26 21.82 7.02
N ASN A 292 -2.30 20.90 7.06
CA ASN A 292 -1.97 20.02 5.93
C ASN A 292 -2.84 18.78 5.84
N THR A 293 -4.17 18.94 5.92
CA THR A 293 -5.07 17.77 6.08
C THR A 293 -6.02 17.39 4.93
N ASN A 294 -6.50 18.39 4.22
CA ASN A 294 -7.44 18.16 3.11
C ASN A 294 -7.23 19.11 1.94
N TYR A 295 -8.02 20.19 1.84
CA TYR A 295 -8.13 20.92 0.57
C TYR A 295 -6.93 21.77 0.19
N SER A 296 -6.12 22.14 1.18
CA SER A 296 -4.96 22.98 0.88
C SER A 296 -3.80 22.08 0.42
N VAL A 297 -3.97 20.77 0.47
CA VAL A 297 -2.89 19.85 0.16
C VAL A 297 -3.43 18.75 -0.75
N VAL A 298 -2.59 17.78 -1.11
CA VAL A 298 -2.96 16.83 -2.16
C VAL A 298 -2.75 15.39 -1.71
N ASP A 299 -3.74 14.55 -1.96
CA ASP A 299 -3.66 13.18 -1.52
C ASP A 299 -2.52 12.44 -2.25
N ASP A 300 -1.90 11.50 -1.53
CA ASP A 300 -0.73 10.77 -2.00
C ASP A 300 -0.94 10.12 -3.37
N GLU A 301 -2.14 9.59 -3.61
CA GLU A 301 -2.44 8.88 -4.88
C GLU A 301 -2.39 9.85 -6.05
N VAL A 302 -2.92 11.05 -5.86
CA VAL A 302 -3.01 12.02 -6.95
C VAL A 302 -1.61 12.53 -7.25
N ILE A 303 -0.84 12.79 -6.19
CA ILE A 303 0.53 13.23 -6.37
C ILE A 303 1.38 12.20 -7.15
N ARG A 304 1.28 10.94 -6.78
CA ARG A 304 2.07 9.91 -7.46
C ARG A 304 1.64 9.72 -8.90
N ASP A 305 0.33 9.80 -9.15
CA ASP A 305 -0.13 9.71 -10.52
C ASP A 305 0.41 10.83 -11.40
N LEU A 306 0.40 12.06 -10.90
CA LEU A 306 0.96 13.17 -11.66
C LEU A 306 2.45 13.00 -11.90
N TYR A 307 3.17 12.56 -10.88
CA TYR A 307 4.61 12.43 -11.02
C TYR A 307 4.91 11.35 -12.05
N ARG A 308 4.14 10.26 -12.00
CA ARG A 308 4.27 9.15 -12.97
C ARG A 308 3.98 9.63 -14.39
N ARG A 309 2.93 10.42 -14.54
CA ARG A 309 2.57 11.01 -15.83
C ARG A 309 3.68 11.88 -16.38
N GLY A 310 4.28 12.71 -15.52
CA GLY A 310 5.40 13.54 -15.94
C GLY A 310 6.60 12.70 -16.33
N TYR A 311 6.88 11.69 -15.52
CA TYR A 311 8.02 10.83 -15.82
C TYR A 311 7.84 10.12 -17.17
N ASP A 312 6.68 9.52 -17.39
CA ASP A 312 6.46 8.80 -18.64
C ASP A 312 6.51 9.73 -19.84
N ASP A 313 5.98 10.94 -19.70
CA ASP A 313 6.07 11.93 -20.77
C ASP A 313 7.55 12.21 -21.11
N GLU A 314 8.40 12.28 -20.10
CA GLU A 314 9.81 12.59 -20.30
C GLU A 314 10.49 11.45 -21.04
N VAL A 315 10.21 10.22 -20.61
CA VAL A 315 10.67 9.04 -21.34
C VAL A 315 10.25 9.09 -22.80
N ALA A 316 9.02 9.51 -23.05
CA ALA A 316 8.50 9.56 -24.42
C ALA A 316 9.01 10.78 -25.17
N GLY A 317 9.72 11.67 -24.48
CA GLY A 317 10.19 12.91 -25.07
C GLY A 317 9.07 13.84 -25.52
N ALA A 318 7.96 13.82 -24.77
CA ALA A 318 6.81 14.67 -25.09
C ALA A 318 6.27 15.39 -23.83
N PRO A 319 7.06 16.31 -23.26
CA PRO A 319 6.63 16.96 -22.02
C PRO A 319 5.39 17.84 -22.23
N ARG A 320 4.44 17.76 -21.30
CA ARG A 320 3.17 18.49 -21.37
C ARG A 320 2.87 19.22 -20.07
N LEU A 321 3.33 18.65 -18.96
CA LEU A 321 3.05 19.21 -17.63
C LEU A 321 4.18 20.14 -17.21
N ASN A 322 3.86 21.41 -17.07
CA ASN A 322 4.83 22.40 -16.62
C ASN A 322 4.54 22.77 -15.17
N PHE A 323 5.37 22.31 -14.24
CA PHE A 323 5.18 22.67 -12.85
C PHE A 323 5.93 23.95 -12.55
N VAL A 324 5.17 25.01 -12.32
CA VAL A 324 5.73 26.32 -12.01
C VAL A 324 5.73 26.51 -10.51
N ASN A 325 6.87 26.21 -9.88
CA ASN A 325 7.00 26.23 -8.42
C ASN A 325 7.22 27.63 -7.86
N LEU A 326 6.89 27.81 -6.58
CA LEU A 326 7.24 29.03 -5.86
C LEU A 326 6.71 30.26 -6.60
N ALA A 327 5.46 30.18 -7.05
CA ALA A 327 4.89 31.22 -7.90
C ALA A 327 3.42 31.48 -7.59
N HIS A 328 2.96 32.69 -7.91
CA HIS A 328 1.58 33.09 -7.71
C HIS A 328 1.03 33.77 -8.95
N VAL A 329 -0.25 33.57 -9.22
CA VAL A 329 -0.91 34.34 -10.27
C VAL A 329 -1.33 35.67 -9.66
N VAL A 330 -0.92 36.78 -10.28
CA VAL A 330 -1.25 38.11 -9.77
C VAL A 330 -2.12 38.95 -10.73
N GLY A 331 -2.43 38.43 -11.91
CA GLY A 331 -3.31 39.15 -12.81
C GLY A 331 -3.66 38.29 -14.01
N ALA A 332 -4.78 38.61 -14.67
CA ALA A 332 -5.15 37.96 -15.93
C ALA A 332 -5.89 38.93 -16.86
N LYS A 333 -5.56 38.90 -18.15
CA LYS A 333 -6.19 39.79 -19.11
C LYS A 333 -6.39 39.01 -20.41
N ARG A 334 -7.47 39.32 -21.11
CA ARG A 334 -7.72 38.69 -22.41
C ARG A 334 -7.17 39.54 -23.55
N ILE A 335 -6.27 38.94 -24.34
CA ILE A 335 -5.65 39.66 -25.45
C ILE A 335 -5.75 38.83 -26.71
N ALA A 336 -6.62 39.26 -27.62
CA ALA A 336 -6.91 38.51 -28.84
C ALA A 336 -7.39 37.13 -28.44
N ASP A 337 -6.81 36.10 -29.06
CA ASP A 337 -7.19 34.72 -28.79
C ASP A 337 -6.45 34.13 -27.58
N ASP A 338 -6.02 34.98 -26.67
CA ASP A 338 -5.36 34.42 -25.52
C ASP A 338 -5.70 35.04 -24.22
N THR A 339 -5.52 34.25 -23.22
CA THR A 339 -5.59 34.76 -21.86
C THR A 339 -4.19 34.96 -21.33
N ARG A 340 -3.85 36.20 -21.00
CA ARG A 340 -2.51 36.53 -20.56
C ARG A 340 -2.44 36.54 -19.03
N VAL A 341 -1.77 35.55 -18.47
CA VAL A 341 -1.69 35.39 -17.04
C VAL A 341 -0.39 36.00 -16.55
N THR A 342 -0.50 36.87 -15.56
CA THR A 342 0.71 37.44 -14.98
C THR A 342 1.11 36.63 -13.76
N VAL A 343 2.32 36.08 -13.81
CA VAL A 343 2.80 35.17 -12.79
C VAL A 343 3.93 35.84 -12.05
N TYR A 344 3.89 35.79 -10.72
CA TYR A 344 5.00 36.28 -9.92
C TYR A 344 5.88 35.13 -9.44
N SER A 345 7.16 35.16 -9.82
CA SER A 345 8.15 34.16 -9.39
C SER A 345 8.80 34.59 -8.09
N MET A 346 8.58 33.82 -7.03
CA MET A 346 9.17 34.18 -5.74
C MET A 346 10.69 34.08 -5.75
N ALA A 347 11.21 33.15 -6.54
CA ALA A 347 12.63 32.87 -6.56
C ALA A 347 13.36 34.07 -7.16
N ARG A 348 12.81 34.55 -8.28
CA ARG A 348 13.44 35.59 -9.07
C ARG A 348 12.92 36.99 -8.68
N GLU A 349 11.90 37.02 -7.82
CA GLU A 349 11.28 38.28 -7.41
C GLU A 349 10.93 39.18 -8.60
N GLU A 350 10.25 38.62 -9.56
CA GLU A 350 9.87 39.34 -10.71
C GLU A 350 8.60 38.71 -11.22
N SER A 351 7.88 39.44 -12.03
CA SER A 351 6.71 38.85 -12.66
C SER A 351 6.88 38.76 -14.15
N TYR A 352 6.11 37.87 -14.77
CA TYR A 352 6.19 37.67 -16.21
C TYR A 352 4.84 37.19 -16.73
N ASP A 353 4.62 37.33 -18.03
CA ASP A 353 3.35 36.90 -18.60
C ASP A 353 3.39 35.50 -19.21
N LEU A 354 2.25 34.81 -19.14
CA LEU A 354 2.10 33.48 -19.69
C LEU A 354 0.81 33.48 -20.48
N ASP A 355 0.89 33.27 -21.80
CA ASP A 355 -0.32 33.15 -22.63
C ASP A 355 -0.90 31.74 -22.66
N VAL A 356 -2.18 31.62 -22.30
CA VAL A 356 -2.89 30.34 -22.34
C VAL A 356 -4.29 30.52 -22.92
N ASP A 357 -5.01 29.42 -23.15
CA ASP A 357 -6.39 29.56 -23.60
C ASP A 357 -7.31 29.87 -22.41
N VAL A 358 -7.05 29.22 -21.29
CA VAL A 358 -7.91 29.36 -20.11
C VAL A 358 -7.07 29.29 -18.85
N LEU A 359 -7.40 30.14 -17.88
CA LEU A 359 -6.80 30.12 -16.57
C LEU A 359 -7.85 29.57 -15.61
N VAL A 360 -7.51 28.51 -14.90
CA VAL A 360 -8.40 27.99 -13.85
C VAL A 360 -7.81 28.31 -12.48
N CYS A 361 -8.59 28.97 -11.63
CA CYS A 361 -8.10 29.29 -10.30
C CYS A 361 -8.67 28.31 -9.30
N ALA A 362 -7.85 27.34 -8.90
CA ALA A 362 -8.24 26.40 -7.86
C ALA A 362 -7.68 26.99 -6.58
N THR A 363 -8.22 28.14 -6.18
CA THR A 363 -7.64 28.96 -5.12
C THR A 363 -8.53 28.96 -3.89
N GLY A 364 -9.42 28.00 -3.80
CA GLY A 364 -10.10 27.77 -2.55
C GLY A 364 -11.31 28.65 -2.31
N TYR A 365 -11.61 28.89 -1.03
CA TYR A 365 -12.86 29.52 -0.64
C TYR A 365 -12.69 30.41 0.59
N ASP A 366 -13.64 31.32 0.77
CA ASP A 366 -13.80 31.98 2.05
C ASP A 366 -14.91 31.27 2.80
N PRO A 367 -14.87 31.31 4.14
CA PRO A 367 -15.84 30.56 4.92
C PRO A 367 -17.25 31.14 4.79
N MET A 368 -18.24 30.34 5.17
CA MET A 368 -19.61 30.82 5.29
C MET A 368 -19.66 32.01 6.25
N ASP A 369 -20.38 33.02 5.86
CA ASP A 369 -20.60 34.21 6.67
C ASP A 369 -22.00 34.30 7.21
N PRO A 370 -22.09 33.92 8.54
CA PRO A 370 -23.46 34.00 9.09
C PRO A 370 -24.08 35.35 9.06
N GLY A 371 -23.25 36.38 9.06
CA GLY A 371 -23.75 37.71 9.04
C GLY A 371 -24.36 38.12 7.74
N ASP A 372 -24.19 37.34 6.70
CA ASP A 372 -24.60 37.77 5.39
C ASP A 372 -26.09 38.11 5.27
N LEU A 373 -26.88 37.23 5.87
CA LEU A 373 -28.31 37.18 5.75
C LEU A 373 -28.97 37.88 6.93
N LEU A 374 -28.16 38.24 7.89
CA LEU A 374 -28.58 38.85 9.12
C LEU A 374 -28.38 40.36 9.03
N GLY A 375 -29.42 41.12 9.32
CA GLY A 375 -29.36 42.57 9.32
C GLY A 375 -29.50 43.08 10.71
N GLU A 376 -30.68 43.55 11.05
CA GLU A 376 -30.97 43.96 12.40
C GLU A 376 -30.62 42.89 13.42
N LEU A 377 -30.90 41.61 13.12
CA LEU A 377 -30.62 40.54 14.04
C LEU A 377 -29.18 40.46 14.46
N ALA A 378 -28.27 40.91 13.61
CA ALA A 378 -26.85 40.89 13.95
C ALA A 378 -26.57 41.71 15.19
N GLU A 379 -27.39 42.75 15.39
CA GLU A 379 -27.17 43.69 16.48
C GLU A 379 -27.42 43.00 17.80
N HIS A 380 -28.16 41.90 17.77
CA HIS A 380 -28.41 41.13 18.99
C HIS A 380 -27.53 39.89 19.09
N CYS A 381 -26.58 39.77 18.16
CA CYS A 381 -25.61 38.67 18.20
C CYS A 381 -24.29 39.16 18.78
N VAL A 382 -23.80 38.41 19.77
CA VAL A 382 -22.62 38.86 20.50
C VAL A 382 -21.32 38.52 19.80
N GLN A 383 -20.46 39.52 19.60
CA GLN A 383 -19.14 39.25 19.05
C GLN A 383 -18.06 39.17 20.14
N ASP A 384 -16.91 38.67 19.77
CA ASP A 384 -15.83 38.63 20.71
C ASP A 384 -14.95 39.85 20.49
N ALA A 385 -13.73 39.83 21.00
CA ALA A 385 -12.87 41.01 20.95
C ALA A 385 -12.02 41.16 19.70
N GLU A 386 -12.09 40.18 18.81
CA GLU A 386 -11.56 40.33 17.48
C GLU A 386 -12.68 40.58 16.46
N GLY A 387 -13.92 40.71 16.94
CA GLY A 387 -15.03 40.96 16.05
C GLY A 387 -15.75 39.76 15.47
N ARG A 388 -15.45 38.58 15.97
CA ARG A 388 -16.03 37.35 15.46
C ARG A 388 -17.25 36.90 16.26
N TRP A 389 -18.22 36.27 15.62
CA TRP A 389 -19.43 35.84 16.33
C TRP A 389 -19.08 34.86 17.42
N GLN A 390 -19.71 35.03 18.58
CA GLN A 390 -19.58 34.01 19.62
C GLN A 390 -20.60 32.92 19.32
N VAL A 391 -20.16 31.67 19.49
CA VAL A 391 -21.03 30.52 19.23
C VAL A 391 -20.87 29.52 20.38
N ASP A 392 -21.99 29.04 20.90
CA ASP A 392 -21.98 27.99 21.92
C ASP A 392 -21.53 26.66 21.33
N ARG A 393 -21.26 25.69 22.20
CA ARG A 393 -20.82 24.38 21.78
C ARG A 393 -21.82 23.70 20.84
N ASP A 394 -23.11 23.89 21.13
CA ASP A 394 -24.15 23.28 20.31
C ASP A 394 -24.41 24.03 19.00
N TYR A 395 -23.44 24.84 18.56
CA TYR A 395 -23.51 25.57 17.28
C TYR A 395 -24.53 26.73 17.27
N ARG A 396 -25.04 27.08 18.44
CA ARG A 396 -25.98 28.19 18.58
C ARG A 396 -25.22 29.51 18.73
N MET A 397 -25.59 30.50 17.94
CA MET A 397 -24.98 31.83 18.08
C MET A 397 -25.36 32.40 19.45
N VAL A 398 -24.38 32.98 20.14
CA VAL A 398 -24.65 33.68 21.39
C VAL A 398 -25.36 35.01 21.13
N THR A 399 -26.50 35.20 21.80
CA THR A 399 -27.31 36.40 21.62
C THR A 399 -27.58 37.13 22.94
N THR A 400 -27.94 38.39 22.82
CA THR A 400 -28.35 39.14 23.97
C THR A 400 -29.65 38.54 24.41
N PRO A 401 -29.98 38.76 25.76
CA PRO A 401 -31.31 38.23 26.11
C PRO A 401 -32.44 38.88 25.35
N ASP A 402 -32.15 39.82 24.47
CA ASP A 402 -33.20 40.46 23.71
C ASP A 402 -33.72 39.53 22.62
N LEU A 403 -33.02 38.43 22.41
CA LEU A 403 -33.29 37.55 21.30
C LEU A 403 -33.44 36.18 21.91
N ARG A 404 -34.53 35.50 21.64
CA ARG A 404 -34.69 34.16 22.21
C ARG A 404 -34.65 33.04 21.16
N CYS A 405 -34.73 33.40 19.88
CA CYS A 405 -34.61 32.43 18.79
C CYS A 405 -33.23 31.82 18.72
N GLY A 406 -33.20 30.55 18.33
CA GLY A 406 -31.95 29.89 18.02
C GLY A 406 -31.52 30.19 16.59
N ILE A 407 -30.31 30.71 16.47
CA ILE A 407 -29.66 30.80 15.17
C ILE A 407 -28.46 29.86 15.22
N TYR A 408 -28.57 28.76 14.50
CA TYR A 408 -27.52 27.74 14.51
C TYR A 408 -26.71 27.79 13.23
N LEU A 409 -25.42 27.50 13.34
CA LEU A 409 -24.50 27.56 12.19
C LEU A 409 -23.89 26.19 11.81
N GLN A 410 -24.14 25.76 10.58
CA GLN A 410 -23.40 24.63 10.01
C GLN A 410 -22.49 25.20 8.93
N GLY A 411 -21.24 25.42 9.30
CA GLY A 411 -20.33 26.26 8.54
C GLY A 411 -20.13 27.54 9.34
N GLY A 412 -19.10 28.32 9.01
CA GLY A 412 -18.86 29.60 9.69
C GLY A 412 -18.35 29.50 11.12
N THR A 413 -17.97 28.31 11.56
CA THR A 413 -17.58 28.09 12.95
C THR A 413 -16.11 27.72 13.09
N GLU A 414 -15.31 28.06 12.07
CA GLU A 414 -13.89 27.75 12.08
C GLU A 414 -13.18 28.28 13.32
N HIS A 415 -13.54 29.48 13.74
CA HIS A 415 -12.90 30.09 14.93
C HIS A 415 -13.35 29.41 16.23
N THR A 416 -14.62 28.96 16.30
CA THR A 416 -15.12 28.41 17.55
C THR A 416 -15.01 26.89 17.64
N HIS A 417 -15.29 26.21 16.53
CA HIS A 417 -15.38 24.75 16.56
C HIS A 417 -14.24 24.03 15.81
N GLY A 418 -13.55 24.77 14.95
CA GLY A 418 -12.33 24.26 14.35
C GLY A 418 -12.42 23.72 12.92
N LEU A 419 -11.42 22.92 12.58
CA LEU A 419 -11.16 22.52 11.19
C LEU A 419 -12.30 21.74 10.54
N SER A 420 -13.19 21.16 11.36
CA SER A 420 -14.25 20.32 10.84
C SER A 420 -15.41 21.13 10.31
N SER A 421 -15.37 22.46 10.53
CA SER A 421 -16.54 23.31 10.32
C SER A 421 -17.19 23.26 8.94
N SER A 422 -16.39 23.17 7.90
CA SER A 422 -16.93 23.20 6.54
C SER A 422 -16.86 21.82 5.84
N LEU A 423 -16.41 20.80 6.56
CA LEU A 423 -16.23 19.46 5.99
C LEU A 423 -17.42 18.53 6.22
N LEU A 424 -17.33 17.30 5.70
CA LEU A 424 -18.42 16.34 5.91
C LEU A 424 -17.98 15.26 6.89
N SER A 425 -17.03 15.59 7.74
CA SER A 425 -16.45 14.61 8.65
C SER A 425 -17.33 14.38 9.88
N ASN A 426 -18.23 15.32 10.18
CA ASN A 426 -18.97 15.24 11.43
C ASN A 426 -20.45 15.56 11.30
N LEU A 427 -21.05 15.12 10.19
CA LEU A 427 -22.44 15.51 9.89
C LEU A 427 -23.44 14.91 10.86
N ALA A 428 -23.21 13.66 11.25
CA ALA A 428 -24.21 12.96 12.05
C ALA A 428 -24.36 13.62 13.44
N THR A 429 -23.24 13.93 14.07
CA THR A 429 -23.20 14.41 15.43
C THR A 429 -23.52 15.90 15.50
N ARG A 430 -22.97 16.71 14.58
CA ARG A 430 -23.35 18.11 14.56
C ARG A 430 -24.86 18.28 14.36
N SER A 431 -25.43 17.59 13.37
CA SER A 431 -26.87 17.70 13.15
C SER A 431 -27.70 17.21 14.38
N GLY A 432 -27.29 16.07 14.94
CA GLY A 432 -27.94 15.56 16.14
C GLY A 432 -27.88 16.54 17.32
N GLU A 433 -26.72 17.15 17.53
CA GLU A 433 -26.51 18.17 18.56
C GLU A 433 -27.49 19.31 18.40
N ILE A 434 -27.59 19.80 17.19
CA ILE A 434 -28.46 20.91 16.88
C ILE A 434 -29.93 20.57 17.12
N VAL A 435 -30.37 19.41 16.64
CA VAL A 435 -31.73 18.97 16.89
C VAL A 435 -31.98 18.82 18.39
N SER A 436 -31.04 18.22 19.11
CA SER A 436 -31.21 18.07 20.54
C SER A 436 -31.33 19.44 21.24
N SER A 437 -30.54 20.42 20.79
CA SER A 437 -30.57 21.75 21.39
C SER A 437 -31.92 22.39 21.15
N ILE A 438 -32.42 22.25 19.94
CA ILE A 438 -33.72 22.79 19.60
C ILE A 438 -34.83 22.17 20.48
N GLU A 439 -34.83 20.86 20.63
CA GLU A 439 -35.85 20.24 21.46
C GLU A 439 -35.71 20.67 22.91
N ARG A 440 -34.49 20.67 23.41
CA ARG A 440 -34.23 21.06 24.79
C ARG A 440 -34.81 22.43 25.16
N ARG A 441 -34.70 23.39 24.24
CA ARG A 441 -35.15 24.75 24.50
C ARG A 441 -36.65 24.91 24.28
N LYS A 442 -37.25 23.98 23.55
CA LYS A 442 -38.68 24.02 23.27
C LYS A 442 -39.48 23.55 24.47
N PRO B 29 -43.44 -30.03 24.49
CA PRO B 29 -43.00 -28.75 23.91
C PRO B 29 -42.12 -28.95 22.65
N THR B 30 -42.71 -28.75 21.47
CA THR B 30 -41.98 -28.96 20.23
C THR B 30 -41.54 -27.66 19.56
N HIS B 31 -40.23 -27.45 19.52
CA HIS B 31 -39.66 -26.22 18.92
C HIS B 31 -39.76 -26.20 17.41
N ASP B 32 -39.93 -25.02 16.83
CA ASP B 32 -39.87 -24.89 15.39
C ASP B 32 -38.48 -25.25 14.88
N VAL B 33 -37.45 -24.82 15.60
CA VAL B 33 -36.08 -25.14 15.17
C VAL B 33 -35.13 -25.32 16.34
N VAL B 34 -34.24 -26.31 16.24
CA VAL B 34 -33.15 -26.45 17.20
C VAL B 34 -31.83 -26.30 16.48
N GLY B 35 -30.93 -25.51 17.07
CA GLY B 35 -29.60 -25.34 16.49
C GLY B 35 -28.58 -26.14 17.25
N VAL B 36 -27.82 -26.98 16.55
CA VAL B 36 -26.74 -27.73 17.16
C VAL B 36 -25.43 -27.00 17.00
N GLY B 37 -24.84 -26.59 18.13
CA GLY B 37 -23.63 -25.80 18.13
C GLY B 37 -23.99 -24.33 18.24
N PHE B 38 -23.13 -23.54 18.89
CA PHE B 38 -23.32 -22.09 18.86
C PHE B 38 -22.01 -21.36 18.57
N GLY B 39 -21.54 -21.55 17.34
CA GLY B 39 -20.47 -20.70 16.83
C GLY B 39 -21.14 -19.55 16.07
N PRO B 40 -20.34 -18.80 15.30
CA PRO B 40 -20.86 -17.66 14.53
C PRO B 40 -22.01 -18.05 13.58
N ALA B 41 -21.96 -19.24 12.99
CA ALA B 41 -23.05 -19.69 12.10
C ALA B 41 -24.43 -19.72 12.78
N ASN B 42 -24.52 -20.43 13.91
CA ASN B 42 -25.80 -20.48 14.62
C ASN B 42 -26.15 -19.19 15.34
N LEU B 43 -25.11 -18.43 15.68
CA LEU B 43 -25.28 -17.08 16.21
C LEU B 43 -25.99 -16.21 15.16
N SER B 44 -25.55 -16.31 13.91
CA SER B 44 -26.23 -15.55 12.84
C SER B 44 -27.66 -16.08 12.63
N LEU B 45 -27.86 -17.37 12.87
CA LEU B 45 -29.19 -17.94 12.76
C LEU B 45 -30.11 -17.39 13.84
N ALA B 46 -29.61 -17.34 15.08
CA ALA B 46 -30.35 -16.75 16.19
C ALA B 46 -30.75 -15.29 15.89
N VAL B 47 -29.79 -14.52 15.38
CA VAL B 47 -30.12 -13.16 14.98
C VAL B 47 -31.20 -13.12 13.88
N ALA B 48 -31.04 -13.98 12.88
CA ALA B 48 -32.00 -14.02 11.78
C ALA B 48 -33.39 -14.35 12.32
N LEU B 49 -33.43 -15.22 13.33
CA LEU B 49 -34.70 -15.63 13.93
C LEU B 49 -35.31 -14.43 14.66
N GLU B 50 -34.50 -13.75 15.47
CA GLU B 50 -35.01 -12.58 16.18
C GLU B 50 -35.47 -11.49 15.23
N GLU B 51 -34.72 -11.22 14.16
CA GLU B 51 -35.10 -10.14 13.25
C GLU B 51 -36.30 -10.48 12.39
N SER B 52 -36.55 -11.77 12.16
CA SER B 52 -37.70 -12.18 11.37
C SER B 52 -39.02 -11.96 12.11
N PRO B 53 -40.03 -11.41 11.41
CA PRO B 53 -41.35 -11.20 12.00
C PRO B 53 -42.07 -12.53 12.25
N ALA B 54 -41.63 -13.60 11.59
CA ALA B 54 -42.19 -14.91 11.81
C ALA B 54 -42.07 -15.31 13.29
N ALA B 55 -43.11 -15.97 13.80
CA ALA B 55 -43.11 -16.43 15.18
C ALA B 55 -42.54 -17.83 15.23
N LEU B 56 -41.22 -17.95 15.30
CA LEU B 56 -40.58 -19.25 15.35
C LEU B 56 -39.99 -19.48 16.73
N THR B 57 -40.25 -20.65 17.33
CA THR B 57 -39.69 -20.94 18.64
C THR B 57 -38.39 -21.68 18.38
N SER B 58 -37.40 -21.49 19.23
CA SER B 58 -36.10 -22.07 18.95
C SER B 58 -35.37 -22.42 20.23
N ALA B 59 -34.37 -23.28 20.11
CA ALA B 59 -33.45 -23.55 21.20
C ALA B 59 -32.09 -23.86 20.58
N PHE B 60 -31.03 -23.40 21.23
CA PHE B 60 -29.67 -23.67 20.75
C PHE B 60 -28.87 -24.35 21.84
N PHE B 61 -28.08 -25.34 21.42
CA PHE B 61 -27.27 -26.09 22.37
C PHE B 61 -25.79 -26.01 22.00
N GLU B 62 -24.98 -25.59 22.97
CA GLU B 62 -23.54 -25.49 22.80
C GLU B 62 -22.85 -26.34 23.87
N ARG B 63 -21.95 -27.19 23.45
CA ARG B 63 -21.22 -28.04 24.37
C ARG B 63 -20.28 -27.33 25.34
N ARG B 64 -19.65 -26.24 24.89
CA ARG B 64 -18.76 -25.47 25.75
C ARG B 64 -19.51 -24.58 26.73
N ALA B 65 -18.79 -24.02 27.67
CA ALA B 65 -19.42 -23.27 28.73
C ALA B 65 -19.88 -21.94 28.24
N SER B 66 -19.35 -21.53 27.11
CA SER B 66 -19.69 -20.25 26.58
C SER B 66 -19.25 -20.13 25.15
N ILE B 67 -19.67 -19.08 24.44
CA ILE B 67 -19.24 -18.93 23.06
C ILE B 67 -17.73 -18.96 23.02
N SER B 68 -17.24 -19.74 22.09
CA SER B 68 -15.80 -19.94 22.04
C SER B 68 -15.32 -20.14 20.61
N TRP B 69 -14.82 -19.08 19.98
CA TRP B 69 -14.56 -19.14 18.57
C TRP B 69 -13.05 -19.15 18.27
N HIS B 70 -12.52 -20.33 17.98
CA HIS B 70 -11.09 -20.50 17.68
C HIS B 70 -10.15 -19.79 18.63
N GLN B 71 -10.38 -19.96 19.92
CA GLN B 71 -9.66 -19.22 20.93
C GLN B 71 -8.19 -19.61 20.98
N GLY B 72 -7.88 -20.85 20.59
CA GLY B 72 -6.48 -21.27 20.57
C GLY B 72 -5.63 -20.53 19.53
N MET B 73 -6.29 -19.83 18.60
CA MET B 73 -5.57 -19.06 17.60
C MET B 73 -5.85 -17.56 17.67
N LEU B 74 -6.39 -17.10 18.80
CA LEU B 74 -6.56 -15.65 19.03
C LEU B 74 -5.22 -14.97 19.35
N LEU B 75 -4.31 -15.00 18.40
CA LEU B 75 -2.98 -14.43 18.56
C LEU B 75 -3.05 -12.90 18.53
N PRO B 76 -2.07 -12.25 19.13
CA PRO B 76 -1.94 -10.80 19.06
C PRO B 76 -1.97 -10.34 17.63
N ALA B 77 -2.74 -9.33 17.30
CA ALA B 77 -2.67 -8.78 15.95
C ALA B 77 -3.27 -9.65 14.85
N ALA B 78 -3.65 -10.87 15.16
CA ALA B 78 -4.24 -11.72 14.15
C ALA B 78 -5.46 -11.05 13.55
N LYS B 79 -5.63 -11.13 12.23
CA LYS B 79 -6.74 -10.44 11.56
C LYS B 79 -7.87 -11.38 11.10
N MET B 80 -9.06 -10.82 10.96
CA MET B 80 -10.18 -11.53 10.38
C MET B 80 -9.91 -11.82 8.89
N GLN B 81 -10.47 -12.90 8.35
CA GLN B 81 -10.33 -13.19 6.91
C GLN B 81 -11.35 -12.40 6.10
N VAL B 82 -12.41 -11.93 6.77
CA VAL B 82 -13.46 -11.22 6.06
C VAL B 82 -13.63 -9.81 6.62
N SER B 83 -14.15 -8.90 5.79
CA SER B 83 -14.27 -7.51 6.25
C SER B 83 -15.35 -7.33 7.29
N PHE B 84 -15.34 -6.19 7.99
CA PHE B 84 -16.31 -5.98 9.05
C PHE B 84 -17.74 -5.93 8.51
N LEU B 85 -17.90 -5.65 7.21
CA LEU B 85 -19.24 -5.63 6.61
C LEU B 85 -19.82 -7.04 6.46
N LYS B 86 -18.95 -8.03 6.43
CA LYS B 86 -19.38 -9.43 6.37
C LYS B 86 -19.59 -9.93 7.80
N ASP B 87 -20.58 -9.37 8.48
CA ASP B 87 -20.78 -9.66 9.88
C ASP B 87 -21.96 -10.59 9.97
N LEU B 88 -22.71 -10.49 11.07
CA LEU B 88 -23.81 -11.41 11.33
C LEU B 88 -25.03 -11.14 10.46
N ALA B 89 -25.21 -9.89 10.03
CA ALA B 89 -26.52 -9.51 9.49
C ALA B 89 -26.56 -8.46 8.38
N THR B 90 -25.50 -7.66 8.26
CA THR B 90 -25.56 -6.45 7.42
C THR B 90 -25.95 -6.66 5.95
N PHE B 91 -25.43 -7.70 5.29
CA PHE B 91 -25.78 -7.96 3.89
C PHE B 91 -27.26 -8.28 3.70
N ARG B 92 -27.92 -8.78 4.75
CA ARG B 92 -29.35 -9.03 4.68
C ARG B 92 -30.12 -7.81 5.15
N ASN B 93 -29.67 -7.25 6.26
CA ASN B 93 -30.38 -6.13 6.88
C ASN B 93 -29.37 -5.06 7.25
N PRO B 94 -29.21 -4.07 6.35
CA PRO B 94 -28.14 -3.08 6.48
C PRO B 94 -28.35 -2.15 7.67
N ALA B 95 -29.50 -2.26 8.33
CA ALA B 95 -29.74 -1.47 9.52
C ALA B 95 -29.94 -2.34 10.75
N SER B 96 -29.27 -3.49 10.78
CA SER B 96 -29.41 -4.42 11.90
C SER B 96 -28.80 -3.87 13.18
N ARG B 97 -29.47 -4.14 14.29
CA ARG B 97 -28.94 -3.78 15.60
C ARG B 97 -27.83 -4.73 16.00
N PHE B 98 -27.56 -5.72 15.14
CA PHE B 98 -26.51 -6.68 15.45
C PHE B 98 -25.29 -6.54 14.54
N SER B 99 -25.24 -5.45 13.79
CA SER B 99 -24.14 -5.23 12.85
C SER B 99 -22.84 -4.95 13.59
N PHE B 100 -21.70 -5.17 12.93
CA PHE B 100 -20.40 -4.86 13.54
C PHE B 100 -20.31 -3.34 13.84
N VAL B 101 -20.90 -2.53 12.97
CA VAL B 101 -20.95 -1.11 13.18
C VAL B 101 -21.74 -0.71 14.45
N SER B 102 -22.90 -1.33 14.70
CA SER B 102 -23.70 -1.07 15.90
C SER B 102 -22.89 -1.46 17.12
N PHE B 103 -22.22 -2.61 17.04
CA PHE B 103 -21.31 -3.04 18.11
C PHE B 103 -20.23 -1.98 18.42
N LEU B 104 -19.54 -1.50 17.39
CA LEU B 104 -18.48 -0.51 17.58
C LEU B 104 -19.05 0.75 18.23
N HIS B 105 -20.25 1.14 17.80
CA HIS B 105 -20.89 2.35 18.30
C HIS B 105 -21.22 2.18 19.79
N GLU B 106 -21.78 1.04 20.17
CA GLU B 106 -22.09 0.79 21.59
C GLU B 106 -20.83 0.73 22.43
N ARG B 107 -19.74 0.32 21.81
CA ARG B 107 -18.45 0.23 22.48
C ARG B 107 -17.71 1.56 22.45
N GLY B 108 -18.30 2.57 21.81
CA GLY B 108 -17.66 3.89 21.73
C GLY B 108 -16.40 3.90 20.86
N ARG B 109 -16.30 2.94 19.95
CA ARG B 109 -15.12 2.83 19.09
C ARG B 109 -15.38 2.95 17.60
N LEU B 110 -16.61 3.24 17.20
CA LEU B 110 -16.93 3.37 15.78
C LEU B 110 -16.03 4.40 15.08
N VAL B 111 -15.90 5.56 15.68
CA VAL B 111 -15.14 6.63 15.07
C VAL B 111 -13.67 6.24 15.04
N ARG B 112 -13.18 5.71 16.16
CA ARG B 112 -11.79 5.29 16.26
C ARG B 112 -11.47 4.19 15.25
N PHE B 113 -12.43 3.31 15.01
CA PHE B 113 -12.24 2.22 14.07
C PHE B 113 -12.23 2.79 12.66
N ALA B 114 -13.21 3.63 12.37
CA ALA B 114 -13.32 4.24 11.05
C ALA B 114 -12.04 5.00 10.67
N ASN B 115 -11.43 5.71 11.64
CA ASN B 115 -10.23 6.50 11.33
C ASN B 115 -9.03 5.64 10.93
N ASN B 116 -9.09 4.37 11.29
CA ASN B 116 -7.99 3.48 10.99
C ASN B 116 -7.98 3.03 9.52
N HIS B 117 -9.11 3.14 8.83
CA HIS B 117 -9.19 2.77 7.41
C HIS B 117 -8.73 1.33 7.13
N ASP B 118 -9.08 0.42 8.04
CA ASP B 118 -8.81 -1.02 7.85
C ASP B 118 -10.12 -1.82 7.84
N PHE B 119 -10.38 -2.54 6.73
CA PHE B 119 -11.62 -3.30 6.61
C PHE B 119 -11.67 -4.54 7.50
N PHE B 120 -10.51 -4.95 7.99
CA PHE B 120 -10.38 -6.23 8.72
C PHE B 120 -10.10 -6.02 10.21
N PRO B 121 -11.09 -6.37 11.05
CA PRO B 121 -10.89 -6.30 12.50
C PRO B 121 -9.86 -7.33 12.92
N THR B 122 -9.31 -7.18 14.12
CA THR B 122 -8.51 -8.27 14.67
C THR B 122 -9.47 -9.39 15.05
N ARG B 123 -8.96 -10.62 15.12
CA ARG B 123 -9.81 -11.72 15.56
C ARG B 123 -10.25 -11.53 17.01
N ARG B 124 -9.40 -10.88 17.82
CA ARG B 124 -9.78 -10.61 19.20
C ARG B 124 -11.00 -9.71 19.27
N GLU B 125 -11.01 -8.62 18.50
CA GLU B 125 -12.19 -7.74 18.55
C GLU B 125 -13.42 -8.50 18.01
N PHE B 126 -13.20 -9.31 16.98
CA PHE B 126 -14.32 -10.06 16.41
C PHE B 126 -14.93 -10.99 17.45
N HIS B 127 -14.09 -11.57 18.29
CA HIS B 127 -14.61 -12.41 19.35
C HIS B 127 -15.47 -11.61 20.32
N ASP B 128 -15.01 -10.42 20.70
CA ASP B 128 -15.80 -9.52 21.55
C ASP B 128 -17.13 -9.20 20.91
N TYR B 129 -17.13 -8.99 19.59
CA TYR B 129 -18.37 -8.75 18.83
C TYR B 129 -19.35 -9.91 18.96
N LEU B 130 -18.86 -11.14 18.82
CA LEU B 130 -19.73 -12.30 18.95
C LEU B 130 -20.37 -12.37 20.35
N GLU B 131 -19.58 -12.10 21.36
CA GLU B 131 -20.03 -12.13 22.72
C GLU B 131 -21.05 -11.07 22.95
N TRP B 132 -20.82 -9.88 22.40
CA TRP B 132 -21.74 -8.77 22.52
C TRP B 132 -23.07 -9.11 21.86
N ALA B 133 -22.99 -9.75 20.69
CA ALA B 133 -24.18 -10.04 19.93
C ALA B 133 -24.99 -11.12 20.64
N GLU B 134 -24.29 -12.12 21.14
CA GLU B 134 -24.95 -13.18 21.93
C GLU B 134 -25.72 -12.59 23.13
N SER B 135 -25.10 -11.64 23.85
CA SER B 135 -25.74 -10.99 24.99
C SER B 135 -26.97 -10.20 24.61
N LYS B 136 -26.88 -9.48 23.49
CA LYS B 136 -27.98 -8.65 23.02
C LYS B 136 -29.19 -9.51 22.67
N LEU B 137 -28.92 -10.74 22.26
CA LEU B 137 -29.98 -11.67 21.91
C LEU B 137 -30.99 -11.83 23.03
N ALA B 138 -32.27 -11.74 22.67
CA ALA B 138 -33.38 -11.96 23.58
C ALA B 138 -33.37 -13.38 24.15
N HIS B 139 -33.23 -14.38 23.28
CA HIS B 139 -33.38 -15.77 23.71
C HIS B 139 -32.04 -16.35 24.16
N GLU B 140 -32.05 -16.95 25.35
CA GLU B 140 -30.84 -17.46 25.99
C GLU B 140 -30.45 -18.82 25.43
N VAL B 141 -29.14 -19.05 25.31
CA VAL B 141 -28.57 -20.24 24.71
C VAL B 141 -28.29 -21.27 25.81
N SER B 142 -28.49 -22.55 25.53
CA SER B 142 -28.14 -23.58 26.52
C SER B 142 -26.70 -24.05 26.35
N TYR B 143 -25.84 -23.66 27.29
CA TYR B 143 -24.42 -24.03 27.25
C TYR B 143 -24.18 -25.29 28.06
N ASP B 144 -22.94 -25.79 28.01
CA ASP B 144 -22.62 -27.08 28.63
C ASP B 144 -23.63 -28.14 28.21
N SER B 145 -24.09 -28.07 26.97
CA SER B 145 -25.13 -28.96 26.46
C SER B 145 -24.63 -29.56 25.16
N GLU B 146 -24.08 -30.77 25.26
CA GLU B 146 -23.58 -31.47 24.11
C GLU B 146 -24.69 -32.31 23.48
N VAL B 147 -24.97 -32.08 22.19
CA VAL B 147 -25.96 -32.90 21.48
C VAL B 147 -25.26 -34.20 21.14
N THR B 148 -25.83 -35.32 21.59
CA THR B 148 -25.21 -36.64 21.39
C THR B 148 -25.86 -37.45 20.28
N ALA B 149 -27.13 -37.15 19.99
CA ALA B 149 -27.80 -37.85 18.90
C ALA B 149 -29.01 -37.07 18.43
N ILE B 150 -29.38 -37.31 17.18
CA ILE B 150 -30.63 -36.80 16.65
C ILE B 150 -31.42 -38.02 16.17
N ARG B 151 -32.66 -38.15 16.63
CA ARG B 151 -33.45 -39.33 16.30
C ARG B 151 -34.82 -38.97 15.74
N PRO B 152 -35.43 -39.91 14.98
CA PRO B 152 -36.77 -39.69 14.43
C PRO B 152 -37.78 -39.47 15.55
N GLY B 153 -38.67 -38.51 15.36
CA GLY B 153 -39.78 -38.36 16.29
C GLY B 153 -40.82 -39.45 16.02
N PRO B 154 -41.91 -39.45 16.80
CA PRO B 154 -42.95 -40.48 16.68
C PRO B 154 -43.80 -40.29 15.43
N GLY B 155 -44.35 -41.38 14.91
CA GLY B 155 -45.29 -41.28 13.81
C GLY B 155 -44.67 -41.28 12.43
N ARG B 156 -45.51 -41.49 11.42
CA ARG B 156 -45.07 -41.46 10.04
C ARG B 156 -46.15 -40.79 9.20
N PRO B 157 -45.75 -39.86 8.34
CA PRO B 157 -44.35 -39.50 8.11
C PRO B 157 -43.70 -38.82 9.32
N VAL B 158 -42.36 -38.77 9.34
CA VAL B 158 -41.67 -38.21 10.48
C VAL B 158 -41.74 -36.67 10.47
N ASP B 159 -42.48 -36.11 11.42
CA ASP B 159 -42.79 -34.69 11.46
C ASP B 159 -41.93 -33.93 12.46
N SER B 160 -41.21 -34.65 13.30
CA SER B 160 -40.32 -34.02 14.27
C SER B 160 -39.10 -34.88 14.47
N VAL B 161 -38.10 -34.33 15.12
CA VAL B 161 -36.95 -35.07 15.56
C VAL B 161 -36.71 -34.84 17.03
N LEU B 162 -36.02 -35.76 17.65
CA LEU B 162 -35.69 -35.71 19.04
C LEU B 162 -34.20 -35.51 19.21
N VAL B 163 -33.82 -34.45 19.88
CA VAL B 163 -32.41 -34.12 20.12
C VAL B 163 -31.97 -34.51 21.50
N ASP B 164 -31.12 -35.49 21.57
CA ASP B 164 -30.57 -35.95 22.84
C ASP B 164 -29.43 -35.02 23.28
N VAL B 165 -29.57 -34.48 24.49
CA VAL B 165 -28.65 -33.46 25.00
C VAL B 165 -28.03 -33.91 26.32
N SER B 166 -26.72 -33.95 26.34
CA SER B 166 -26.00 -34.34 27.51
C SER B 166 -25.52 -33.13 28.23
N THR B 167 -25.80 -33.03 29.50
CA THR B 167 -25.26 -31.97 30.31
C THR B 167 -24.40 -32.56 31.39
N PRO B 168 -23.71 -31.74 32.16
CA PRO B 168 -22.84 -32.34 33.18
C PRO B 168 -23.69 -33.05 34.21
N GLU B 169 -24.80 -32.39 34.43
CA GLU B 169 -25.81 -32.69 35.36
C GLU B 169 -26.57 -33.98 34.99
N ALA B 170 -27.30 -33.94 33.89
CA ALA B 170 -28.24 -34.98 33.47
C ALA B 170 -28.20 -35.28 31.95
N THR B 171 -29.26 -35.91 31.40
CA THR B 171 -29.46 -35.95 29.96
C THR B 171 -30.92 -35.62 29.76
N ARG B 172 -31.26 -35.14 28.57
CA ARG B 172 -32.65 -34.89 28.26
C ARG B 172 -32.87 -34.92 26.77
N THR B 173 -34.13 -34.83 26.38
CA THR B 173 -34.48 -34.93 24.98
C THR B 173 -35.41 -33.79 24.68
N VAL B 174 -35.12 -33.06 23.61
CA VAL B 174 -36.04 -32.04 23.15
C VAL B 174 -36.48 -32.38 21.73
N GLU B 175 -37.64 -31.84 21.35
CA GLU B 175 -38.29 -32.20 20.09
C GLU B 175 -38.38 -30.97 19.22
N ALA B 176 -38.15 -31.15 17.92
CA ALA B 176 -38.13 -30.01 17.00
C ALA B 176 -38.63 -30.39 15.63
N ARG B 177 -39.27 -29.44 14.96
CA ARG B 177 -39.77 -29.65 13.59
C ARG B 177 -38.63 -29.51 12.60
N ASN B 178 -37.60 -28.75 12.99
CA ASN B 178 -36.42 -28.53 12.13
C ASN B 178 -35.14 -28.50 12.94
N ILE B 179 -34.05 -28.88 12.33
CA ILE B 179 -32.78 -28.72 12.98
C ILE B 179 -31.75 -28.12 12.06
N VAL B 180 -30.87 -27.37 12.65
CA VAL B 180 -29.77 -26.76 11.91
C VAL B 180 -28.46 -27.18 12.57
N ILE B 181 -27.70 -27.96 11.82
CA ILE B 181 -26.45 -28.52 12.33
C ILE B 181 -25.29 -27.62 11.92
N SER B 182 -24.60 -27.06 12.89
CA SER B 182 -23.50 -26.13 12.62
C SER B 182 -22.42 -26.37 13.65
N THR B 183 -21.78 -27.53 13.56
CA THR B 183 -20.88 -28.00 14.62
C THR B 183 -19.41 -27.73 14.29
N GLY B 184 -19.17 -27.10 13.14
CA GLY B 184 -17.85 -26.59 12.84
C GLY B 184 -16.92 -27.64 12.24
N LEU B 185 -15.68 -27.22 11.96
CA LEU B 185 -14.66 -28.07 11.34
C LEU B 185 -14.02 -29.01 12.35
N VAL B 186 -13.40 -30.07 11.85
CA VAL B 186 -12.76 -31.06 12.73
C VAL B 186 -11.26 -31.04 12.47
N PRO B 187 -10.47 -30.80 13.53
CA PRO B 187 -9.01 -30.71 13.41
C PRO B 187 -8.44 -31.91 12.67
N ARG B 188 -7.53 -31.70 11.76
CA ARG B 188 -6.89 -32.79 11.09
C ARG B 188 -5.40 -32.75 11.18
N MET B 189 -4.84 -33.89 11.52
CA MET B 189 -3.42 -34.04 11.81
C MET B 189 -2.74 -34.71 10.61
N PRO B 190 -1.41 -34.58 10.48
CA PRO B 190 -0.78 -35.33 9.40
C PRO B 190 -0.97 -36.83 9.64
N ALA B 191 -1.12 -37.59 8.57
CA ALA B 191 -1.23 -39.04 8.65
C ALA B 191 -0.05 -39.60 9.44
N GLY B 192 -0.33 -40.39 10.48
CA GLY B 192 0.72 -41.01 11.27
C GLY B 192 1.23 -40.13 12.40
N VAL B 193 0.47 -39.09 12.73
CA VAL B 193 0.86 -38.19 13.82
C VAL B 193 -0.32 -37.95 14.75
N GLN B 194 -0.11 -38.14 16.04
CA GLN B 194 -1.19 -37.95 16.99
C GLN B 194 -0.85 -36.81 17.93
N SER B 195 -1.86 -36.09 18.39
CA SER B 195 -1.64 -34.99 19.32
C SER B 195 -1.30 -35.56 20.71
N ASP B 196 -0.40 -34.88 21.40
CA ASP B 196 0.11 -35.34 22.68
C ASP B 196 0.54 -34.11 23.44
N GLU B 197 1.25 -34.33 24.52
CA GLU B 197 1.77 -33.24 25.30
C GLU B 197 2.67 -32.31 24.52
N PHE B 198 3.38 -32.83 23.53
CA PHE B 198 4.41 -32.09 22.81
C PHE B 198 4.13 -32.02 21.33
N VAL B 199 2.97 -32.56 20.94
CA VAL B 199 2.50 -32.47 19.55
C VAL B 199 1.11 -31.85 19.58
N TRP B 200 1.00 -30.61 19.14
CA TRP B 200 -0.25 -29.86 19.23
C TRP B 200 -0.85 -29.64 17.85
N HIS B 201 -2.18 -29.60 17.78
CA HIS B 201 -2.80 -29.08 16.57
C HIS B 201 -2.88 -27.56 16.73
N SER B 202 -2.79 -26.82 15.63
CA SER B 202 -2.78 -25.37 15.71
C SER B 202 -4.02 -24.82 16.42
N SER B 203 -5.15 -25.53 16.33
CA SER B 203 -6.39 -25.07 16.97
C SER B 203 -6.26 -24.96 18.48
N ARG B 204 -5.31 -25.66 19.06
CA ARG B 204 -5.05 -25.56 20.48
C ARG B 204 -3.73 -24.88 20.84
N PHE B 205 -3.12 -24.18 19.91
CA PHE B 205 -1.82 -23.54 20.16
C PHE B 205 -1.76 -22.68 21.44
N LEU B 206 -2.65 -21.70 21.57
CA LEU B 206 -2.56 -20.82 22.72
C LEU B 206 -2.96 -21.53 24.02
N ASP B 207 -3.85 -22.50 23.92
CA ASP B 207 -4.26 -23.24 25.10
C ASP B 207 -3.03 -23.93 25.71
N HIS B 208 -2.24 -24.60 24.89
CA HIS B 208 -0.99 -25.22 25.36
C HIS B 208 0.09 -24.21 25.69
N PHE B 209 0.26 -23.20 24.82
CA PHE B 209 1.37 -22.26 24.92
C PHE B 209 1.32 -21.49 26.24
N ARG B 210 0.11 -21.22 26.68
CA ARG B 210 -0.17 -20.51 27.90
C ARG B 210 0.01 -21.34 29.14
N ASP B 211 0.06 -22.63 28.99
CA ASP B 211 0.31 -23.50 30.12
C ASP B 211 1.75 -24.00 30.10
N ARG B 212 2.67 -23.14 29.77
CA ARG B 212 4.01 -23.57 29.66
C ARG B 212 4.85 -22.51 30.28
N ASP B 213 5.98 -22.90 30.83
CA ASP B 213 6.92 -21.93 31.33
C ASP B 213 7.34 -21.13 30.14
N PRO B 214 7.39 -19.74 30.37
CA PRO B 214 7.75 -18.96 29.17
C PRO B 214 9.04 -19.43 28.53
N ARG B 215 9.97 -19.88 29.34
CA ARG B 215 11.26 -20.25 28.83
C ARG B 215 11.31 -21.68 28.35
N SER B 216 10.17 -22.36 28.38
CA SER B 216 10.13 -23.80 28.13
C SER B 216 10.17 -24.23 26.66
N LEU B 217 10.00 -23.29 25.76
CA LEU B 217 9.92 -23.59 24.34
C LEU B 217 10.92 -22.77 23.55
N ARG B 218 12.14 -23.25 23.52
CA ARG B 218 13.18 -22.54 22.82
C ARG B 218 13.33 -23.09 21.43
N ARG B 219 12.81 -24.26 21.19
CA ARG B 219 12.87 -24.85 19.88
C ARG B 219 11.49 -25.36 19.46
N VAL B 220 10.98 -24.92 18.32
CA VAL B 220 9.62 -25.27 17.88
C VAL B 220 9.57 -25.56 16.39
N ALA B 221 8.90 -26.64 16.02
CA ALA B 221 8.62 -26.96 14.62
C ALA B 221 7.14 -26.68 14.36
N VAL B 222 6.85 -26.04 13.24
CA VAL B 222 5.49 -25.74 12.85
C VAL B 222 5.29 -26.30 11.46
N ALA B 223 4.39 -27.28 11.34
CA ALA B 223 4.15 -27.89 10.04
C ALA B 223 2.90 -27.27 9.41
N GLY B 224 2.98 -27.01 8.11
CA GLY B 224 1.85 -26.48 7.36
C GLY B 224 2.30 -25.31 6.49
N GLY B 225 1.54 -24.99 5.46
CA GLY B 225 1.91 -23.90 4.58
C GLY B 225 0.90 -22.76 4.55
N GLY B 226 -0.12 -22.82 5.41
CA GLY B 226 -1.22 -21.87 5.37
C GLY B 226 -1.17 -20.80 6.43
N GLN B 227 -2.30 -20.08 6.55
CA GLN B 227 -2.38 -18.89 7.36
C GLN B 227 -2.00 -19.15 8.80
N SER B 228 -2.57 -20.19 9.39
CA SER B 228 -2.31 -20.45 10.80
C SER B 228 -0.83 -20.78 11.02
N ALA B 229 -0.24 -21.56 10.10
CA ALA B 229 1.19 -21.87 10.20
C ALA B 229 2.04 -20.60 10.24
N ALA B 230 1.87 -19.76 9.24
CA ALA B 230 2.67 -18.52 9.18
C ALA B 230 2.42 -17.64 10.42
N GLU B 231 1.15 -17.48 10.83
CA GLU B 231 0.83 -16.66 12.01
C GLU B 231 1.54 -17.16 13.26
N ILE B 232 1.59 -18.48 13.40
CA ILE B 232 2.21 -19.08 14.57
C ILE B 232 3.74 -18.85 14.54
N VAL B 233 4.34 -19.06 13.38
CA VAL B 233 5.78 -18.86 13.23
C VAL B 233 6.09 -17.40 13.59
N ARG B 234 5.34 -16.47 13.05
CA ARG B 234 5.53 -15.05 13.37
C ARG B 234 5.36 -14.77 14.83
N PHE B 235 4.29 -15.25 15.42
CA PHE B 235 4.10 -15.05 16.85
C PHE B 235 5.29 -15.56 17.66
N LEU B 236 5.78 -16.75 17.32
CA LEU B 236 6.90 -17.31 18.07
C LEU B 236 8.14 -16.44 17.92
N HIS B 237 8.43 -16.01 16.69
CA HIS B 237 9.60 -15.18 16.44
C HIS B 237 9.49 -13.90 17.27
N ASP B 238 8.30 -13.31 17.28
CA ASP B 238 8.09 -12.01 17.92
C ASP B 238 8.04 -12.12 19.44
N ASN B 239 7.62 -13.27 19.95
CA ASN B 239 7.37 -13.44 21.37
C ASN B 239 8.61 -13.70 22.23
N ARG B 240 9.60 -14.40 21.71
CA ARG B 240 10.89 -14.44 22.39
C ARG B 240 11.99 -14.30 21.37
N PRO B 241 13.10 -13.71 21.77
CA PRO B 241 14.22 -13.40 20.87
C PRO B 241 15.17 -14.56 20.62
N ASP B 242 15.07 -15.58 21.44
CA ASP B 242 15.94 -16.73 21.38
C ASP B 242 15.30 -17.90 20.66
N THR B 243 13.98 -17.96 20.63
CA THR B 243 13.31 -19.10 20.05
C THR B 243 13.77 -19.43 18.67
N VAL B 244 14.07 -20.67 18.43
CA VAL B 244 14.34 -21.13 17.10
C VAL B 244 13.11 -21.81 16.56
N VAL B 245 12.74 -21.56 15.33
CA VAL B 245 11.53 -22.11 14.73
C VAL B 245 11.81 -22.73 13.37
N HIS B 246 11.32 -23.94 13.16
CA HIS B 246 11.40 -24.64 11.88
C HIS B 246 10.03 -24.63 11.25
N ALA B 247 9.90 -23.93 10.12
CA ALA B 247 8.64 -23.88 9.40
C ALA B 247 8.70 -24.91 8.28
N ILE B 248 7.92 -25.98 8.42
CA ILE B 248 8.00 -27.09 7.48
C ILE B 248 6.78 -27.08 6.57
N MET B 249 7.02 -26.88 5.27
CA MET B 249 5.91 -26.70 4.35
C MET B 249 6.15 -27.45 3.05
N PRO B 250 5.05 -27.87 2.39
CA PRO B 250 5.18 -28.65 1.15
C PRO B 250 5.60 -27.79 -0.04
N SER B 251 5.32 -26.49 0.05
CA SER B 251 5.64 -25.59 -1.04
C SER B 251 7.07 -25.08 -0.89
N TYR B 252 7.52 -24.37 -1.92
CA TYR B 252 8.82 -23.73 -1.87
C TYR B 252 8.56 -22.30 -1.39
N GLY B 253 8.44 -22.12 -0.08
CA GLY B 253 8.07 -20.82 0.44
C GLY B 253 6.56 -20.63 0.54
N TYR B 254 6.14 -19.82 1.50
CA TYR B 254 4.73 -19.48 1.68
C TYR B 254 4.13 -18.94 0.36
N VAL B 255 2.90 -19.36 0.05
CA VAL B 255 2.16 -18.89 -1.12
C VAL B 255 1.14 -17.84 -0.69
N VAL B 256 1.01 -16.75 -1.46
CA VAL B 256 0.16 -15.64 -1.02
C VAL B 256 -1.33 -15.96 -1.18
N ALA B 257 -2.15 -15.43 -0.28
CA ALA B 257 -3.60 -15.50 -0.38
C ALA B 257 -4.12 -14.47 -1.39
N ASP B 258 -5.05 -14.88 -2.25
CA ASP B 258 -5.66 -13.97 -3.21
C ASP B 258 -6.82 -13.26 -2.51
N ASN B 259 -6.64 -11.95 -2.25
CA ASN B 259 -7.68 -11.15 -1.59
C ASN B 259 -8.17 -10.00 -2.48
N THR B 260 -7.97 -10.13 -3.78
CA THR B 260 -8.41 -9.13 -4.76
C THR B 260 -9.94 -9.17 -4.93
N PRO B 261 -10.53 -8.10 -5.50
CA PRO B 261 -11.99 -8.03 -5.50
C PRO B 261 -12.69 -9.12 -6.29
N PHE B 262 -12.15 -9.55 -7.43
CA PHE B 262 -12.78 -10.65 -8.14
C PHE B 262 -12.77 -11.94 -7.31
N ALA B 263 -11.73 -12.11 -6.51
CA ALA B 263 -11.61 -13.25 -5.62
C ALA B 263 -12.62 -13.20 -4.49
N ASN B 264 -12.75 -12.04 -3.84
CA ASN B 264 -13.75 -11.92 -2.79
C ASN B 264 -15.17 -12.26 -3.33
N GLN B 265 -15.37 -12.13 -4.63
CA GLN B 265 -16.66 -12.39 -5.28
C GLN B 265 -17.18 -13.83 -5.23
N ILE B 266 -16.28 -14.80 -5.16
CA ILE B 266 -16.70 -16.17 -5.11
C ILE B 266 -17.37 -16.45 -3.78
N PHE B 267 -17.21 -15.55 -2.84
CA PHE B 267 -17.76 -15.70 -1.54
C PHE B 267 -19.05 -14.90 -1.36
N ASP B 268 -19.51 -14.28 -2.41
CA ASP B 268 -20.79 -13.66 -2.31
C ASP B 268 -21.95 -14.61 -2.68
N PRO B 269 -23.14 -14.28 -2.19
CA PRO B 269 -24.31 -15.14 -2.41
C PRO B 269 -24.57 -15.46 -3.88
N ALA B 270 -24.35 -14.48 -4.76
CA ALA B 270 -24.52 -14.69 -6.19
C ALA B 270 -23.59 -15.78 -6.71
N ALA B 271 -22.43 -15.93 -6.12
CA ALA B 271 -21.48 -16.92 -6.56
C ALA B 271 -21.85 -18.29 -6.02
N VAL B 272 -22.57 -18.30 -4.91
CA VAL B 272 -23.07 -19.55 -4.35
C VAL B 272 -24.05 -20.13 -5.36
N ASP B 273 -24.96 -19.29 -5.86
CA ASP B 273 -25.85 -19.68 -6.96
C ASP B 273 -25.10 -20.28 -8.14
N ASP B 274 -24.06 -19.58 -8.62
CA ASP B 274 -23.33 -20.05 -9.80
C ASP B 274 -22.69 -21.39 -9.53
N TYR B 275 -22.14 -21.56 -8.33
CA TYR B 275 -21.54 -22.84 -7.99
C TYR B 275 -22.62 -23.92 -7.83
N PHE B 276 -23.72 -23.57 -7.14
CA PHE B 276 -24.77 -24.55 -6.87
C PHE B 276 -25.36 -25.06 -8.19
N ASP B 277 -25.74 -24.14 -9.08
CA ASP B 277 -26.34 -24.49 -10.36
C ASP B 277 -25.34 -25.02 -11.36
N GLY B 278 -24.06 -24.94 -11.03
CA GLY B 278 -23.02 -25.26 -12.01
C GLY B 278 -22.82 -26.75 -12.18
N SER B 279 -22.32 -27.16 -13.34
CA SER B 279 -21.99 -28.56 -13.61
C SER B 279 -20.85 -28.98 -12.71
N LYS B 280 -20.56 -30.28 -12.66
CA LYS B 280 -19.44 -30.78 -11.87
C LYS B 280 -18.15 -30.17 -12.36
N GLN B 281 -18.05 -30.01 -13.69
CA GLN B 281 -16.87 -29.40 -14.31
C GLN B 281 -16.62 -27.99 -13.74
N ALA B 282 -17.69 -27.20 -13.68
CA ALA B 282 -17.60 -25.84 -13.19
C ALA B 282 -17.22 -25.82 -11.70
N LYS B 283 -17.86 -26.67 -10.90
CA LYS B 283 -17.52 -26.78 -9.48
C LYS B 283 -16.06 -27.13 -9.28
N ASP B 284 -15.57 -28.08 -10.08
CA ASP B 284 -14.16 -28.47 -9.99
C ASP B 284 -13.27 -27.25 -10.30
N ALA B 285 -13.72 -26.42 -11.25
CA ALA B 285 -12.96 -25.25 -11.67
C ALA B 285 -12.81 -24.23 -10.53
N PHE B 286 -13.89 -24.02 -9.78
CA PHE B 286 -13.86 -23.16 -8.60
C PHE B 286 -12.73 -23.54 -7.65
N TRP B 287 -12.71 -24.80 -7.26
CA TRP B 287 -11.67 -25.32 -6.36
C TRP B 287 -10.29 -25.29 -7.01
N ARG B 288 -10.22 -25.57 -8.30
CA ARG B 288 -8.94 -25.59 -9.01
C ARG B 288 -8.32 -24.19 -9.15
N TYR B 289 -9.06 -23.25 -9.74
CA TYR B 289 -8.55 -21.89 -9.93
C TYR B 289 -8.51 -21.02 -8.67
N HIS B 290 -9.33 -21.35 -7.68
CA HIS B 290 -9.50 -20.43 -6.55
C HIS B 290 -9.30 -21.05 -5.17
N ARG B 291 -8.46 -22.08 -5.10
CA ARG B 291 -8.12 -22.72 -3.83
C ARG B 291 -7.19 -21.84 -3.00
N ASN B 292 -6.51 -20.92 -3.68
CA ASN B 292 -5.53 -20.04 -3.07
C ASN B 292 -6.15 -18.79 -2.46
N THR B 293 -7.18 -18.95 -1.63
CA THR B 293 -7.97 -17.78 -1.16
C THR B 293 -7.90 -17.36 0.34
N ASN B 294 -7.80 -18.36 1.21
CA ASN B 294 -7.79 -18.12 2.65
C ASN B 294 -6.84 -19.06 3.40
N TYR B 295 -7.36 -20.12 4.02
CA TYR B 295 -6.59 -20.83 5.05
C TYR B 295 -5.42 -21.65 4.54
N SER B 296 -5.49 -22.09 3.30
CA SER B 296 -4.42 -22.86 2.69
C SER B 296 -3.28 -21.97 2.24
N VAL B 297 -3.51 -20.68 2.21
CA VAL B 297 -2.48 -19.74 1.83
C VAL B 297 -2.25 -18.65 2.88
N VAL B 298 -1.33 -17.73 2.59
CA VAL B 298 -0.95 -16.75 3.60
C VAL B 298 -1.08 -15.31 3.12
N ASP B 299 -1.60 -14.45 3.93
CA ASP B 299 -1.76 -13.10 3.46
C ASP B 299 -0.42 -12.33 3.20
N ASP B 300 -0.49 -11.42 2.28
CA ASP B 300 0.63 -10.59 1.90
C ASP B 300 1.37 -10.01 3.10
N GLU B 301 0.64 -9.45 4.05
CA GLU B 301 1.25 -8.77 5.18
C GLU B 301 2.07 -9.67 6.05
N VAL B 302 1.51 -10.81 6.36
CA VAL B 302 2.16 -11.78 7.18
C VAL B 302 3.42 -12.33 6.51
N ILE B 303 3.32 -12.65 5.24
CA ILE B 303 4.47 -13.11 4.45
C ILE B 303 5.61 -12.11 4.47
N ARG B 304 5.29 -10.84 4.25
CA ARG B 304 6.33 -9.81 4.18
C ARG B 304 6.95 -9.60 5.55
N ASP B 305 6.14 -9.66 6.59
CA ASP B 305 6.68 -9.54 7.94
C ASP B 305 7.68 -10.65 8.26
N LEU B 306 7.33 -11.89 7.91
CA LEU B 306 8.23 -13.02 8.11
C LEU B 306 9.54 -12.88 7.32
N TYR B 307 9.42 -12.50 6.06
CA TYR B 307 10.60 -12.36 5.23
C TYR B 307 11.51 -11.24 5.78
N ARG B 308 10.91 -10.16 6.20
CA ARG B 308 11.60 -9.06 6.84
C ARG B 308 12.32 -9.56 8.06
N ARG B 309 11.64 -10.31 8.89
CA ARG B 309 12.22 -10.84 10.12
C ARG B 309 13.42 -11.71 9.81
N GLY B 310 13.30 -12.53 8.77
CA GLY B 310 14.40 -13.38 8.36
C GLY B 310 15.58 -12.56 7.86
N TYR B 311 15.28 -11.52 7.09
CA TYR B 311 16.33 -10.68 6.54
C TYR B 311 17.07 -9.98 7.67
N ASP B 312 16.34 -9.32 8.57
CA ASP B 312 17.00 -8.58 9.65
C ASP B 312 17.85 -9.50 10.53
N ASP B 313 17.36 -10.71 10.79
CA ASP B 313 18.13 -11.70 11.55
C ASP B 313 19.45 -12.02 10.85
N GLU B 314 19.41 -12.13 9.52
CA GLU B 314 20.62 -12.40 8.75
C GLU B 314 21.62 -11.25 8.86
N VAL B 315 21.14 -10.02 8.70
CA VAL B 315 21.98 -8.84 8.87
C VAL B 315 22.62 -8.87 10.26
N ALA B 316 21.84 -9.23 11.27
CA ALA B 316 22.34 -9.28 12.64
C ALA B 316 23.23 -10.50 12.88
N GLY B 317 23.31 -11.38 11.90
CA GLY B 317 24.06 -12.62 12.05
C GLY B 317 23.53 -13.53 13.16
N ALA B 318 22.21 -13.53 13.34
CA ALA B 318 21.57 -14.36 14.35
C ALA B 318 20.33 -15.08 13.80
N PRO B 319 20.53 -16.01 12.85
CA PRO B 319 19.38 -16.67 12.21
C PRO B 319 18.59 -17.54 13.19
N ARG B 320 17.28 -17.44 13.18
CA ARG B 320 16.39 -18.19 14.03
C ARG B 320 15.30 -18.93 13.26
N LEU B 321 14.87 -18.38 12.14
CA LEU B 321 13.81 -18.96 11.34
C LEU B 321 14.40 -19.88 10.30
N ASN B 322 14.06 -21.16 10.40
CA ASN B 322 14.48 -22.13 9.41
C ASN B 322 13.30 -22.52 8.53
N PHE B 323 13.30 -22.07 7.29
CA PHE B 323 12.24 -22.47 6.37
C PHE B 323 12.63 -23.76 5.65
N VAL B 324 11.93 -24.82 6.00
CA VAL B 324 12.16 -26.14 5.41
C VAL B 324 11.13 -26.31 4.29
N ASN B 325 11.57 -26.06 3.06
CA ASN B 325 10.70 -26.11 1.87
C ASN B 325 10.52 -27.51 1.33
N LEU B 326 9.45 -27.71 0.59
CA LEU B 326 9.21 -28.95 -0.15
C LEU B 326 9.30 -30.15 0.78
N ALA B 327 8.64 -30.05 1.94
CA ALA B 327 8.79 -31.07 2.97
C ALA B 327 7.51 -31.33 3.74
N HIS B 328 7.40 -32.53 4.29
CA HIS B 328 6.23 -32.93 5.05
C HIS B 328 6.64 -33.56 6.37
N VAL B 329 5.90 -33.32 7.42
CA VAL B 329 6.18 -34.01 8.66
C VAL B 329 5.53 -35.38 8.55
N VAL B 330 6.28 -36.43 8.84
CA VAL B 330 5.77 -37.79 8.71
C VAL B 330 5.77 -38.61 9.96
N GLY B 331 6.34 -38.08 11.04
CA GLY B 331 6.27 -38.76 12.29
C GLY B 331 6.79 -37.91 13.41
N ALA B 332 6.37 -38.24 14.62
CA ALA B 332 6.77 -37.56 15.82
C ALA B 332 6.72 -38.52 16.98
N LYS B 333 7.82 -38.55 17.69
CA LYS B 333 7.99 -39.41 18.85
C LYS B 333 8.69 -38.63 19.95
N ARG B 334 8.30 -38.89 21.19
CA ARG B 334 8.97 -38.25 22.30
C ARG B 334 10.16 -39.11 22.72
N ILE B 335 11.31 -38.49 22.92
CA ILE B 335 12.51 -39.21 23.32
C ILE B 335 13.15 -38.39 24.41
N ALA B 336 13.06 -38.87 25.64
CA ALA B 336 13.66 -38.16 26.74
C ALA B 336 13.21 -36.71 26.78
N ASP B 337 14.15 -35.77 26.77
CA ASP B 337 13.81 -34.37 26.85
C ASP B 337 13.55 -33.69 25.51
N ASP B 338 13.15 -34.43 24.51
CA ASP B 338 12.96 -33.86 23.18
C ASP B 338 11.70 -34.42 22.52
N THR B 339 11.26 -33.79 21.46
CA THR B 339 10.31 -34.35 20.55
C THR B 339 11.03 -34.57 19.23
N ARG B 340 11.12 -35.81 18.76
CA ARG B 340 11.92 -36.10 17.57
C ARG B 340 11.04 -36.06 16.34
N VAL B 341 11.07 -34.94 15.63
CA VAL B 341 10.19 -34.82 14.51
C VAL B 341 10.87 -35.40 13.30
N THR B 342 10.16 -36.28 12.61
CA THR B 342 10.66 -36.90 11.42
C THR B 342 10.15 -36.16 10.20
N VAL B 343 11.09 -35.55 9.49
CA VAL B 343 10.75 -34.75 8.33
C VAL B 343 11.19 -35.39 7.03
N TYR B 344 10.27 -35.43 6.09
CA TYR B 344 10.54 -35.89 4.76
C TYR B 344 10.77 -34.80 3.74
N SER B 345 11.96 -34.83 3.14
CA SER B 345 12.34 -33.88 2.12
C SER B 345 12.04 -34.36 0.74
N MET B 346 11.09 -33.74 0.07
CA MET B 346 10.72 -34.12 -1.28
C MET B 346 11.87 -33.97 -2.23
N ALA B 347 12.69 -32.97 -2.00
CA ALA B 347 13.80 -32.71 -2.89
C ALA B 347 14.69 -33.93 -2.99
N ARG B 348 15.14 -34.45 -1.85
CA ARG B 348 16.11 -35.54 -1.83
C ARG B 348 15.48 -36.87 -1.48
N GLU B 349 14.17 -36.87 -1.25
CA GLU B 349 13.45 -38.07 -0.90
C GLU B 349 14.17 -38.83 0.17
N GLU B 350 14.57 -38.14 1.22
CA GLU B 350 15.09 -38.77 2.39
C GLU B 350 14.42 -38.18 3.61
N SER B 351 14.49 -38.86 4.74
CA SER B 351 13.91 -38.35 5.97
C SER B 351 15.02 -38.05 6.89
N TYR B 352 14.77 -37.11 7.79
CA TYR B 352 15.72 -36.83 8.82
C TYR B 352 14.96 -36.40 10.05
N ASP B 353 15.64 -36.42 11.17
CA ASP B 353 15.01 -36.18 12.42
C ASP B 353 15.43 -34.83 12.83
N LEU B 354 14.46 -34.12 13.34
CA LEU B 354 14.59 -32.80 13.80
C LEU B 354 14.14 -32.86 15.21
N ASP B 355 15.06 -32.77 16.07
CA ASP B 355 14.74 -32.70 17.49
C ASP B 355 14.30 -31.28 17.91
N VAL B 356 13.19 -31.20 18.65
CA VAL B 356 12.68 -29.93 19.18
C VAL B 356 11.85 -30.09 20.46
N ASP B 357 11.43 -28.97 21.07
CA ASP B 357 10.62 -29.01 22.27
C ASP B 357 9.15 -29.37 21.98
N VAL B 358 8.57 -28.79 20.95
CA VAL B 358 7.19 -29.02 20.60
C VAL B 358 7.04 -28.97 19.09
N LEU B 359 6.17 -29.81 18.56
CA LEU B 359 5.78 -29.80 17.17
C LEU B 359 4.33 -29.25 17.14
N VAL B 360 4.11 -28.20 16.37
CA VAL B 360 2.75 -27.69 16.18
C VAL B 360 2.32 -28.02 14.77
N CYS B 361 1.19 -28.71 14.65
CA CYS B 361 0.66 -29.06 13.32
C CYS B 361 -0.45 -28.09 12.92
N ALA B 362 -0.10 -27.11 12.09
CA ALA B 362 -1.08 -26.21 11.52
C ALA B 362 -1.49 -26.81 10.19
N THR B 363 -2.16 -27.98 10.27
CA THR B 363 -2.43 -28.81 9.10
C THR B 363 -3.92 -28.85 8.74
N GLY B 364 -4.67 -27.91 9.28
CA GLY B 364 -6.01 -27.67 8.78
C GLY B 364 -7.06 -28.57 9.39
N TYR B 365 -8.12 -28.81 8.61
CA TYR B 365 -9.33 -29.42 9.16
C TYR B 365 -9.99 -30.31 8.14
N ASP B 366 -10.83 -31.21 8.65
CA ASP B 366 -11.81 -31.89 7.82
C ASP B 366 -13.13 -31.19 7.97
N PRO B 367 -13.98 -31.26 6.94
CA PRO B 367 -15.25 -30.52 6.97
C PRO B 367 -16.23 -31.09 7.97
N MET B 368 -17.30 -30.36 8.23
CA MET B 368 -18.35 -30.83 9.05
C MET B 368 -19.06 -32.00 8.38
N ASP B 369 -19.39 -33.00 9.15
CA ASP B 369 -20.17 -34.12 8.64
C ASP B 369 -21.44 -34.38 9.42
N PRO B 370 -22.62 -34.09 8.72
CA PRO B 370 -23.85 -34.34 9.49
C PRO B 370 -24.19 -35.80 9.77
N GLY B 371 -23.61 -36.72 9.03
CA GLY B 371 -23.97 -38.12 9.22
C GLY B 371 -23.71 -38.51 10.64
N ASP B 372 -22.73 -37.84 11.22
CA ASP B 372 -22.28 -38.06 12.57
C ASP B 372 -23.44 -38.20 13.55
N LEU B 373 -24.24 -37.17 13.66
CA LEU B 373 -25.24 -37.06 14.68
C LEU B 373 -26.51 -37.72 14.25
N LEU B 374 -26.57 -37.97 12.96
CA LEU B 374 -27.85 -38.34 12.37
C LEU B 374 -28.32 -39.78 12.63
N GLY B 375 -27.43 -40.74 12.55
CA GLY B 375 -27.82 -42.13 12.64
C GLY B 375 -29.07 -42.41 11.86
N GLU B 376 -29.98 -43.17 12.45
CA GLU B 376 -31.15 -43.66 11.76
C GLU B 376 -31.86 -42.72 10.79
N LEU B 377 -31.82 -41.43 11.05
CA LEU B 377 -32.44 -40.49 10.13
C LEU B 377 -31.74 -40.49 8.80
N ALA B 378 -30.51 -40.94 8.78
CA ALA B 378 -29.75 -40.94 7.55
C ALA B 378 -30.41 -41.72 6.43
N GLU B 379 -31.06 -42.82 6.79
CA GLU B 379 -31.71 -43.66 5.82
C GLU B 379 -32.76 -42.89 5.04
N HIS B 380 -33.27 -41.81 5.59
CA HIS B 380 -34.21 -40.99 4.90
C HIS B 380 -33.57 -39.85 4.18
N CYS B 381 -32.27 -39.72 4.31
CA CYS B 381 -31.56 -38.69 3.59
C CYS B 381 -30.96 -39.22 2.29
N VAL B 382 -31.08 -38.51 1.21
CA VAL B 382 -30.66 -38.99 -0.09
C VAL B 382 -29.22 -38.65 -0.45
N GLN B 383 -28.41 -39.62 -0.81
CA GLN B 383 -27.05 -39.37 -1.28
C GLN B 383 -26.96 -39.27 -2.79
N ASP B 384 -25.82 -38.79 -3.30
CA ASP B 384 -25.61 -38.69 -4.73
C ASP B 384 -24.73 -39.83 -5.24
N ALA B 385 -24.18 -39.62 -6.45
CA ALA B 385 -23.26 -40.54 -7.11
C ALA B 385 -22.14 -41.00 -6.19
N GLU B 386 -21.29 -40.06 -5.77
CA GLU B 386 -20.12 -40.38 -4.97
C GLU B 386 -20.43 -40.67 -3.50
N GLY B 387 -21.71 -40.77 -3.17
CA GLY B 387 -22.14 -41.07 -1.81
C GLY B 387 -22.14 -39.88 -0.85
N ARG B 388 -22.38 -38.69 -1.40
CA ARG B 388 -22.41 -37.47 -0.63
C ARG B 388 -23.84 -37.05 -0.40
N TRP B 389 -24.15 -36.37 0.67
CA TRP B 389 -25.51 -35.97 0.91
C TRP B 389 -26.00 -35.02 -0.14
N GLN B 390 -27.22 -35.17 -0.58
CA GLN B 390 -27.82 -34.21 -1.47
C GLN B 390 -28.36 -33.05 -0.63
N VAL B 391 -28.22 -31.82 -1.09
CA VAL B 391 -28.68 -30.66 -0.34
C VAL B 391 -29.27 -29.62 -1.25
N ASP B 392 -30.41 -29.11 -0.89
CA ASP B 392 -31.08 -28.09 -1.71
C ASP B 392 -30.39 -26.74 -1.58
N ARG B 393 -30.78 -25.80 -2.43
CA ARG B 393 -30.14 -24.48 -2.45
C ARG B 393 -30.30 -23.77 -1.09
N ASP B 394 -31.42 -24.00 -0.44
CA ASP B 394 -31.69 -23.36 0.84
C ASP B 394 -31.03 -24.09 2.03
N TYR B 395 -30.01 -24.90 1.75
CA TYR B 395 -29.21 -25.59 2.77
C TYR B 395 -29.94 -26.75 3.46
N ARG B 396 -31.08 -27.13 2.91
CA ARG B 396 -31.88 -28.21 3.47
C ARG B 396 -31.50 -29.58 2.89
N MET B 397 -31.18 -30.55 3.71
CA MET B 397 -30.80 -31.87 3.21
C MET B 397 -31.99 -32.45 2.44
N VAL B 398 -31.71 -33.10 1.32
CA VAL B 398 -32.76 -33.75 0.54
C VAL B 398 -33.13 -35.07 1.22
N THR B 399 -34.42 -35.21 1.43
CA THR B 399 -35.00 -36.37 2.10
C THR B 399 -36.10 -37.04 1.31
N THR B 400 -36.35 -38.28 1.66
CA THR B 400 -37.48 -39.06 1.14
C THR B 400 -38.75 -38.55 1.75
N PRO B 401 -39.89 -38.98 1.23
CA PRO B 401 -41.19 -38.59 1.77
C PRO B 401 -41.43 -39.05 3.21
N ASP B 402 -40.66 -40.03 3.70
CA ASP B 402 -40.88 -40.51 5.03
C ASP B 402 -40.35 -39.51 6.01
N LEU B 403 -39.59 -38.53 5.56
CA LEU B 403 -39.06 -37.54 6.49
C LEU B 403 -39.51 -36.15 6.07
N ARG B 404 -40.26 -35.47 6.93
CA ARG B 404 -40.77 -34.16 6.57
C ARG B 404 -40.04 -33.03 7.31
N CYS B 405 -39.28 -33.37 8.34
CA CYS B 405 -38.47 -32.37 9.07
C CYS B 405 -37.37 -31.77 8.23
N GLY B 406 -37.12 -30.48 8.45
CA GLY B 406 -35.98 -29.83 7.83
C GLY B 406 -34.70 -30.10 8.60
N ILE B 407 -33.71 -30.64 7.91
CA ILE B 407 -32.37 -30.78 8.45
C ILE B 407 -31.50 -29.85 7.62
N TYR B 408 -31.12 -28.73 8.20
CA TYR B 408 -30.33 -27.72 7.49
C TYR B 408 -28.88 -27.75 7.93
N LEU B 409 -27.97 -27.49 6.98
CA LEU B 409 -26.54 -27.57 7.25
C LEU B 409 -25.85 -26.21 7.09
N GLN B 410 -25.20 -25.75 8.16
CA GLN B 410 -24.29 -24.59 8.06
C GLN B 410 -22.90 -25.13 8.25
N GLY B 411 -22.23 -25.38 7.14
CA GLY B 411 -21.02 -26.22 7.13
C GLY B 411 -21.40 -27.52 6.46
N GLY B 412 -20.41 -28.31 6.07
CA GLY B 412 -20.69 -29.58 5.40
C GLY B 412 -21.24 -29.48 3.99
N THR B 413 -21.24 -28.29 3.41
CA THR B 413 -21.86 -28.11 2.10
C THR B 413 -20.85 -27.72 1.03
N GLU B 414 -19.60 -28.06 1.23
CA GLU B 414 -18.57 -27.73 0.28
C GLU B 414 -18.88 -28.29 -1.10
N HIS B 415 -19.34 -29.52 -1.17
CA HIS B 415 -19.70 -30.15 -2.42
C HIS B 415 -20.88 -29.52 -3.12
N THR B 416 -21.86 -29.04 -2.37
CA THR B 416 -23.06 -28.50 -2.99
C THR B 416 -23.07 -26.99 -3.14
N HIS B 417 -22.55 -26.29 -2.13
CA HIS B 417 -22.60 -24.82 -2.12
C HIS B 417 -21.26 -24.13 -2.34
N GLY B 418 -20.17 -24.88 -2.17
CA GLY B 418 -18.85 -24.37 -2.52
C GLY B 418 -18.00 -23.81 -1.38
N LEU B 419 -17.07 -22.95 -1.77
CA LEU B 419 -15.94 -22.57 -0.92
C LEU B 419 -16.35 -21.78 0.31
N SER B 420 -17.53 -21.17 0.25
CA SER B 420 -17.99 -20.32 1.36
C SER B 420 -18.55 -21.15 2.52
N SER B 421 -18.64 -22.47 2.32
CA SER B 421 -19.37 -23.33 3.27
C SER B 421 -18.94 -23.22 4.75
N SER B 422 -17.63 -23.13 4.99
CA SER B 422 -17.14 -23.16 6.36
C SER B 422 -16.63 -21.79 6.80
N LEU B 423 -16.82 -20.77 5.96
CA LEU B 423 -16.30 -19.43 6.28
C LEU B 423 -17.36 -18.51 6.86
N LEU B 424 -16.95 -17.28 7.18
CA LEU B 424 -17.87 -16.28 7.72
C LEU B 424 -18.22 -15.23 6.67
N SER B 425 -18.11 -15.59 5.40
CA SER B 425 -18.23 -14.60 4.34
C SER B 425 -19.69 -14.35 4.00
N ASN B 426 -20.57 -15.26 4.40
CA ASN B 426 -21.95 -15.21 3.96
C ASN B 426 -22.97 -15.50 5.06
N LEU B 427 -22.69 -15.09 6.29
CA LEU B 427 -23.53 -15.45 7.43
C LEU B 427 -24.92 -14.89 7.31
N ALA B 428 -25.01 -13.65 6.85
CA ALA B 428 -26.31 -12.94 6.90
C ALA B 428 -27.33 -13.57 5.94
N THR B 429 -26.87 -13.89 4.75
CA THR B 429 -27.78 -14.40 3.72
C THR B 429 -28.05 -15.90 3.92
N ARG B 430 -27.05 -16.67 4.32
CA ARG B 430 -27.31 -18.09 4.57
C ARG B 430 -28.30 -18.26 5.71
N SER B 431 -28.11 -17.51 6.80
CA SER B 431 -29.01 -17.63 7.94
C SER B 431 -30.41 -17.16 7.53
N GLY B 432 -30.49 -16.04 6.80
CA GLY B 432 -31.78 -15.55 6.36
C GLY B 432 -32.51 -16.54 5.46
N GLU B 433 -31.78 -17.20 4.58
CA GLU B 433 -32.33 -18.17 3.67
C GLU B 433 -32.91 -19.34 4.41
N ILE B 434 -32.25 -19.74 5.46
CA ILE B 434 -32.66 -20.90 6.24
C ILE B 434 -33.89 -20.57 7.04
N VAL B 435 -33.91 -19.38 7.65
CA VAL B 435 -35.10 -18.95 8.36
C VAL B 435 -36.27 -18.84 7.40
N SER B 436 -36.05 -18.27 6.22
CA SER B 436 -37.15 -18.10 5.28
C SER B 436 -37.69 -19.45 4.85
N SER B 437 -36.80 -20.43 4.66
CA SER B 437 -37.21 -21.76 4.25
C SER B 437 -38.07 -22.38 5.35
N ILE B 438 -37.64 -22.25 6.60
CA ILE B 438 -38.39 -22.78 7.70
C ILE B 438 -39.77 -22.13 7.77
N GLU B 439 -39.86 -20.81 7.62
CA GLU B 439 -41.17 -20.15 7.67
C GLU B 439 -42.06 -20.60 6.52
N ARG B 440 -41.52 -20.65 5.34
CA ARG B 440 -42.20 -21.06 4.17
C ARG B 440 -42.90 -22.40 4.33
N ARG B 441 -42.18 -23.35 4.88
CA ARG B 441 -42.68 -24.68 5.03
C ARG B 441 -43.70 -24.79 6.13
N LYS B 442 -43.62 -23.93 7.11
CA LYS B 442 -44.49 -24.01 8.26
C LYS B 442 -45.95 -23.96 7.86
N PRO C 29 37.13 -18.76 -40.82
CA PRO C 29 37.10 -18.08 -39.52
C PRO C 29 36.03 -18.70 -38.64
N THR C 30 36.44 -19.41 -37.61
CA THR C 30 35.49 -20.06 -36.76
C THR C 30 35.32 -19.32 -35.46
N HIS C 31 34.12 -18.82 -35.26
CA HIS C 31 33.77 -18.11 -34.05
C HIS C 31 33.75 -19.05 -32.88
N ASP C 32 34.15 -18.55 -31.73
CA ASP C 32 33.99 -19.32 -30.54
C ASP C 32 32.48 -19.54 -30.28
N VAL C 33 31.66 -18.54 -30.57
CA VAL C 33 30.26 -18.58 -30.23
C VAL C 33 29.40 -17.80 -31.17
N VAL C 34 28.32 -18.39 -31.64
CA VAL C 34 27.30 -17.69 -32.38
C VAL C 34 25.99 -17.67 -31.55
N GLY C 35 25.34 -16.52 -31.49
CA GLY C 35 24.07 -16.41 -30.78
C GLY C 35 22.95 -16.32 -31.78
N VAL C 36 21.99 -17.24 -31.70
CA VAL C 36 20.81 -17.18 -32.54
C VAL C 36 19.70 -16.40 -31.85
N GLY C 37 19.32 -15.28 -32.45
CA GLY C 37 18.34 -14.38 -31.88
C GLY C 37 19.04 -13.27 -31.11
N PHE C 38 18.45 -12.07 -31.13
CA PHE C 38 18.94 -11.03 -30.27
C PHE C 38 17.83 -10.34 -29.48
N GLY C 39 17.19 -11.11 -28.60
CA GLY C 39 16.33 -10.52 -27.58
C GLY C 39 17.17 -10.25 -26.35
N PRO C 40 16.53 -9.91 -25.23
CA PRO C 40 17.26 -9.63 -23.98
C PRO C 40 18.19 -10.76 -23.54
N ALA C 41 17.83 -12.03 -23.81
CA ALA C 41 18.70 -13.14 -23.40
C ALA C 41 20.06 -13.08 -24.09
N ASN C 42 20.07 -12.97 -25.41
CA ASN C 42 21.38 -12.92 -26.10
C ASN C 42 22.05 -11.56 -25.93
N LEU C 43 21.26 -10.51 -25.67
CA LEU C 43 21.84 -9.22 -25.33
C LEU C 43 22.61 -9.39 -24.03
N SER C 44 22.03 -10.06 -23.03
CA SER C 44 22.79 -10.28 -21.79
C SER C 44 24.03 -11.14 -22.04
N LEU C 45 23.94 -12.05 -23.02
CA LEU C 45 25.11 -12.88 -23.36
C LEU C 45 26.22 -12.01 -23.96
N ALA C 46 25.86 -11.13 -24.91
CA ALA C 46 26.82 -10.19 -25.50
C ALA C 46 27.49 -9.33 -24.43
N VAL C 47 26.71 -8.84 -23.46
CA VAL C 47 27.28 -8.09 -22.36
C VAL C 47 28.23 -8.95 -21.53
N ALA C 48 27.82 -10.18 -21.27
CA ALA C 48 28.66 -11.08 -20.47
C ALA C 48 29.98 -11.35 -21.21
N LEU C 49 29.91 -11.47 -22.53
CA LEU C 49 31.10 -11.66 -23.35
C LEU C 49 32.01 -10.44 -23.27
N GLU C 50 31.46 -9.25 -23.46
CA GLU C 50 32.28 -8.08 -23.35
C GLU C 50 32.92 -7.98 -21.98
N GLU C 51 32.13 -8.15 -20.93
CA GLU C 51 32.68 -7.96 -19.58
C GLU C 51 33.71 -9.01 -19.19
N SER C 52 33.63 -10.18 -19.82
CA SER C 52 34.57 -11.25 -19.52
C SER C 52 35.95 -10.93 -20.09
N PRO C 53 37.01 -11.17 -19.29
CA PRO C 53 38.39 -10.94 -19.73
C PRO C 53 38.79 -11.95 -20.79
N ALA C 54 38.07 -13.07 -20.84
CA ALA C 54 38.32 -14.10 -21.85
C ALA C 54 38.21 -13.51 -23.27
N ALA C 55 39.10 -13.95 -24.15
CA ALA C 55 39.12 -13.48 -25.52
C ALA C 55 38.26 -14.40 -26.36
N LEU C 56 36.95 -14.13 -26.38
CA LEU C 56 36.04 -14.95 -27.15
C LEU C 56 35.56 -14.14 -28.35
N THR C 57 35.57 -14.75 -29.54
CA THR C 57 35.04 -14.11 -30.73
C THR C 57 33.59 -14.54 -30.86
N SER C 58 32.74 -13.71 -31.40
CA SER C 58 31.34 -14.03 -31.43
C SER C 58 30.68 -13.30 -32.53
N ALA C 59 29.48 -13.72 -32.85
CA ALA C 59 28.60 -13.05 -33.77
C ALA C 59 27.15 -13.35 -33.36
N PHE C 60 26.26 -12.40 -33.57
CA PHE C 60 24.85 -12.59 -33.20
C PHE C 60 23.98 -12.30 -34.40
N PHE C 61 22.99 -13.15 -34.65
CA PHE C 61 22.07 -12.96 -35.75
C PHE C 61 20.62 -12.75 -35.28
N GLU C 62 20.00 -11.68 -35.76
CA GLU C 62 18.62 -11.36 -35.43
C GLU C 62 17.83 -11.17 -36.72
N ARG C 63 16.74 -11.90 -36.85
CA ARG C 63 15.92 -11.85 -38.06
C ARG C 63 15.34 -10.46 -38.32
N ARG C 64 14.84 -9.80 -37.27
CA ARG C 64 14.23 -8.50 -37.43
C ARG C 64 15.25 -7.38 -37.67
N ALA C 65 14.77 -6.23 -38.08
CA ALA C 65 15.64 -5.15 -38.54
C ALA C 65 16.41 -4.49 -37.40
N SER C 66 15.87 -4.61 -36.19
CA SER C 66 16.49 -4.08 -35.01
C SER C 66 15.95 -4.81 -33.79
N ILE C 67 16.49 -4.48 -32.64
CA ILE C 67 16.07 -5.13 -31.42
C ILE C 67 14.59 -4.83 -31.19
N SER C 68 13.81 -5.86 -30.91
CA SER C 68 12.35 -5.70 -30.88
C SER C 68 11.75 -6.60 -29.82
N TRP C 69 11.50 -6.04 -28.64
CA TRP C 69 11.10 -6.89 -27.53
C TRP C 69 9.62 -6.73 -27.20
N HIS C 70 8.81 -7.71 -27.64
CA HIS C 70 7.36 -7.71 -27.37
C HIS C 70 6.68 -6.39 -27.61
N GLN C 71 6.93 -5.81 -28.78
CA GLN C 71 6.47 -4.46 -29.07
C GLN C 71 4.97 -4.39 -29.28
N GLY C 72 4.35 -5.51 -29.64
CA GLY C 72 2.89 -5.55 -29.77
C GLY C 72 2.17 -5.37 -28.44
N MET C 73 2.90 -5.48 -27.33
CA MET C 73 2.29 -5.38 -26.01
C MET C 73 2.90 -4.26 -25.17
N LEU C 74 3.50 -3.28 -25.83
CA LEU C 74 4.05 -2.10 -25.19
C LEU C 74 2.95 -1.06 -24.92
N LEU C 75 2.02 -1.44 -24.08
CA LEU C 75 0.92 -0.58 -23.73
C LEU C 75 1.39 0.55 -22.80
N PRO C 76 0.63 1.72 -22.88
CA PRO C 76 1.07 2.78 -21.98
C PRO C 76 0.97 2.32 -20.54
N ALA C 77 1.97 2.55 -19.74
CA ALA C 77 1.87 2.19 -18.32
C ALA C 77 2.01 0.73 -17.98
N ALA C 78 2.08 -0.14 -18.97
CA ALA C 78 2.38 -1.52 -18.73
C ALA C 78 3.71 -1.62 -17.98
N LYS C 79 3.81 -2.49 -16.99
CA LYS C 79 5.00 -2.56 -16.14
C LYS C 79 5.78 -3.86 -16.29
N MET C 80 7.09 -3.78 -16.06
CA MET C 80 7.97 -4.95 -16.09
C MET C 80 7.54 -5.99 -15.04
N GLN C 81 7.77 -7.27 -15.31
CA GLN C 81 7.46 -8.34 -14.34
C GLN C 81 8.58 -8.41 -13.32
N VAL C 82 9.75 -7.87 -13.65
CA VAL C 82 10.90 -8.00 -12.75
C VAL C 82 11.46 -6.63 -12.39
N SER C 83 12.14 -6.54 -11.26
CA SER C 83 12.57 -5.26 -10.76
C SER C 83 13.76 -4.76 -11.55
N PHE C 84 14.07 -3.47 -11.39
CA PHE C 84 15.11 -2.89 -12.24
C PHE C 84 16.48 -3.46 -11.87
N LEU C 85 16.62 -4.04 -10.69
CA LEU C 85 17.86 -4.72 -10.32
C LEU C 85 18.06 -6.06 -11.08
N LYS C 86 16.98 -6.65 -11.57
CA LYS C 86 17.10 -7.85 -12.39
C LYS C 86 17.24 -7.42 -13.83
N ASP C 87 18.37 -6.80 -14.12
CA ASP C 87 18.63 -6.26 -15.45
C ASP C 87 19.58 -7.20 -16.18
N LEU C 88 20.40 -6.65 -17.07
CA LEU C 88 21.29 -7.45 -17.90
C LEU C 88 22.48 -8.00 -17.15
N ALA C 89 22.89 -7.36 -16.05
CA ALA C 89 24.21 -7.68 -15.51
C ALA C 89 24.41 -7.56 -14.00
N THR C 90 23.56 -6.80 -13.35
CA THR C 90 23.80 -6.39 -11.97
C THR C 90 24.02 -7.53 -10.94
N PHE C 91 23.22 -8.60 -11.02
CA PHE C 91 23.40 -9.68 -10.06
C PHE C 91 24.77 -10.40 -10.25
N ARG C 92 25.36 -10.29 -11.43
CA ARG C 92 26.69 -10.85 -11.63
C ARG C 92 27.76 -9.81 -11.30
N ASN C 93 27.59 -8.62 -11.85
CA ASN C 93 28.57 -7.55 -11.72
C ASN C 93 27.84 -6.28 -11.28
N PRO C 94 27.85 -6.02 -9.97
CA PRO C 94 27.06 -4.92 -9.40
C PRO C 94 27.56 -3.55 -9.83
N ALA C 95 28.70 -3.50 -10.51
CA ALA C 95 29.19 -2.21 -11.00
C ALA C 95 29.27 -2.19 -12.53
N SER C 96 28.37 -2.92 -13.17
CA SER C 96 28.38 -3.01 -14.63
C SER C 96 28.04 -1.67 -15.30
N ARG C 97 28.71 -1.38 -16.40
CA ARG C 97 28.33 -0.23 -17.18
C ARG C 97 27.07 -0.46 -17.96
N PHE C 98 26.53 -1.65 -17.88
CA PHE C 98 25.31 -1.97 -18.60
C PHE C 98 24.10 -2.10 -17.68
N SER C 99 24.27 -1.79 -16.40
CA SER C 99 23.17 -1.86 -15.45
C SER C 99 22.05 -0.88 -15.76
N PHE C 100 20.84 -1.18 -15.28
CA PHE C 100 19.69 -0.26 -15.47
C PHE C 100 20.02 1.09 -14.82
N VAL C 101 20.70 1.02 -13.69
CA VAL C 101 21.10 2.23 -13.00
C VAL C 101 22.07 3.11 -13.82
N SER C 102 23.03 2.50 -14.51
CA SER C 102 23.93 3.27 -15.38
C SER C 102 23.13 3.90 -16.51
N PHE C 103 22.19 3.14 -17.06
CA PHE C 103 21.32 3.65 -18.11
C PHE C 103 20.56 4.89 -17.64
N LEU C 104 19.93 4.80 -16.47
CA LEU C 104 19.14 5.93 -15.95
C LEU C 104 20.06 7.15 -15.76
N HIS C 105 21.28 6.88 -15.32
CA HIS C 105 22.20 7.97 -15.03
C HIS C 105 22.60 8.68 -16.32
N GLU C 106 22.91 7.92 -17.36
CA GLU C 106 23.25 8.50 -18.66
C GLU C 106 22.08 9.25 -19.27
N ARG C 107 20.87 8.79 -19.00
CA ARG C 107 19.69 9.48 -19.53
C ARG C 107 19.29 10.66 -18.64
N GLY C 108 19.97 10.83 -17.50
CA GLY C 108 19.67 11.92 -16.58
C GLY C 108 18.38 11.73 -15.81
N ARG C 109 17.99 10.48 -15.59
CA ARG C 109 16.72 10.17 -14.91
C ARG C 109 16.90 9.30 -13.68
N LEU C 110 18.14 9.07 -13.26
CA LEU C 110 18.39 8.19 -12.11
C LEU C 110 17.75 8.78 -10.85
N VAL C 111 17.97 10.06 -10.61
CA VAL C 111 17.39 10.73 -9.46
C VAL C 111 15.87 10.72 -9.52
N ARG C 112 15.34 11.08 -10.66
CA ARG C 112 13.94 11.12 -10.84
C ARG C 112 13.29 9.75 -10.65
N PHE C 113 13.94 8.71 -11.15
CA PHE C 113 13.44 7.35 -11.05
C PHE C 113 13.47 6.95 -9.58
N ALA C 114 14.57 7.28 -8.92
CA ALA C 114 14.73 6.92 -7.51
C ALA C 114 13.66 7.56 -6.60
N ASN C 115 13.29 8.80 -6.92
CA ASN C 115 12.29 9.47 -6.11
C ASN C 115 10.92 8.83 -6.23
N ASN C 116 10.71 8.05 -7.27
CA ASN C 116 9.40 7.42 -7.47
C ASN C 116 9.16 6.21 -6.56
N HIS C 117 10.25 5.64 -6.06
CA HIS C 117 10.16 4.48 -5.16
C HIS C 117 9.37 3.31 -5.76
N ASP C 118 9.56 3.09 -7.06
CA ASP C 118 8.92 1.94 -7.72
C ASP C 118 10.01 1.02 -8.28
N PHE C 119 10.03 -0.23 -7.83
CA PHE C 119 11.02 -1.20 -8.30
C PHE C 119 10.84 -1.61 -9.77
N PHE C 120 9.68 -1.34 -10.33
CA PHE C 120 9.33 -1.86 -11.66
C PHE C 120 9.22 -0.73 -12.66
N PRO C 121 10.16 -0.67 -13.61
CA PRO C 121 10.05 0.25 -14.73
C PRO C 121 8.85 -0.09 -15.61
N THR C 122 8.45 0.84 -16.45
CA THR C 122 7.47 0.51 -17.45
C THR C 122 8.15 -0.34 -18.52
N ARG C 123 7.38 -1.15 -19.23
CA ARG C 123 7.95 -1.93 -20.32
C ARG C 123 8.54 -1.00 -21.39
N ARG C 124 7.92 0.14 -21.61
CA ARG C 124 8.43 1.15 -22.51
C ARG C 124 9.83 1.62 -22.15
N GLU C 125 10.06 1.94 -20.90
CA GLU C 125 11.39 2.38 -20.52
C GLU C 125 12.39 1.24 -20.60
N PHE C 126 11.93 0.03 -20.31
CA PHE C 126 12.82 -1.11 -20.37
C PHE C 126 13.26 -1.35 -21.81
N HIS C 127 12.35 -1.14 -22.76
CA HIS C 127 12.72 -1.28 -24.17
C HIS C 127 13.82 -0.27 -24.55
N ASP C 128 13.67 0.97 -24.09
CA ASP C 128 14.74 1.96 -24.28
C ASP C 128 16.04 1.53 -23.65
N TYR C 129 15.97 0.92 -22.48
CA TYR C 129 17.18 0.37 -21.84
C TYR C 129 17.88 -0.69 -22.72
N LEU C 130 17.09 -1.59 -23.31
CA LEU C 130 17.66 -2.62 -24.20
C LEU C 130 18.40 -1.98 -25.39
N GLU C 131 17.78 -1.01 -26.02
CA GLU C 131 18.33 -0.34 -27.15
C GLU C 131 19.59 0.45 -26.76
N TRP C 132 19.58 1.02 -25.59
CA TRP C 132 20.74 1.75 -25.09
C TRP C 132 21.88 0.79 -24.85
N ALA C 133 21.57 -0.39 -24.34
CA ALA C 133 22.61 -1.33 -23.97
C ALA C 133 23.21 -1.92 -25.24
N GLU C 134 22.35 -2.19 -26.22
CA GLU C 134 22.79 -2.68 -27.52
C GLU C 134 23.76 -1.71 -28.16
N SER C 135 23.41 -0.42 -28.16
CA SER C 135 24.29 0.61 -28.73
C SER C 135 25.65 0.68 -28.05
N LYS C 136 25.64 0.59 -26.73
CA LYS C 136 26.85 0.69 -25.93
C LYS C 136 27.79 -0.47 -26.24
N LEU C 137 27.22 -1.58 -26.68
CA LEU C 137 27.99 -2.77 -27.04
C LEU C 137 29.04 -2.45 -28.09
N ALA C 138 30.27 -2.89 -27.83
CA ALA C 138 31.37 -2.76 -28.78
C ALA C 138 31.08 -3.52 -30.08
N HIS C 139 30.66 -4.78 -29.96
CA HIS C 139 30.47 -5.63 -31.14
C HIS C 139 29.08 -5.47 -31.75
N GLU C 140 29.05 -5.23 -33.06
CA GLU C 140 27.82 -5.00 -33.80
C GLU C 140 27.05 -6.29 -34.11
N VAL C 141 25.73 -6.22 -34.00
CA VAL C 141 24.84 -7.36 -34.24
C VAL C 141 24.44 -7.41 -35.71
N SER C 142 24.26 -8.60 -36.25
CA SER C 142 23.81 -8.68 -37.61
C SER C 142 22.30 -8.76 -37.62
N TYR C 143 21.63 -7.75 -38.14
CA TYR C 143 20.20 -7.76 -38.25
C TYR C 143 19.73 -8.21 -39.61
N ASP C 144 18.43 -8.31 -39.79
CA ASP C 144 17.88 -8.83 -41.01
C ASP C 144 18.53 -10.15 -41.34
N SER C 145 18.82 -10.95 -40.34
CA SER C 145 19.55 -12.16 -40.53
C SER C 145 18.88 -13.30 -39.86
N GLU C 146 18.09 -14.08 -40.59
CA GLU C 146 17.38 -15.21 -40.01
C GLU C 146 18.15 -16.52 -40.12
N VAL C 147 18.48 -17.12 -39.00
CA VAL C 147 19.15 -18.42 -38.99
C VAL C 147 18.13 -19.46 -39.44
N THR C 148 18.47 -20.19 -40.51
CA THR C 148 17.56 -21.16 -41.09
C THR C 148 17.91 -22.60 -40.73
N ALA C 149 19.18 -22.84 -40.39
CA ALA C 149 19.60 -24.17 -40.02
C ALA C 149 20.92 -24.12 -39.27
N ILE C 150 21.11 -25.14 -38.42
CA ILE C 150 22.39 -25.39 -37.79
C ILE C 150 22.84 -26.81 -38.21
N ARG C 151 24.02 -26.92 -38.78
CA ARG C 151 24.49 -28.15 -39.40
C ARG C 151 25.81 -28.62 -38.88
N PRO C 152 26.04 -30.01 -38.98
CA PRO C 152 27.27 -30.43 -38.33
C PRO C 152 28.48 -29.88 -39.06
N GLY C 153 29.61 -29.83 -38.38
CA GLY C 153 30.83 -29.32 -38.99
C GLY C 153 31.67 -30.41 -39.63
N PRO C 154 32.52 -30.02 -40.67
CA PRO C 154 33.37 -31.11 -41.18
C PRO C 154 34.22 -31.66 -40.04
N GLY C 155 34.68 -32.90 -40.14
CA GLY C 155 35.31 -33.49 -38.99
C GLY C 155 34.48 -34.41 -38.16
N ARG C 156 35.09 -35.47 -37.66
CA ARG C 156 34.41 -36.38 -36.77
C ARG C 156 35.41 -36.83 -35.77
N PRO C 157 35.12 -36.71 -34.48
CA PRO C 157 33.82 -36.17 -34.03
C PRO C 157 33.66 -34.70 -34.40
N VAL C 158 32.41 -34.30 -34.64
CA VAL C 158 32.07 -32.93 -34.98
C VAL C 158 32.59 -31.89 -33.97
N ASP C 159 33.37 -30.98 -34.46
CA ASP C 159 34.18 -30.11 -33.64
C ASP C 159 33.60 -28.72 -33.66
N SER C 160 32.75 -28.45 -34.63
CA SER C 160 32.15 -27.15 -34.82
C SER C 160 30.74 -27.25 -35.41
N VAL C 161 30.05 -26.14 -35.61
CA VAL C 161 28.76 -26.22 -36.28
C VAL C 161 28.71 -25.18 -37.36
N LEU C 162 27.85 -25.39 -38.33
CA LEU C 162 27.72 -24.48 -39.45
C LEU C 162 26.37 -23.82 -39.34
N VAL C 163 26.36 -22.48 -39.34
CA VAL C 163 25.13 -21.74 -39.17
C VAL C 163 24.69 -21.09 -40.47
N ASP C 164 23.54 -21.49 -40.99
CA ASP C 164 23.07 -20.87 -42.20
C ASP C 164 22.21 -19.66 -41.95
N VAL C 165 22.51 -18.58 -42.64
CA VAL C 165 21.87 -17.31 -42.42
C VAL C 165 21.36 -16.71 -43.67
N SER C 166 20.16 -16.18 -43.61
CA SER C 166 19.56 -15.52 -44.73
C SER C 166 19.41 -14.05 -44.51
N THR C 167 19.95 -13.28 -45.41
CA THR C 167 19.78 -11.85 -45.40
C THR C 167 18.91 -11.51 -46.55
N PRO C 168 18.35 -10.33 -46.60
CA PRO C 168 17.52 -9.99 -47.76
C PRO C 168 18.33 -10.10 -49.03
N GLU C 169 19.63 -9.80 -48.91
CA GLU C 169 20.57 -9.92 -50.01
C GLU C 169 20.87 -11.32 -50.55
N ALA C 170 21.43 -12.17 -49.68
CA ALA C 170 21.85 -13.51 -50.09
C ALA C 170 21.65 -14.47 -48.93
N THR C 171 22.48 -15.50 -48.94
CA THR C 171 22.61 -16.40 -47.84
C THR C 171 24.08 -16.54 -47.60
N ARG C 172 24.43 -17.13 -46.47
CA ARG C 172 25.77 -17.20 -46.04
C ARG C 172 25.84 -18.23 -44.97
N THR C 173 27.03 -18.74 -44.74
CA THR C 173 27.20 -19.76 -43.76
C THR C 173 28.32 -19.37 -42.89
N VAL C 174 28.13 -19.46 -41.59
CA VAL C 174 29.21 -19.20 -40.69
C VAL C 174 29.45 -20.40 -39.81
N GLU C 175 30.61 -20.45 -39.19
CA GLU C 175 30.98 -21.60 -38.42
C GLU C 175 31.40 -21.20 -37.04
N ALA C 176 31.11 -22.06 -36.09
CA ALA C 176 31.30 -21.73 -34.70
C ALA C 176 31.62 -22.96 -33.88
N ARG C 177 32.40 -22.84 -32.84
CA ARG C 177 32.64 -23.93 -31.94
C ARG C 177 31.47 -24.19 -30.96
N ASN C 178 30.69 -23.14 -30.75
CA ASN C 178 29.56 -23.17 -29.84
C ASN C 178 28.44 -22.30 -30.30
N ILE C 179 27.23 -22.67 -29.94
CA ILE C 179 26.08 -21.87 -30.28
C ILE C 179 25.09 -21.69 -29.12
N VAL C 180 24.47 -20.55 -29.07
CA VAL C 180 23.52 -20.22 -28.03
C VAL C 180 22.21 -19.89 -28.66
N ILE C 181 21.26 -20.78 -28.46
CA ILE C 181 19.96 -20.63 -29.11
C ILE C 181 18.99 -19.91 -28.13
N SER C 182 18.52 -18.74 -28.55
CA SER C 182 17.66 -17.92 -27.70
C SER C 182 16.65 -17.23 -28.59
N THR C 183 15.76 -18.03 -29.16
CA THR C 183 14.85 -17.54 -30.19
C THR C 183 13.48 -17.19 -29.66
N GLY C 184 13.30 -17.33 -28.34
CA GLY C 184 12.10 -16.82 -27.70
C GLY C 184 10.91 -17.74 -27.77
N LEU C 185 9.78 -17.28 -27.19
CA LEU C 185 8.56 -18.09 -27.12
C LEU C 185 7.80 -18.09 -28.42
N VAL C 186 6.97 -19.11 -28.65
CA VAL C 186 6.15 -19.16 -29.85
C VAL C 186 4.68 -18.96 -29.49
N PRO C 187 4.02 -17.99 -30.15
CA PRO C 187 2.62 -17.65 -29.86
C PRO C 187 1.73 -18.89 -29.94
N ARG C 188 0.85 -19.07 -28.96
CA ARG C 188 -0.09 -20.18 -28.93
C ARG C 188 -1.52 -19.64 -29.01
N MET C 189 -2.30 -20.20 -29.95
CA MET C 189 -3.70 -19.83 -30.14
C MET C 189 -4.57 -20.94 -29.54
N PRO C 190 -5.85 -20.68 -29.32
CA PRO C 190 -6.71 -21.77 -28.89
C PRO C 190 -6.76 -22.85 -29.99
N ALA C 191 -6.88 -24.08 -29.58
CA ALA C 191 -7.04 -25.18 -30.52
C ALA C 191 -8.19 -24.87 -31.43
N GLY C 192 -7.91 -24.79 -32.71
CA GLY C 192 -8.95 -24.62 -33.70
C GLY C 192 -9.27 -23.18 -34.05
N VAL C 193 -8.37 -22.29 -33.68
CA VAL C 193 -8.48 -20.90 -34.04
C VAL C 193 -7.21 -20.48 -34.73
N GLN C 194 -7.39 -19.76 -35.81
CA GLN C 194 -6.27 -19.27 -36.53
C GLN C 194 -6.30 -17.76 -36.58
N SER C 195 -5.13 -17.18 -36.50
CA SER C 195 -5.02 -15.72 -36.56
C SER C 195 -5.37 -15.23 -37.96
N ASP C 196 -5.96 -14.04 -38.03
CA ASP C 196 -6.34 -13.40 -39.27
C ASP C 196 -6.55 -11.89 -39.07
N GLU C 197 -7.19 -11.22 -40.00
CA GLU C 197 -7.42 -9.80 -39.87
C GLU C 197 -8.21 -9.33 -38.70
N PHE C 198 -8.93 -10.28 -38.12
CA PHE C 198 -9.95 -10.00 -37.13
C PHE C 198 -9.78 -10.89 -35.93
N VAL C 199 -8.88 -11.84 -36.02
CA VAL C 199 -8.52 -12.68 -34.90
C VAL C 199 -7.02 -12.50 -34.65
N TRP C 200 -6.67 -11.86 -33.53
CA TRP C 200 -5.27 -11.52 -33.27
C TRP C 200 -4.72 -12.29 -32.10
N HIS C 201 -3.43 -12.58 -32.13
CA HIS C 201 -2.78 -13.05 -30.92
C HIS C 201 -2.38 -11.80 -30.13
N SER C 202 -2.41 -11.88 -28.80
CA SER C 202 -2.03 -10.72 -28.00
C SER C 202 -0.65 -10.16 -28.36
N SER C 203 0.27 -11.02 -28.79
CA SER C 203 1.63 -10.54 -29.11
C SER C 203 1.63 -9.52 -30.24
N ARG C 204 0.58 -9.47 -31.01
CA ARG C 204 0.44 -8.55 -32.12
C ARG C 204 -0.61 -7.48 -31.88
N PHE C 205 -1.07 -7.35 -30.65
CA PHE C 205 -2.19 -6.46 -30.39
C PHE C 205 -1.97 -5.02 -30.90
N LEU C 206 -0.88 -4.38 -30.50
CA LEU C 206 -0.67 -2.99 -30.91
C LEU C 206 -0.35 -2.86 -32.39
N ASP C 207 0.30 -3.87 -32.95
CA ASP C 207 0.59 -3.87 -34.38
C ASP C 207 -0.72 -3.75 -35.18
N HIS C 208 -1.72 -4.54 -34.81
CA HIS C 208 -3.03 -4.39 -35.43
C HIS C 208 -3.77 -3.17 -34.94
N PHE C 209 -3.75 -2.89 -33.64
CA PHE C 209 -4.59 -1.83 -33.09
C PHE C 209 -4.28 -0.43 -33.62
N ARG C 210 -3.00 -0.21 -33.89
CA ARG C 210 -2.45 1.07 -34.22
C ARG C 210 -3.30 1.93 -35.11
N ASP C 211 -3.33 1.65 -36.40
CA ASP C 211 -4.11 2.48 -37.30
C ASP C 211 -5.32 1.73 -37.78
N ARG C 212 -6.02 1.13 -36.83
CA ARG C 212 -7.32 0.55 -37.07
C ARG C 212 -8.27 1.71 -36.86
N ASP C 213 -9.27 1.90 -37.69
CA ASP C 213 -10.30 2.85 -37.35
C ASP C 213 -11.05 2.48 -36.06
N PRO C 214 -11.16 3.44 -35.13
CA PRO C 214 -11.89 3.22 -33.88
C PRO C 214 -13.33 2.77 -34.12
N ARG C 215 -14.01 3.39 -35.08
CA ARG C 215 -15.38 3.05 -35.38
C ARG C 215 -15.51 1.58 -35.62
N SER C 216 -14.40 0.93 -35.92
CA SER C 216 -14.45 -0.45 -36.28
C SER C 216 -14.10 -1.37 -35.15
N LEU C 217 -13.79 -0.83 -33.99
CA LEU C 217 -13.54 -1.66 -32.84
C LEU C 217 -14.50 -1.34 -31.71
N ARG C 218 -15.78 -1.32 -32.03
CA ARG C 218 -16.83 -1.04 -31.07
C ARG C 218 -17.05 -2.15 -30.08
N ARG C 219 -16.80 -3.35 -30.52
CA ARG C 219 -16.84 -4.49 -29.70
C ARG C 219 -15.72 -5.49 -29.84
N VAL C 220 -15.09 -5.74 -28.73
CA VAL C 220 -13.89 -6.57 -28.70
C VAL C 220 -14.02 -7.70 -27.68
N ALA C 221 -13.65 -8.91 -28.10
CA ALA C 221 -13.54 -10.01 -27.17
C ALA C 221 -12.06 -10.28 -26.92
N VAL C 222 -11.73 -10.52 -25.66
CA VAL C 222 -10.37 -10.84 -25.28
C VAL C 222 -10.38 -12.16 -24.52
N ALA C 223 -9.73 -13.18 -25.08
CA ALA C 223 -9.75 -14.51 -24.44
C ALA C 223 -8.47 -14.69 -23.64
N GLY C 224 -8.59 -15.24 -22.44
CA GLY C 224 -7.44 -15.56 -21.63
C GLY C 224 -7.62 -15.05 -20.21
N GLY C 225 -6.87 -15.62 -19.27
CA GLY C 225 -7.04 -15.24 -17.88
C GLY C 225 -5.81 -14.59 -17.26
N GLY C 226 -4.81 -14.30 -18.09
CA GLY C 226 -3.52 -13.88 -17.55
C GLY C 226 -3.21 -12.42 -17.77
N GLN C 227 -1.95 -12.07 -17.53
CA GLN C 227 -1.54 -10.65 -17.45
C GLN C 227 -1.83 -9.89 -18.72
N SER C 228 -1.46 -10.48 -19.86
CA SER C 228 -1.69 -9.79 -21.13
C SER C 228 -3.19 -9.56 -21.38
N ALA C 229 -4.00 -10.57 -21.09
CA ALA C 229 -5.47 -10.42 -21.22
C ALA C 229 -6.02 -9.22 -20.43
N ALA C 230 -5.71 -9.19 -19.14
CA ALA C 230 -6.20 -8.10 -18.29
C ALA C 230 -5.68 -6.74 -18.77
N GLU C 231 -4.39 -6.67 -19.10
CA GLU C 231 -3.80 -5.42 -19.57
C GLU C 231 -4.52 -4.90 -20.82
N ILE C 232 -4.84 -5.81 -21.73
CA ILE C 232 -5.50 -5.41 -22.96
C ILE C 232 -6.94 -4.94 -22.65
N VAL C 233 -7.64 -5.68 -21.81
CA VAL C 233 -9.01 -5.26 -21.44
C VAL C 233 -8.96 -3.84 -20.83
N ARG C 234 -7.98 -3.62 -19.96
CA ARG C 234 -7.88 -2.32 -19.30
C ARG C 234 -7.53 -1.23 -20.29
N PHE C 235 -6.58 -1.51 -21.18
CA PHE C 235 -6.22 -0.54 -22.21
C PHE C 235 -7.44 -0.17 -23.06
N LEU C 236 -8.21 -1.17 -23.50
CA LEU C 236 -9.41 -0.90 -24.30
C LEU C 236 -10.44 -0.05 -23.53
N HIS C 237 -10.66 -0.40 -22.28
CA HIS C 237 -11.63 0.35 -21.49
C HIS C 237 -11.18 1.82 -21.37
N ASP C 238 -9.90 2.03 -21.15
CA ASP C 238 -9.34 3.35 -20.93
C ASP C 238 -9.19 4.16 -22.22
N ASN C 239 -8.97 3.48 -23.34
CA ASN C 239 -8.69 4.15 -24.60
C ASN C 239 -9.93 4.76 -25.26
N ARG C 240 -10.98 3.95 -25.38
CA ARG C 240 -12.19 4.37 -26.05
C ARG C 240 -13.34 4.17 -25.10
N PRO C 241 -14.09 5.31 -24.79
CA PRO C 241 -15.15 5.05 -23.80
C PRO C 241 -16.41 4.34 -24.34
N ASP C 242 -16.41 3.95 -25.59
CA ASP C 242 -17.60 3.39 -26.22
C ASP C 242 -17.44 1.91 -26.49
N THR C 243 -16.21 1.45 -26.50
CA THR C 243 -15.92 0.07 -26.74
C THR C 243 -16.47 -0.83 -25.66
N VAL C 244 -17.18 -1.83 -26.11
CA VAL C 244 -17.69 -2.92 -25.27
C VAL C 244 -16.69 -4.06 -25.29
N VAL C 245 -16.33 -4.58 -24.12
CA VAL C 245 -15.26 -5.59 -24.06
C VAL C 245 -15.77 -6.84 -23.35
N HIS C 246 -15.62 -7.99 -24.01
CA HIS C 246 -15.92 -9.28 -23.42
C HIS C 246 -14.64 -9.98 -23.00
N ALA C 247 -14.45 -10.15 -21.69
CA ALA C 247 -13.26 -10.80 -21.17
C ALA C 247 -13.63 -12.25 -20.90
N ILE C 248 -13.10 -13.16 -21.73
CA ILE C 248 -13.48 -14.57 -21.65
C ILE C 248 -12.37 -15.39 -21.01
N MET C 249 -12.65 -15.92 -19.83
CA MET C 249 -11.61 -16.61 -19.06
C MET C 249 -12.12 -17.92 -18.51
N PRO C 250 -11.19 -18.84 -18.27
CA PRO C 250 -11.56 -20.16 -17.73
C PRO C 250 -11.86 -20.11 -16.21
N SER C 251 -11.27 -19.13 -15.53
CA SER C 251 -11.48 -19.00 -14.10
C SER C 251 -12.75 -18.20 -13.78
N TYR C 252 -13.09 -18.13 -12.50
CA TYR C 252 -14.21 -17.32 -12.08
C TYR C 252 -13.58 -16.01 -11.63
N GLY C 253 -13.25 -15.16 -12.59
CA GLY C 253 -12.60 -13.89 -12.30
C GLY C 253 -11.09 -14.05 -12.34
N TYR C 254 -10.42 -12.97 -12.73
CA TYR C 254 -8.96 -12.88 -12.73
C TYR C 254 -8.37 -13.38 -11.40
N VAL C 255 -7.32 -14.18 -11.48
CA VAL C 255 -6.60 -14.68 -10.32
C VAL C 255 -5.33 -13.83 -10.13
N VAL C 256 -5.00 -13.48 -8.89
CA VAL C 256 -3.87 -12.59 -8.64
C VAL C 256 -2.50 -13.27 -8.78
N ALA C 257 -1.51 -12.51 -9.27
CA ALA C 257 -0.13 -12.96 -9.36
C ALA C 257 0.54 -12.88 -8.00
N ASP C 258 1.32 -13.90 -7.65
CA ASP C 258 2.03 -13.91 -6.38
C ASP C 258 3.36 -13.18 -6.58
N ASN C 259 3.49 -11.99 -5.99
CA ASN C 259 4.73 -11.24 -6.12
C ASN C 259 5.38 -11.00 -4.76
N THR C 260 5.07 -11.86 -3.80
CA THR C 260 5.65 -11.78 -2.45
C THR C 260 7.13 -12.22 -2.47
N PRO C 261 7.89 -11.87 -1.41
CA PRO C 261 9.35 -12.14 -1.48
C PRO C 261 9.71 -13.63 -1.56
N PHE C 262 9.00 -14.52 -0.86
CA PHE C 262 9.31 -15.93 -0.97
C PHE C 262 9.04 -16.44 -2.40
N ALA C 263 8.02 -15.88 -3.05
CA ALA C 263 7.72 -16.19 -4.45
C ALA C 263 8.80 -15.71 -5.41
N ASN C 264 9.29 -14.50 -5.19
CA ASN C 264 10.31 -13.96 -6.02
C ASN C 264 11.54 -14.87 -5.95
N GLN C 265 11.72 -15.57 -4.85
CA GLN C 265 12.88 -16.44 -4.59
C GLN C 265 13.01 -17.62 -5.54
N ILE C 266 11.90 -18.13 -6.05
CA ILE C 266 12.01 -19.26 -6.95
C ILE C 266 12.69 -18.84 -8.25
N PHE C 267 12.80 -17.54 -8.49
CA PHE C 267 13.46 -17.04 -9.70
C PHE C 267 14.90 -16.61 -9.47
N ASP C 268 15.40 -16.83 -8.25
CA ASP C 268 16.81 -16.64 -7.91
C ASP C 268 17.64 -17.81 -8.46
N PRO C 269 18.94 -17.58 -8.75
CA PRO C 269 19.87 -18.64 -9.19
C PRO C 269 19.91 -19.81 -8.22
N ALA C 270 19.87 -19.52 -6.92
CA ALA C 270 19.89 -20.57 -5.90
C ALA C 270 18.71 -21.52 -6.06
N ALA C 271 17.58 -20.99 -6.54
CA ALA C 271 16.40 -21.82 -6.71
C ALA C 271 16.49 -22.62 -8.00
N VAL C 272 17.27 -22.12 -8.95
CA VAL C 272 17.54 -22.89 -10.16
C VAL C 272 18.26 -24.18 -9.77
N ASP C 273 19.29 -24.05 -8.92
CA ASP C 273 19.96 -25.22 -8.36
C ASP C 273 18.98 -26.19 -7.70
N ASP C 274 18.11 -25.67 -6.83
CA ASP C 274 17.19 -26.56 -6.11
C ASP C 274 16.27 -27.30 -7.08
N TYR C 275 15.82 -26.59 -8.12
CA TYR C 275 14.97 -27.22 -9.11
C TYR C 275 15.78 -28.22 -9.95
N PHE C 276 16.95 -27.80 -10.41
CA PHE C 276 17.79 -28.65 -11.26
C PHE C 276 18.15 -29.95 -10.55
N ASP C 277 18.69 -29.85 -9.34
CA ASP C 277 19.09 -31.04 -8.55
C ASP C 277 17.90 -31.84 -8.00
N GLY C 278 16.70 -31.29 -8.13
CA GLY C 278 15.55 -31.87 -7.45
C GLY C 278 14.97 -33.05 -8.17
N SER C 279 14.31 -33.93 -7.42
CA SER C 279 13.64 -35.09 -8.01
C SER C 279 12.52 -34.61 -8.90
N LYS C 280 11.98 -35.52 -9.73
CA LYS C 280 10.83 -35.17 -10.57
C LYS C 280 9.65 -34.75 -9.68
N GLN C 281 9.56 -35.34 -8.49
CA GLN C 281 8.49 -35.01 -7.56
C GLN C 281 8.60 -33.54 -7.14
N ALA C 282 9.81 -33.14 -6.82
CA ALA C 282 10.08 -31.76 -6.41
C ALA C 282 9.82 -30.77 -7.55
N LYS C 283 10.26 -31.13 -8.75
CA LYS C 283 10.06 -30.27 -9.92
C LYS C 283 8.57 -30.07 -10.15
N ASP C 284 7.79 -31.15 -10.02
CA ASP C 284 6.34 -31.08 -10.20
C ASP C 284 5.74 -30.12 -9.16
N ALA C 285 6.31 -30.14 -7.96
CA ALA C 285 5.83 -29.32 -6.86
C ALA C 285 5.99 -27.83 -7.16
N PHE C 286 7.14 -27.47 -7.73
CA PHE C 286 7.38 -26.09 -8.15
C PHE C 286 6.26 -25.57 -9.03
N TRP C 287 5.94 -26.33 -10.08
CA TRP C 287 4.94 -25.92 -11.05
C TRP C 287 3.56 -25.97 -10.41
N ARG C 288 3.33 -26.95 -9.54
CA ARG C 288 2.04 -27.09 -8.87
C ARG C 288 1.75 -25.94 -7.87
N TYR C 289 2.64 -25.73 -6.91
CA TYR C 289 2.45 -24.67 -5.91
C TYR C 289 2.74 -23.26 -6.39
N HIS C 290 3.53 -23.11 -7.45
CA HIS C 290 3.98 -21.76 -7.82
C HIS C 290 3.73 -21.37 -9.27
N ARG C 291 2.67 -21.86 -9.83
CA ARG C 291 2.38 -21.53 -11.20
C ARG C 291 1.59 -20.26 -11.25
N ASN C 292 1.09 -19.78 -10.11
CA ASN C 292 0.34 -18.54 -10.07
C ASN C 292 1.33 -17.34 -9.84
N THR C 293 2.30 -17.16 -10.71
CA THR C 293 3.35 -16.16 -10.46
C THR C 293 3.64 -15.02 -11.44
N ASN C 294 3.32 -15.20 -12.70
CA ASN C 294 3.47 -14.13 -13.65
C ASN C 294 2.42 -14.16 -14.74
N TYR C 295 2.77 -14.61 -15.92
CA TYR C 295 1.93 -14.44 -17.09
C TYR C 295 0.60 -15.16 -17.06
N SER C 296 0.49 -16.27 -16.37
CA SER C 296 -0.76 -16.97 -16.29
C SER C 296 -1.74 -16.30 -15.32
N VAL C 297 -1.28 -15.31 -14.62
CA VAL C 297 -2.12 -14.64 -13.63
C VAL C 297 -1.97 -13.13 -13.76
N VAL C 298 -2.62 -12.36 -12.89
CA VAL C 298 -2.69 -10.94 -13.11
C VAL C 298 -2.28 -10.16 -11.86
N ASP C 299 -1.57 -9.07 -12.08
CA ASP C 299 -1.05 -8.23 -11.00
C ASP C 299 -2.18 -7.57 -10.17
N ASP C 300 -1.95 -7.48 -8.88
CA ASP C 300 -2.94 -6.89 -8.00
C ASP C 300 -3.44 -5.52 -8.50
N GLU C 301 -2.55 -4.66 -8.99
CA GLU C 301 -2.95 -3.32 -9.46
C GLU C 301 -3.85 -3.37 -10.66
N VAL C 302 -3.55 -4.28 -11.57
CA VAL C 302 -4.36 -4.33 -12.78
C VAL C 302 -5.77 -4.83 -12.44
N ILE C 303 -5.83 -5.84 -11.59
CA ILE C 303 -7.10 -6.39 -11.17
C ILE C 303 -7.96 -5.34 -10.47
N ARG C 304 -7.38 -4.57 -9.56
CA ARG C 304 -8.11 -3.56 -8.82
C ARG C 304 -8.58 -2.48 -9.74
N ASP C 305 -7.73 -2.09 -10.66
CA ASP C 305 -8.13 -1.06 -11.62
C ASP C 305 -9.33 -1.49 -12.47
N LEU C 306 -9.30 -2.73 -12.94
CA LEU C 306 -10.44 -3.26 -13.70
C LEU C 306 -11.73 -3.30 -12.88
N TYR C 307 -11.60 -3.71 -11.62
CA TYR C 307 -12.77 -3.87 -10.80
C TYR C 307 -13.37 -2.50 -10.52
N ARG C 308 -12.50 -1.54 -10.27
CA ARG C 308 -12.88 -0.16 -10.06
C ARG C 308 -13.59 0.40 -11.27
N ARG C 309 -13.02 0.14 -12.44
CA ARG C 309 -13.63 0.57 -13.69
C ARG C 309 -15.04 -0.01 -13.84
N GLY C 310 -15.19 -1.30 -13.56
CA GLY C 310 -16.51 -1.92 -13.66
C GLY C 310 -17.47 -1.30 -12.67
N TYR C 311 -16.99 -1.06 -11.45
CA TYR C 311 -17.86 -0.51 -10.41
C TYR C 311 -18.34 0.88 -10.85
N ASP C 312 -17.41 1.75 -11.25
CA ASP C 312 -17.81 3.11 -11.61
C ASP C 312 -18.76 3.09 -12.81
N ASP C 313 -18.55 2.19 -13.76
CA ASP C 313 -19.48 2.08 -14.89
C ASP C 313 -20.88 1.73 -14.38
N GLU C 314 -20.95 0.84 -13.38
CA GLU C 314 -22.25 0.46 -12.83
C GLU C 314 -22.94 1.64 -12.15
N VAL C 315 -22.19 2.40 -11.34
CA VAL C 315 -22.72 3.60 -10.73
C VAL C 315 -23.23 4.53 -11.82
N ALA C 316 -22.46 4.66 -12.90
CA ALA C 316 -22.88 5.56 -13.98
C ALA C 316 -24.04 4.96 -14.81
N GLY C 317 -24.38 3.70 -14.55
CA GLY C 317 -25.40 3.02 -15.35
C GLY C 317 -25.00 2.86 -16.82
N ALA C 318 -23.71 2.68 -17.09
CA ALA C 318 -23.20 2.49 -18.46
C ALA C 318 -22.21 1.34 -18.52
N PRO C 319 -22.69 0.10 -18.33
CA PRO C 319 -21.77 -1.05 -18.28
C PRO C 319 -21.13 -1.35 -19.64
N ARG C 320 -19.85 -1.68 -19.65
CA ARG C 320 -19.08 -1.90 -20.84
C ARG C 320 -18.25 -3.16 -20.76
N LEU C 321 -17.82 -3.50 -19.58
CA LEU C 321 -16.97 -4.66 -19.38
C LEU C 321 -17.83 -5.85 -19.04
N ASN C 322 -17.79 -6.86 -19.89
CA ASN C 322 -18.48 -8.11 -19.66
C ASN C 322 -17.54 -9.22 -19.31
N PHE C 323 -17.55 -9.63 -18.06
CA PHE C 323 -16.65 -10.69 -17.62
C PHE C 323 -17.34 -12.03 -17.81
N VAL C 324 -16.86 -12.82 -18.78
CA VAL C 324 -17.45 -14.12 -19.11
C VAL C 324 -16.62 -15.20 -18.41
N ASN C 325 -17.08 -15.62 -17.23
CA ASN C 325 -16.31 -16.52 -16.37
C ASN C 325 -16.47 -17.97 -16.80
N LEU C 326 -15.53 -18.81 -16.39
CA LEU C 326 -15.67 -20.25 -16.53
C LEU C 326 -15.98 -20.61 -17.97
N ALA C 327 -15.24 -20.00 -18.90
CA ALA C 327 -15.55 -20.17 -20.31
C ALA C 327 -14.28 -20.18 -21.16
N HIS C 328 -14.38 -20.77 -22.34
CA HIS C 328 -13.25 -20.87 -23.28
C HIS C 328 -13.71 -20.49 -24.68
N VAL C 329 -12.82 -19.90 -25.47
CA VAL C 329 -13.13 -19.69 -26.87
C VAL C 329 -12.75 -20.97 -27.63
N VAL C 330 -13.71 -21.55 -28.38
CA VAL C 330 -13.46 -22.78 -29.10
C VAL C 330 -13.53 -22.64 -30.62
N GLY C 331 -13.85 -21.45 -31.11
CA GLY C 331 -13.86 -21.23 -32.55
C GLY C 331 -14.10 -19.78 -32.89
N ALA C 332 -13.68 -19.37 -34.08
CA ALA C 332 -13.99 -18.03 -34.59
C ALA C 332 -14.18 -18.05 -36.11
N LYS C 333 -15.17 -17.32 -36.61
CA LYS C 333 -15.43 -17.27 -38.04
C LYS C 333 -15.98 -15.91 -38.46
N ARG C 334 -15.43 -15.36 -39.54
CA ARG C 334 -15.88 -14.05 -40.03
C ARG C 334 -17.21 -14.20 -40.78
N ILE C 335 -18.25 -13.54 -40.34
CA ILE C 335 -19.51 -13.67 -41.06
C ILE C 335 -20.04 -12.31 -41.32
N ALA C 336 -20.00 -11.93 -42.57
CA ALA C 336 -20.28 -10.59 -43.01
C ALA C 336 -19.37 -9.64 -42.28
N ASP C 337 -19.90 -8.65 -41.61
CA ASP C 337 -19.11 -7.68 -40.90
C ASP C 337 -18.98 -8.04 -39.43
N ASP C 338 -18.93 -9.32 -39.11
CA ASP C 338 -18.81 -9.72 -37.74
C ASP C 338 -17.90 -10.87 -37.56
N THR C 339 -17.20 -10.87 -36.46
CA THR C 339 -16.38 -11.96 -36.09
C THR C 339 -17.19 -12.77 -35.13
N ARG C 340 -17.53 -13.95 -35.53
CA ARG C 340 -18.41 -14.74 -34.69
C ARG C 340 -17.60 -15.69 -33.85
N VAL C 341 -17.57 -15.44 -32.54
CA VAL C 341 -16.73 -16.21 -31.64
C VAL C 341 -17.59 -17.28 -31.00
N THR C 342 -17.13 -18.52 -31.03
CA THR C 342 -17.88 -19.57 -30.35
C THR C 342 -17.30 -19.83 -28.98
N VAL C 343 -18.15 -19.70 -27.97
CA VAL C 343 -17.72 -19.70 -26.59
C VAL C 343 -18.33 -20.93 -25.95
N TYR C 344 -17.50 -21.69 -25.24
CA TYR C 344 -18.03 -22.79 -24.45
C TYR C 344 -18.16 -22.40 -22.97
N SER C 345 -19.37 -22.47 -22.45
CA SER C 345 -19.63 -22.18 -21.01
C SER C 345 -19.48 -23.46 -20.19
N MET C 346 -18.48 -23.50 -19.33
CA MET C 346 -18.32 -24.67 -18.46
C MET C 346 -19.50 -24.90 -17.51
N ALA C 347 -20.11 -23.82 -17.04
CA ALA C 347 -21.18 -23.95 -16.05
C ALA C 347 -22.37 -24.65 -16.69
N ARG C 348 -22.72 -24.22 -17.89
CA ARG C 348 -23.88 -24.68 -18.56
C ARG C 348 -23.62 -25.90 -19.49
N GLU C 349 -22.36 -26.17 -19.72
CA GLU C 349 -21.94 -27.24 -20.62
C GLU C 349 -22.59 -27.11 -21.98
N GLU C 350 -22.67 -25.88 -22.48
CA GLU C 350 -23.15 -25.62 -23.80
C GLU C 350 -22.25 -24.56 -24.42
N SER C 351 -22.27 -24.46 -25.75
CA SER C 351 -21.52 -23.42 -26.43
C SER C 351 -22.51 -22.50 -27.12
N TYR C 352 -22.05 -21.30 -27.46
CA TYR C 352 -22.92 -20.27 -28.01
C TYR C 352 -22.05 -19.28 -28.73
N ASP C 353 -22.65 -18.53 -29.65
CA ASP C 353 -21.88 -17.58 -30.44
C ASP C 353 -21.99 -16.18 -29.90
N LEU C 354 -20.93 -15.39 -30.07
CA LEU C 354 -20.84 -14.01 -29.65
C LEU C 354 -20.28 -13.21 -30.84
N ASP C 355 -21.03 -12.25 -31.35
CA ASP C 355 -20.56 -11.39 -32.45
C ASP C 355 -19.79 -10.20 -31.92
N VAL C 356 -18.56 -10.03 -32.42
CA VAL C 356 -17.72 -8.88 -32.10
C VAL C 356 -17.00 -8.36 -33.36
N ASP C 357 -16.28 -7.25 -33.24
CA ASP C 357 -15.49 -6.76 -34.38
C ASP C 357 -14.17 -7.49 -34.47
N VAL C 358 -13.57 -7.75 -33.31
CA VAL C 358 -12.24 -8.35 -33.25
C VAL C 358 -12.16 -9.26 -32.03
N LEU C 359 -11.52 -10.41 -32.23
CA LEU C 359 -11.21 -11.32 -31.13
C LEU C 359 -9.71 -11.27 -30.88
N VAL C 360 -9.32 -10.99 -29.65
CA VAL C 360 -7.89 -11.00 -29.31
C VAL C 360 -7.63 -12.21 -28.43
N CYS C 361 -6.68 -13.04 -28.83
CA CYS C 361 -6.36 -14.23 -28.04
C CYS C 361 -5.09 -13.98 -27.23
N ALA C 362 -5.27 -13.60 -25.98
CA ALA C 362 -4.15 -13.50 -25.06
C ALA C 362 -4.01 -14.87 -24.42
N THR C 363 -3.63 -15.85 -25.24
CA THR C 363 -3.62 -17.25 -24.83
C THR C 363 -2.21 -17.84 -24.67
N GLY C 364 -1.23 -16.96 -24.61
CA GLY C 364 0.08 -17.36 -24.15
C GLY C 364 0.93 -17.93 -25.26
N TYR C 365 1.85 -18.81 -24.85
CA TYR C 365 2.92 -19.24 -25.73
C TYR C 365 3.28 -20.70 -25.50
N ASP C 366 3.93 -21.27 -26.50
CA ASP C 366 4.65 -22.53 -26.34
C ASP C 366 6.12 -22.20 -26.16
N PRO C 367 6.83 -23.03 -25.46
CA PRO C 367 8.23 -22.75 -25.17
C PRO C 367 9.13 -22.81 -26.39
N MET C 368 10.33 -22.26 -26.25
CA MET C 368 11.33 -22.38 -27.27
C MET C 368 11.66 -23.85 -27.43
N ASP C 369 11.85 -24.32 -28.66
CA ASP C 369 12.38 -25.67 -28.91
C ASP C 369 13.44 -25.67 -30.00
N PRO C 370 14.67 -25.97 -29.62
CA PRO C 370 15.83 -26.00 -30.52
C PRO C 370 15.71 -27.08 -31.58
N GLY C 371 14.94 -28.10 -31.29
CA GLY C 371 14.79 -29.25 -32.14
C GLY C 371 14.81 -28.96 -33.61
N ASP C 372 13.89 -28.14 -34.08
CA ASP C 372 13.73 -27.98 -35.50
C ASP C 372 14.89 -27.27 -36.16
N LEU C 373 15.46 -26.26 -35.52
CA LEU C 373 16.64 -25.63 -36.07
C LEU C 373 17.83 -26.55 -36.20
N LEU C 374 17.96 -27.44 -35.25
CA LEU C 374 19.08 -28.28 -35.15
C LEU C 374 19.13 -29.38 -36.25
N GLY C 375 18.01 -29.63 -36.92
CA GLY C 375 17.92 -30.70 -37.90
C GLY C 375 18.69 -31.96 -37.55
N GLU C 376 19.68 -32.29 -38.37
CA GLU C 376 20.43 -33.53 -38.18
C GLU C 376 21.17 -33.59 -36.88
N LEU C 377 21.62 -32.45 -36.37
CA LEU C 377 22.32 -32.43 -35.11
C LEU C 377 21.48 -32.95 -33.98
N ALA C 378 20.16 -32.85 -34.13
CA ALA C 378 19.24 -33.25 -33.08
C ALA C 378 19.46 -34.68 -32.65
N GLU C 379 19.87 -35.49 -33.61
CA GLU C 379 20.00 -36.91 -33.44
C GLU C 379 21.07 -37.22 -32.46
N HIS C 380 22.00 -36.32 -32.32
CA HIS C 380 23.08 -36.50 -31.39
C HIS C 380 22.78 -35.91 -30.03
N CYS C 381 21.64 -35.25 -29.92
CA CYS C 381 21.26 -34.66 -28.67
C CYS C 381 20.54 -35.65 -27.81
N VAL C 382 21.06 -35.87 -26.62
CA VAL C 382 20.50 -36.88 -25.77
C VAL C 382 19.14 -36.50 -25.25
N GLN C 383 18.19 -37.42 -25.23
CA GLN C 383 16.85 -37.12 -24.64
C GLN C 383 16.51 -37.77 -23.31
N ASP C 384 15.49 -37.27 -22.63
CA ASP C 384 15.12 -37.82 -21.33
C ASP C 384 13.94 -38.74 -21.42
N ALA C 385 13.50 -39.19 -20.27
CA ALA C 385 12.40 -40.14 -20.16
C ALA C 385 11.12 -39.74 -20.88
N GLU C 386 10.84 -38.45 -20.99
CA GLU C 386 9.59 -38.01 -21.58
C GLU C 386 9.80 -37.48 -22.98
N GLY C 387 10.97 -37.72 -23.53
CA GLY C 387 11.29 -37.24 -24.86
C GLY C 387 11.70 -35.79 -24.97
N ARG C 388 12.16 -35.22 -23.89
CA ARG C 388 12.61 -33.83 -23.87
C ARG C 388 14.12 -33.79 -23.81
N TRP C 389 14.73 -32.70 -24.24
CA TRP C 389 16.17 -32.62 -24.29
C TRP C 389 16.81 -32.64 -22.92
N GLN C 390 17.85 -33.44 -22.74
CA GLN C 390 18.65 -33.34 -21.54
C GLN C 390 19.48 -32.05 -21.64
N VAL C 391 19.73 -31.40 -20.50
CA VAL C 391 20.55 -30.19 -20.46
C VAL C 391 21.29 -30.14 -19.16
N ASP C 392 22.57 -29.80 -19.20
CA ASP C 392 23.39 -29.74 -18.01
C ASP C 392 23.11 -28.46 -17.24
N ARG C 393 23.67 -28.32 -16.04
CA ARG C 393 23.36 -27.18 -15.18
C ARG C 393 23.77 -25.88 -15.86
N ASP C 394 24.87 -25.92 -16.60
CA ASP C 394 25.36 -24.73 -17.31
C ASP C 394 24.63 -24.45 -18.64
N TYR C 395 23.45 -25.03 -18.81
CA TYR C 395 22.57 -24.73 -19.96
C TYR C 395 23.07 -25.36 -21.25
N ARG C 396 23.96 -26.32 -21.12
CA ARG C 396 24.53 -26.98 -22.26
C ARG C 396 23.74 -28.24 -22.59
N MET C 397 23.35 -28.39 -23.81
CA MET C 397 22.66 -29.63 -24.18
C MET C 397 23.61 -30.81 -24.02
N VAL C 398 23.07 -31.89 -23.50
CA VAL C 398 23.75 -33.15 -23.39
C VAL C 398 23.75 -33.80 -24.75
N THR C 399 24.92 -34.23 -25.18
CA THR C 399 25.11 -34.84 -26.48
C THR C 399 25.88 -36.16 -26.45
N THR C 400 25.86 -36.87 -27.58
CA THR C 400 26.66 -38.09 -27.75
C THR C 400 28.08 -37.70 -28.10
N PRO C 401 29.07 -38.62 -27.72
CA PRO C 401 30.41 -38.23 -28.16
C PRO C 401 30.56 -37.98 -29.65
N ASP C 402 29.52 -38.13 -30.42
CA ASP C 402 29.57 -37.76 -31.80
C ASP C 402 29.61 -36.23 -32.02
N LEU C 403 29.40 -35.48 -30.97
CA LEU C 403 29.24 -34.04 -31.10
C LEU C 403 30.04 -33.47 -29.99
N ARG C 404 30.93 -32.57 -30.33
CA ARG C 404 31.76 -31.96 -29.33
C ARG C 404 31.51 -30.45 -29.10
N CYS C 405 30.74 -29.80 -29.97
CA CYS C 405 30.43 -28.41 -29.74
C CYS C 405 29.32 -28.21 -28.73
N GLY C 406 29.33 -27.01 -28.15
CA GLY C 406 28.31 -26.59 -27.23
C GLY C 406 27.11 -26.04 -27.95
N ILE C 407 25.96 -26.58 -27.61
CA ILE C 407 24.71 -25.99 -27.95
C ILE C 407 24.11 -25.62 -26.61
N TYR C 408 24.11 -24.32 -26.31
CA TYR C 408 23.54 -23.80 -25.08
C TYR C 408 22.15 -23.23 -25.35
N LEU C 409 21.28 -23.35 -24.36
CA LEU C 409 19.90 -22.90 -24.52
C LEU C 409 19.55 -21.79 -23.53
N GLN C 410 19.10 -20.65 -24.06
CA GLN C 410 18.48 -19.63 -23.21
C GLN C 410 16.99 -19.62 -23.56
N GLY C 411 16.19 -20.27 -22.71
CA GLY C 411 14.84 -20.66 -23.09
C GLY C 411 14.85 -22.16 -23.39
N GLY C 412 13.68 -22.78 -23.50
CA GLY C 412 13.59 -24.22 -23.73
C GLY C 412 14.04 -25.12 -22.59
N THR C 413 14.27 -24.54 -21.41
CA THR C 413 14.81 -25.31 -20.29
C THR C 413 13.84 -25.42 -19.11
N GLU C 414 12.58 -25.21 -19.37
CA GLU C 414 11.60 -25.33 -18.33
C GLU C 414 11.69 -26.67 -17.61
N HIS C 415 11.88 -27.77 -18.33
CA HIS C 415 11.90 -29.10 -17.72
C HIS C 415 13.15 -29.31 -16.86
N THR C 416 14.25 -28.71 -17.26
CA THR C 416 15.50 -28.96 -16.55
C THR C 416 15.84 -27.86 -15.54
N HIS C 417 15.58 -26.61 -15.91
CA HIS C 417 15.99 -25.50 -15.04
C HIS C 417 14.83 -24.78 -14.33
N GLY C 418 13.61 -24.97 -14.83
CA GLY C 418 12.45 -24.45 -14.13
C GLY C 418 11.83 -23.17 -14.64
N LEU C 419 11.08 -22.53 -13.76
CA LEU C 419 10.15 -21.48 -14.12
C LEU C 419 10.81 -20.22 -14.64
N SER C 420 12.09 -20.04 -14.31
CA SER C 420 12.83 -18.87 -14.74
C SER C 420 13.23 -18.92 -16.22
N SER C 421 13.04 -20.07 -16.87
CA SER C 421 13.61 -20.32 -18.21
C SER C 421 13.33 -19.31 -19.31
N SER C 422 12.11 -18.81 -19.36
CA SER C 422 11.73 -17.86 -20.40
C SER C 422 11.59 -16.42 -19.90
N LEU C 423 11.94 -16.18 -18.63
CA LEU C 423 11.75 -14.84 -18.03
C LEU C 423 13.02 -14.00 -18.02
N LEU C 424 12.93 -12.78 -17.50
CA LEU C 424 14.10 -11.92 -17.43
C LEU C 424 14.58 -11.81 -15.99
N SER C 425 14.27 -12.82 -15.19
CA SER C 425 14.60 -12.76 -13.77
C SER C 425 16.06 -13.10 -13.48
N ASN C 426 16.74 -13.78 -14.41
CA ASN C 426 18.05 -14.33 -14.13
C ASN C 426 19.05 -14.14 -15.27
N LEU C 427 18.92 -13.04 -16.00
CA LEU C 427 19.78 -12.78 -17.17
C LEU C 427 21.27 -12.72 -16.85
N ALA C 428 21.63 -12.07 -15.76
CA ALA C 428 23.04 -11.81 -15.46
C ALA C 428 23.81 -13.10 -15.19
N THR C 429 23.21 -13.97 -14.38
CA THR C 429 23.88 -15.19 -13.94
C THR C 429 23.81 -16.28 -15.00
N ARG C 430 22.69 -16.40 -15.72
CA ARG C 430 22.61 -17.43 -16.76
C ARG C 430 23.63 -17.12 -17.86
N SER C 431 23.68 -15.85 -18.29
CA SER C 431 24.63 -15.47 -19.33
C SER C 431 26.09 -15.65 -18.84
N GLY C 432 26.36 -15.25 -17.61
CA GLY C 432 27.69 -15.44 -17.04
C GLY C 432 28.09 -16.92 -16.97
N GLU C 433 27.15 -17.78 -16.59
CA GLU C 433 27.45 -19.20 -16.46
C GLU C 433 27.76 -19.82 -17.82
N ILE C 434 27.06 -19.35 -18.84
CA ILE C 434 27.27 -19.84 -20.20
C ILE C 434 28.63 -19.39 -20.74
N VAL C 435 28.97 -18.13 -20.49
CA VAL C 435 30.27 -17.63 -20.94
C VAL C 435 31.36 -18.40 -20.21
N SER C 436 31.20 -18.58 -18.90
CA SER C 436 32.20 -19.30 -18.11
C SER C 436 32.37 -20.73 -18.62
N SER C 437 31.25 -21.37 -18.97
CA SER C 437 31.29 -22.73 -19.49
C SER C 437 32.06 -22.79 -20.81
N ILE C 438 31.76 -21.85 -21.70
CA ILE C 438 32.49 -21.75 -22.96
C ILE C 438 34.00 -21.53 -22.75
N GLU C 439 34.38 -20.63 -21.84
CA GLU C 439 35.80 -20.36 -21.59
C GLU C 439 36.48 -21.60 -21.03
N ARG C 440 35.74 -22.33 -20.23
CA ARG C 440 36.22 -23.50 -19.53
C ARG C 440 36.58 -24.63 -20.48
N ARG C 441 35.75 -24.85 -21.48
CA ARG C 441 35.85 -26.00 -22.31
C ARG C 441 36.63 -25.67 -23.56
N LYS C 442 37.01 -24.41 -23.70
CA LYS C 442 37.78 -23.97 -24.86
C LYS C 442 39.24 -24.41 -24.76
N PRO D 29 54.77 17.97 6.28
CA PRO D 29 53.88 17.04 5.58
C PRO D 29 52.52 17.71 5.46
N THR D 30 52.31 18.39 4.35
CA THR D 30 51.17 19.26 4.16
C THR D 30 50.12 18.64 3.25
N HIS D 31 49.03 18.17 3.85
CA HIS D 31 47.94 17.54 3.10
C HIS D 31 47.15 18.45 2.20
N ASP D 32 46.70 17.92 1.10
CA ASP D 32 45.77 18.62 0.27
C ASP D 32 44.48 18.90 1.00
N VAL D 33 44.00 17.96 1.80
CA VAL D 33 42.76 18.19 2.53
C VAL D 33 42.69 17.43 3.82
N VAL D 34 42.19 18.06 4.85
CA VAL D 34 41.97 17.35 6.11
C VAL D 34 40.48 17.39 6.39
N GLY D 35 39.90 16.23 6.73
CA GLY D 35 38.50 16.17 7.12
C GLY D 35 38.34 16.11 8.63
N VAL D 36 37.52 17.00 9.17
CA VAL D 36 37.19 16.95 10.58
C VAL D 36 35.90 16.20 10.83
N GLY D 37 36.01 15.07 11.53
CA GLY D 37 34.89 14.16 11.74
C GLY D 37 34.91 13.04 10.72
N PHE D 38 34.45 11.85 11.10
CA PHE D 38 34.25 10.80 10.12
C PHE D 38 32.87 10.14 10.26
N GLY D 39 31.84 10.92 10.00
CA GLY D 39 30.49 10.38 9.83
C GLY D 39 30.33 10.10 8.34
N PRO D 40 29.08 9.80 7.92
CA PRO D 40 28.80 9.48 6.52
C PRO D 40 29.27 10.58 5.57
N ALA D 41 29.17 11.84 5.99
CA ALA D 41 29.57 12.95 5.11
C ALA D 41 31.05 12.89 4.71
N ASN D 42 31.94 12.77 5.67
CA ASN D 42 33.37 12.68 5.34
C ASN D 42 33.71 11.31 4.78
N LEU D 43 32.91 10.31 5.11
CA LEU D 43 33.08 9.03 4.49
C LEU D 43 32.85 9.15 3.01
N SER D 44 31.82 9.86 2.63
CA SER D 44 31.56 10.07 1.20
C SER D 44 32.66 10.93 0.57
N LEU D 45 33.24 11.83 1.36
CA LEU D 45 34.36 12.63 0.85
C LEU D 45 35.56 11.74 0.59
N ALA D 46 35.87 10.87 1.54
CA ALA D 46 36.99 9.92 1.35
C ALA D 46 36.78 9.08 0.10
N VAL D 47 35.55 8.61 -0.12
CA VAL D 47 35.28 7.84 -1.32
C VAL D 47 35.47 8.70 -2.58
N ALA D 48 34.99 9.95 -2.51
CA ALA D 48 35.09 10.83 -3.66
C ALA D 48 36.56 11.07 -4.00
N LEU D 49 37.39 11.19 -2.96
CA LEU D 49 38.84 11.39 -3.12
C LEU D 49 39.46 10.18 -3.80
N GLU D 50 39.15 8.99 -3.30
CA GLU D 50 39.70 7.77 -3.89
C GLU D 50 39.28 7.63 -5.35
N GLU D 51 38.03 7.91 -5.66
CA GLU D 51 37.54 7.69 -7.01
C GLU D 51 38.03 8.72 -7.98
N SER D 52 38.36 9.89 -7.47
CA SER D 52 38.89 10.95 -8.32
C SER D 52 40.30 10.62 -8.80
N PRO D 53 40.57 10.87 -10.08
CA PRO D 53 41.90 10.63 -10.66
C PRO D 53 42.92 11.64 -10.13
N ALA D 54 42.43 12.76 -9.60
CA ALA D 54 43.30 13.78 -9.02
C ALA D 54 44.14 13.18 -7.89
N ALA D 55 45.40 13.60 -7.82
CA ALA D 55 46.30 13.13 -6.79
C ALA D 55 46.21 14.07 -5.61
N LEU D 56 45.24 13.81 -4.74
CA LEU D 56 45.09 14.62 -3.55
C LEU D 56 45.51 13.81 -2.32
N THR D 57 46.29 14.40 -1.44
CA THR D 57 46.67 13.73 -0.21
C THR D 57 45.67 14.18 0.83
N SER D 58 45.32 13.29 1.75
CA SER D 58 44.29 13.61 2.73
C SER D 58 44.55 12.96 4.07
N ALA D 59 43.86 13.45 5.09
CA ALA D 59 43.83 12.79 6.38
C ALA D 59 42.48 13.10 7.01
N PHE D 60 41.93 12.13 7.73
CA PHE D 60 40.66 12.33 8.42
C PHE D 60 40.82 12.03 9.89
N PHE D 61 40.23 12.87 10.72
CA PHE D 61 40.28 12.69 12.15
C PHE D 61 38.88 12.52 12.76
N GLU D 62 38.72 11.44 13.51
CA GLU D 62 37.47 11.16 14.19
C GLU D 62 37.76 10.99 15.68
N ARG D 63 37.01 11.69 16.49
CA ARG D 63 37.17 11.64 17.92
C ARG D 63 36.83 10.32 18.62
N ARG D 64 35.83 9.60 18.13
CA ARG D 64 35.51 8.29 18.65
C ARG D 64 36.48 7.21 18.22
N ALA D 65 36.36 6.03 18.80
CA ALA D 65 37.26 4.95 18.50
C ALA D 65 37.06 4.34 17.12
N SER D 66 35.86 4.47 16.59
CA SER D 66 35.56 3.94 15.29
C SER D 66 34.35 4.65 14.74
N ILE D 67 34.01 4.35 13.52
CA ILE D 67 32.86 4.95 12.91
C ILE D 67 31.62 4.67 13.76
N SER D 68 30.84 5.68 14.03
CA SER D 68 29.73 5.53 14.94
C SER D 68 28.57 6.45 14.54
N TRP D 69 27.57 5.89 13.85
CA TRP D 69 26.54 6.74 13.27
C TRP D 69 25.20 6.59 13.99
N HIS D 70 24.90 7.55 14.87
CA HIS D 70 23.63 7.56 15.63
C HIS D 70 23.28 6.22 16.25
N GLN D 71 24.26 5.62 16.92
CA GLN D 71 24.09 4.29 17.47
C GLN D 71 23.08 4.24 18.59
N GLY D 72 22.89 5.33 19.31
CA GLY D 72 21.88 5.37 20.35
C GLY D 72 20.45 5.24 19.83
N MET D 73 20.28 5.35 18.52
CA MET D 73 18.94 5.27 17.94
C MET D 73 18.84 4.16 16.93
N LEU D 74 19.78 3.21 16.97
CA LEU D 74 19.74 2.02 16.11
C LEU D 74 18.72 1.00 16.63
N LEU D 75 17.45 1.40 16.66
CA LEU D 75 16.39 0.55 17.18
C LEU D 75 16.07 -0.59 16.19
N PRO D 76 15.59 -1.73 16.72
CA PRO D 76 15.30 -2.93 15.93
C PRO D 76 14.71 -2.69 14.55
N ALA D 77 13.56 -2.05 14.44
CA ALA D 77 12.97 -2.04 13.09
C ALA D 77 13.24 -0.74 12.33
N ALA D 78 14.08 0.12 12.89
CA ALA D 78 14.15 1.51 12.41
C ALA D 78 14.67 1.55 10.98
N LYS D 79 14.10 2.42 10.16
CA LYS D 79 14.44 2.48 8.75
C LYS D 79 15.13 3.77 8.35
N MET D 80 15.95 3.68 7.31
CA MET D 80 16.65 4.85 6.74
C MET D 80 15.65 5.90 6.26
N GLN D 81 16.02 7.18 6.30
CA GLN D 81 15.15 8.24 5.76
C GLN D 81 15.31 8.32 4.26
N VAL D 82 16.44 7.82 3.74
CA VAL D 82 16.67 7.92 2.31
C VAL D 82 16.80 6.54 1.66
N SER D 83 16.54 6.46 0.36
CA SER D 83 16.55 5.15 -0.32
C SER D 83 17.96 4.65 -0.49
N PHE D 84 18.11 3.35 -0.77
CA PHE D 84 19.43 2.78 -0.89
C PHE D 84 20.21 3.37 -2.05
N LEU D 85 19.52 3.99 -3.01
CA LEU D 85 20.21 4.61 -4.13
C LEU D 85 20.89 5.92 -3.73
N LYS D 86 20.43 6.50 -2.62
CA LYS D 86 21.05 7.70 -2.08
C LYS D 86 22.16 7.31 -1.11
N ASP D 87 23.17 6.62 -1.64
CA ASP D 87 24.22 6.08 -0.80
C ASP D 87 25.42 7.02 -0.89
N LEU D 88 26.62 6.45 -0.74
CA LEU D 88 27.84 7.26 -0.71
C LEU D 88 28.23 7.83 -2.07
N ALA D 89 27.82 7.17 -3.16
CA ALA D 89 28.47 7.49 -4.43
C ALA D 89 27.61 7.37 -5.69
N THR D 90 26.52 6.60 -5.63
CA THR D 90 25.83 6.19 -6.86
C THR D 90 25.31 7.31 -7.77
N PHE D 91 24.72 8.37 -7.19
CA PHE D 91 24.26 9.50 -8.02
C PHE D 91 25.40 10.20 -8.78
N ARG D 92 26.62 10.11 -8.27
CA ARG D 92 27.76 10.66 -9.02
C ARG D 92 28.34 9.60 -9.92
N ASN D 93 28.56 8.41 -9.36
CA ASN D 93 29.20 7.34 -10.12
C ASN D 93 28.37 6.08 -9.99
N PRO D 94 27.51 5.82 -10.98
CA PRO D 94 26.53 4.73 -10.90
C PRO D 94 27.16 3.34 -10.93
N ALA D 95 28.48 3.26 -11.15
CA ALA D 95 29.18 1.98 -11.11
C ALA D 95 30.24 1.98 -10.02
N SER D 96 29.99 2.71 -8.93
CA SER D 96 30.97 2.79 -7.84
C SER D 96 31.16 1.45 -7.15
N ARG D 97 32.39 1.20 -6.70
CA ARG D 97 32.68 0.00 -5.93
C ARG D 97 32.25 0.22 -4.48
N PHE D 98 31.76 1.42 -4.19
CA PHE D 98 31.31 1.74 -2.83
C PHE D 98 29.79 1.90 -2.71
N SER D 99 29.07 1.59 -3.78
CA SER D 99 27.61 1.70 -3.78
C SER D 99 26.95 0.72 -2.81
N PHE D 100 25.74 1.02 -2.35
CA PHE D 100 25.01 0.09 -1.47
C PHE D 100 24.79 -1.26 -2.18
N VAL D 101 24.57 -1.21 -3.48
CA VAL D 101 24.40 -2.43 -4.24
C VAL D 101 25.66 -3.30 -4.23
N SER D 102 26.84 -2.68 -4.36
CA SER D 102 28.10 -3.43 -4.35
C SER D 102 28.26 -4.08 -2.98
N PHE D 103 27.92 -3.33 -1.93
CA PHE D 103 27.92 -3.82 -0.55
C PHE D 103 27.04 -5.06 -0.39
N LEU D 104 25.79 -4.98 -0.83
CA LEU D 104 24.87 -6.10 -0.75
C LEU D 104 25.44 -7.33 -1.49
N HIS D 105 26.00 -7.08 -2.65
CA HIS D 105 26.55 -8.15 -3.45
C HIS D 105 27.68 -8.86 -2.71
N GLU D 106 28.60 -8.09 -2.11
CA GLU D 106 29.72 -8.68 -1.39
C GLU D 106 29.23 -9.42 -0.16
N ARG D 107 28.12 -8.97 0.40
CA ARG D 107 27.54 -9.61 1.57
C ARG D 107 26.64 -10.79 1.18
N GLY D 108 26.48 -11.01 -0.11
CA GLY D 108 25.64 -12.10 -0.58
C GLY D 108 24.16 -11.89 -0.34
N ARG D 109 23.74 -10.64 -0.22
CA ARG D 109 22.34 -10.32 0.06
C ARG D 109 21.68 -9.45 -0.98
N LEU D 110 22.37 -9.19 -2.09
CA LEU D 110 21.77 -8.34 -3.14
C LEU D 110 20.44 -8.91 -3.63
N VAL D 111 20.42 -10.20 -3.94
CA VAL D 111 19.19 -10.83 -4.45
C VAL D 111 18.11 -10.83 -3.37
N ARG D 112 18.50 -11.21 -2.16
CA ARG D 112 17.56 -11.24 -1.04
C ARG D 112 16.95 -9.87 -0.77
N PHE D 113 17.76 -8.82 -0.92
CA PHE D 113 17.31 -7.47 -0.68
C PHE D 113 16.37 -7.04 -1.80
N ALA D 114 16.75 -7.37 -3.04
CA ALA D 114 15.96 -7.00 -4.22
C ALA D 114 14.56 -7.64 -4.17
N ASN D 115 14.49 -8.87 -3.68
CA ASN D 115 13.20 -9.56 -3.64
C ASN D 115 12.25 -8.94 -2.63
N ASN D 116 12.78 -8.16 -1.69
CA ASN D 116 11.94 -7.52 -0.69
C ASN D 116 11.16 -6.32 -1.21
N HIS D 117 11.62 -5.74 -2.31
CA HIS D 117 10.95 -4.58 -2.91
C HIS D 117 10.77 -3.40 -1.93
N ASP D 118 11.78 -3.16 -1.11
CA ASP D 118 11.77 -2.01 -0.20
C ASP D 118 12.96 -1.10 -0.50
N PHE D 119 12.68 0.16 -0.80
CA PHE D 119 13.76 1.10 -1.13
C PHE D 119 14.58 1.52 0.09
N PHE D 120 14.06 1.23 1.29
CA PHE D 120 14.66 1.75 2.52
C PHE D 120 15.27 0.67 3.40
N PRO D 121 16.61 0.63 3.47
CA PRO D 121 17.26 -0.34 4.35
C PRO D 121 16.96 0.00 5.82
N THR D 122 17.22 -0.95 6.71
CA THR D 122 17.13 -0.64 8.11
C THR D 122 18.35 0.20 8.44
N ARG D 123 18.25 1.00 9.49
CA ARG D 123 19.40 1.78 9.93
C ARG D 123 20.56 0.88 10.35
N ARG D 124 20.24 -0.28 10.92
CA ARG D 124 21.27 -1.26 11.28
C ARG D 124 22.05 -1.73 10.08
N GLU D 125 21.37 -2.06 8.98
CA GLU D 125 22.10 -2.52 7.81
C GLU D 125 22.94 -1.37 7.22
N PHE D 126 22.39 -0.16 7.30
CA PHE D 126 23.11 0.98 6.74
C PHE D 126 24.41 1.22 7.52
N HIS D 127 24.34 1.01 8.83
CA HIS D 127 25.54 1.14 9.64
C HIS D 127 26.59 0.11 9.20
N ASP D 128 26.16 -1.13 8.92
CA ASP D 128 27.08 -2.14 8.43
C ASP D 128 27.68 -1.68 7.11
N TYR D 129 26.86 -1.05 6.27
CA TYR D 129 27.33 -0.53 4.99
C TYR D 129 28.45 0.52 5.18
N LEU D 130 28.28 1.39 6.16
CA LEU D 130 29.26 2.44 6.42
C LEU D 130 30.57 1.82 6.85
N GLU D 131 30.49 0.82 7.73
CA GLU D 131 31.69 0.11 8.19
C GLU D 131 32.39 -0.63 7.06
N TRP D 132 31.60 -1.27 6.19
CA TRP D 132 32.13 -1.98 5.04
C TRP D 132 32.85 -1.01 4.10
N ALA D 133 32.24 0.16 3.90
CA ALA D 133 32.82 1.11 2.96
C ALA D 133 34.09 1.69 3.54
N GLU D 134 34.07 1.97 4.84
CA GLU D 134 35.27 2.48 5.51
C GLU D 134 36.44 1.48 5.39
N SER D 135 36.17 0.18 5.56
CA SER D 135 37.20 -0.85 5.42
C SER D 135 37.76 -0.94 4.02
N LYS D 136 36.88 -0.80 3.03
CA LYS D 136 37.27 -0.95 1.63
C LYS D 136 38.17 0.21 1.21
N LEU D 137 38.08 1.30 1.95
CA LEU D 137 38.89 2.48 1.69
C LEU D 137 40.36 2.17 1.77
N ALA D 138 41.12 2.59 0.77
CA ALA D 138 42.57 2.47 0.78
C ALA D 138 43.22 3.23 1.94
N HIS D 139 42.81 4.48 2.14
CA HIS D 139 43.46 5.33 3.15
C HIS D 139 42.82 5.17 4.53
N GLU D 140 43.67 4.92 5.53
CA GLU D 140 43.22 4.71 6.90
C GLU D 140 42.87 6.01 7.61
N VAL D 141 41.82 5.95 8.43
CA VAL D 141 41.32 7.10 9.19
C VAL D 141 42.00 7.16 10.56
N SER D 142 42.23 8.37 11.08
CA SER D 142 42.77 8.49 12.43
C SER D 142 41.66 8.59 13.46
N TYR D 143 41.47 7.53 14.23
CA TYR D 143 40.43 7.54 15.26
C TYR D 143 41.01 7.99 16.59
N ASP D 144 40.13 8.13 17.58
CA ASP D 144 40.53 8.66 18.88
C ASP D 144 41.30 9.96 18.70
N SER D 145 40.94 10.72 17.68
CA SER D 145 41.61 11.95 17.34
C SER D 145 40.61 13.10 17.29
N GLU D 146 40.52 13.83 18.40
CA GLU D 146 39.62 14.98 18.47
C GLU D 146 40.32 16.23 17.97
N VAL D 147 39.74 16.88 16.95
CA VAL D 147 40.25 18.16 16.49
C VAL D 147 39.76 19.23 17.48
N THR D 148 40.72 19.96 18.06
CA THR D 148 40.42 20.92 19.13
C THR D 148 40.47 22.35 18.62
N ALA D 149 41.21 22.57 17.54
CA ALA D 149 41.31 23.90 16.97
C ALA D 149 41.79 23.87 15.55
N ILE D 150 41.39 24.88 14.79
CA ILE D 150 41.96 25.10 13.46
C ILE D 150 42.56 26.51 13.46
N ARG D 151 43.78 26.64 13.03
CA ARG D 151 44.28 27.96 12.98
C ARG D 151 45.12 28.29 11.77
N PRO D 152 45.30 29.56 11.58
CA PRO D 152 45.88 30.12 10.37
C PRO D 152 47.28 29.64 10.21
N GLY D 153 47.65 29.33 9.00
CA GLY D 153 48.94 28.78 8.74
C GLY D 153 50.00 29.84 8.73
N PRO D 154 51.21 29.44 8.32
CA PRO D 154 52.37 30.34 8.39
C PRO D 154 52.61 31.12 7.12
N GLY D 155 52.33 32.42 7.15
CA GLY D 155 52.61 33.30 6.01
C GLY D 155 51.48 34.14 5.43
N ARG D 156 51.75 34.94 4.41
CA ARG D 156 50.73 35.76 3.76
C ARG D 156 51.02 35.74 2.27
N PRO D 157 50.06 35.31 1.46
CA PRO D 157 48.74 34.93 1.92
C PRO D 157 48.76 33.58 2.62
N VAL D 158 47.76 33.39 3.46
CA VAL D 158 47.60 32.19 4.22
C VAL D 158 47.22 31.07 3.32
N ASP D 159 48.19 30.23 3.04
CA ASP D 159 48.02 29.13 2.13
C ASP D 159 47.84 27.82 2.86
N SER D 160 47.76 27.81 4.16
CA SER D 160 47.41 26.57 4.79
C SER D 160 46.82 26.82 6.12
N VAL D 161 46.27 25.81 6.75
CA VAL D 161 45.77 25.95 8.09
C VAL D 161 46.41 24.92 8.95
N LEU D 162 46.49 25.15 10.24
CA LEU D 162 47.05 24.18 11.13
C LEU D 162 45.94 23.61 11.91
N VAL D 163 45.91 22.29 12.01
CA VAL D 163 44.87 21.58 12.68
C VAL D 163 45.41 20.90 13.92
N ASP D 164 44.97 21.33 15.08
CA ASP D 164 45.43 20.74 16.33
C ASP D 164 44.58 19.54 16.77
N VAL D 165 45.22 18.39 16.99
CA VAL D 165 44.57 17.09 17.22
C VAL D 165 44.95 16.51 18.58
N SER D 166 43.97 16.17 19.41
CA SER D 166 44.23 15.48 20.67
C SER D 166 43.98 13.98 20.55
N THR D 167 45.00 13.20 20.89
CA THR D 167 44.87 11.73 20.88
C THR D 167 45.01 11.28 22.32
N PRO D 168 44.73 10.02 22.60
CA PRO D 168 44.81 9.61 24.00
C PRO D 168 46.18 9.95 24.55
N GLU D 169 47.21 9.71 23.75
CA GLU D 169 48.56 9.99 24.14
C GLU D 169 49.15 11.40 24.26
N ALA D 170 49.08 12.14 23.16
CA ALA D 170 49.65 13.47 23.10
C ALA D 170 48.96 14.21 21.96
N THR D 171 49.14 15.51 21.94
CA THR D 171 48.52 16.32 20.95
C THR D 171 49.51 16.49 19.86
N ARG D 172 49.03 16.83 18.69
CA ARG D 172 49.89 17.14 17.56
C ARG D 172 49.20 18.12 16.63
N THR D 173 49.93 18.63 15.66
CA THR D 173 49.39 19.60 14.76
C THR D 173 49.70 19.15 13.37
N VAL D 174 48.75 19.40 12.50
CA VAL D 174 48.83 18.96 11.14
C VAL D 174 48.46 20.13 10.29
N GLU D 175 49.04 20.16 9.11
CA GLU D 175 48.91 21.27 8.21
C GLU D 175 48.16 20.83 6.98
N ALA D 176 47.34 21.70 6.43
CA ALA D 176 46.54 21.39 5.26
C ALA D 176 46.24 22.61 4.42
N ARG D 177 46.15 22.40 3.13
CA ARG D 177 45.76 23.40 2.19
C ARG D 177 44.25 23.68 2.21
N ASN D 178 43.48 22.68 2.56
CA ASN D 178 42.02 22.76 2.63
C ASN D 178 41.48 21.97 3.80
N ILE D 179 40.35 22.39 4.34
CA ILE D 179 39.75 21.65 5.42
C ILE D 179 38.24 21.48 5.17
N VAL D 180 37.74 20.29 5.50
CA VAL D 180 36.31 20.00 5.36
C VAL D 180 35.75 19.66 6.72
N ILE D 181 34.90 20.54 7.21
CA ILE D 181 34.33 20.40 8.54
C ILE D 181 32.96 19.70 8.47
N SER D 182 32.86 18.53 9.09
CA SER D 182 31.64 17.72 9.02
C SER D 182 31.49 17.05 10.37
N THR D 183 31.21 17.85 11.39
CA THR D 183 31.19 17.35 12.76
C THR D 183 29.79 17.04 13.26
N GLY D 184 28.80 17.14 12.38
CA GLY D 184 27.46 16.67 12.70
C GLY D 184 26.63 17.61 13.55
N LEU D 185 25.41 17.16 13.85
CA LEU D 185 24.46 17.97 14.60
C LEU D 185 24.74 17.96 16.10
N VAL D 186 24.21 18.94 16.82
CA VAL D 186 24.42 19.00 18.26
C VAL D 186 23.10 18.81 18.98
N PRO D 187 23.06 17.83 19.91
CA PRO D 187 21.82 17.50 20.61
C PRO D 187 21.20 18.74 21.25
N ARG D 188 19.88 18.92 21.10
CA ARG D 188 19.18 20.06 21.71
C ARG D 188 18.16 19.54 22.72
N MET D 189 18.17 20.12 23.92
CA MET D 189 17.24 19.75 24.98
C MET D 189 16.18 20.83 25.09
N PRO D 190 15.09 20.55 25.75
CA PRO D 190 14.11 21.58 26.02
C PRO D 190 14.74 22.61 26.95
N ALA D 191 14.40 23.86 26.72
CA ALA D 191 14.81 24.95 27.55
C ALA D 191 14.36 24.63 28.96
N GLY D 192 15.31 24.52 29.86
CA GLY D 192 14.97 24.31 31.24
C GLY D 192 15.21 22.90 31.68
N VAL D 193 15.68 22.06 30.77
CA VAL D 193 15.91 20.67 31.08
C VAL D 193 17.32 20.26 30.77
N GLN D 194 17.98 19.61 31.68
CA GLN D 194 19.35 19.15 31.48
C GLN D 194 19.38 17.63 31.48
N SER D 195 20.30 17.04 30.74
CA SER D 195 20.42 15.59 30.70
C SER D 195 21.09 15.13 31.99
N ASP D 196 20.64 13.99 32.50
CA ASP D 196 21.07 13.48 33.79
C ASP D 196 20.90 11.96 33.71
N GLU D 197 20.97 11.34 34.88
CA GLU D 197 20.79 9.91 35.06
C GLU D 197 19.42 9.41 34.61
N PHE D 198 18.43 10.26 34.66
CA PHE D 198 17.05 9.89 34.39
C PHE D 198 16.39 10.80 33.37
N VAL D 199 17.17 11.71 32.81
CA VAL D 199 16.72 12.57 31.72
C VAL D 199 17.69 12.38 30.56
N TRP D 200 17.22 11.73 29.50
CA TRP D 200 18.11 11.41 28.38
C TRP D 200 17.71 12.19 27.14
N HIS D 201 18.70 12.54 26.32
CA HIS D 201 18.37 12.97 24.98
C HIS D 201 18.19 11.71 24.13
N SER D 202 17.33 11.78 23.13
CA SER D 202 17.07 10.59 22.29
C SER D 202 18.34 10.04 21.65
N SER D 203 19.32 10.89 21.35
CA SER D 203 20.54 10.42 20.68
C SER D 203 21.28 9.41 21.54
N ARG D 204 20.97 9.37 22.82
CA ARG D 204 21.62 8.44 23.74
C ARG D 204 20.60 7.49 24.36
N PHE D 205 19.50 7.24 23.66
CA PHE D 205 18.48 6.33 24.18
C PHE D 205 18.96 4.90 24.42
N LEU D 206 19.50 4.26 23.40
CA LEU D 206 19.89 2.86 23.55
C LEU D 206 21.10 2.70 24.46
N ASP D 207 21.97 3.71 24.47
CA ASP D 207 23.16 3.68 25.33
C ASP D 207 22.70 3.56 26.78
N HIS D 208 21.75 4.41 27.19
CA HIS D 208 21.20 4.32 28.55
C HIS D 208 20.31 3.11 28.74
N PHE D 209 19.44 2.84 27.77
CA PHE D 209 18.44 1.77 27.92
C PHE D 209 19.06 0.40 28.14
N ARG D 210 20.16 0.13 27.44
CA ARG D 210 20.84 -1.16 27.55
C ARG D 210 21.41 -1.42 28.95
N ASP D 211 21.78 -0.33 29.61
CA ASP D 211 22.37 -0.35 30.91
C ASP D 211 21.35 -0.23 32.02
N ARG D 212 20.15 -0.73 31.87
CA ARG D 212 19.28 -0.48 32.99
C ARG D 212 18.65 -1.76 33.47
N ASP D 213 18.29 -1.78 34.75
CA ASP D 213 17.51 -2.87 35.28
C ASP D 213 16.18 -2.86 34.57
N PRO D 214 15.92 -3.99 33.78
CA PRO D 214 14.77 -3.82 32.87
C PRO D 214 13.44 -3.54 33.52
N ARG D 215 13.27 -4.05 34.74
CA ARG D 215 12.04 -3.82 35.49
C ARG D 215 12.12 -2.47 36.18
N SER D 216 13.13 -1.70 35.85
CA SER D 216 13.24 -0.37 36.40
C SER D 216 12.55 0.70 35.58
N LEU D 217 12.21 0.43 34.33
CA LEU D 217 11.52 1.40 33.52
C LEU D 217 10.06 1.10 33.25
N ARG D 218 9.24 1.16 34.27
CA ARG D 218 7.81 0.85 34.12
C ARG D 218 7.03 2.08 33.64
N ARG D 219 7.62 3.26 33.83
CA ARG D 219 6.97 4.50 33.42
C ARG D 219 7.95 5.40 32.69
N VAL D 220 7.70 5.62 31.39
CA VAL D 220 8.58 6.45 30.58
C VAL D 220 7.82 7.58 29.89
N ALA D 221 8.36 8.80 29.98
CA ALA D 221 7.83 9.94 29.25
C ALA D 221 8.77 10.21 28.07
N VAL D 222 8.20 10.49 26.91
CA VAL D 222 9.01 10.76 25.72
C VAL D 222 8.47 12.07 25.16
N ALA D 223 9.31 13.11 25.15
CA ALA D 223 8.91 14.42 24.67
C ALA D 223 9.36 14.61 23.24
N GLY D 224 8.49 15.19 22.42
CA GLY D 224 8.84 15.45 21.03
C GLY D 224 7.72 14.97 20.10
N GLY D 225 7.68 15.51 18.89
CA GLY D 225 6.62 15.15 17.97
C GLY D 225 7.13 14.52 16.68
N GLY D 226 8.43 14.26 16.63
CA GLY D 226 9.07 13.83 15.39
C GLY D 226 9.40 12.35 15.34
N GLN D 227 10.17 11.97 14.33
CA GLN D 227 10.43 10.56 14.01
C GLN D 227 11.05 9.82 15.19
N SER D 228 12.07 10.40 15.81
CA SER D 228 12.74 9.71 16.92
C SER D 228 11.80 9.49 18.10
N ALA D 229 11.01 10.50 18.41
CA ALA D 229 9.99 10.37 19.45
C ALA D 229 9.04 9.16 19.20
N ALA D 230 8.41 9.13 18.03
CA ALA D 230 7.49 8.04 17.73
C ALA D 230 8.19 6.67 17.72
N GLU D 231 9.39 6.59 17.13
CA GLU D 231 10.11 5.34 17.11
C GLU D 231 10.40 4.81 18.52
N ILE D 232 10.76 5.71 19.42
CA ILE D 232 11.07 5.31 20.79
C ILE D 232 9.82 4.84 21.51
N VAL D 233 8.72 5.56 21.32
CA VAL D 233 7.46 5.18 21.98
C VAL D 233 7.09 3.79 21.50
N ARG D 234 7.25 3.56 20.20
CA ARG D 234 6.85 2.28 19.62
C ARG D 234 7.75 1.15 20.13
N PHE D 235 9.05 1.42 20.14
CA PHE D 235 10.00 0.46 20.70
C PHE D 235 9.66 0.09 22.14
N LEU D 236 9.36 1.10 22.97
CA LEU D 236 9.00 0.84 24.37
C LEU D 236 7.74 -0.02 24.48
N HIS D 237 6.69 0.32 23.76
CA HIS D 237 5.48 -0.47 23.76
C HIS D 237 5.75 -1.91 23.40
N ASP D 238 6.51 -2.09 22.34
CA ASP D 238 6.84 -3.40 21.83
C ASP D 238 7.77 -4.18 22.72
N ASN D 239 8.62 -3.50 23.47
CA ASN D 239 9.69 -4.13 24.24
C ASN D 239 9.28 -4.86 25.50
N ARG D 240 8.30 -4.34 26.21
CA ARG D 240 7.75 -5.00 27.37
C ARG D 240 6.29 -4.71 27.44
N PRO D 241 5.51 -5.75 27.96
CA PRO D 241 4.08 -5.52 27.84
C PRO D 241 3.46 -4.65 28.92
N ASP D 242 4.24 -4.23 29.89
CA ASP D 242 3.69 -3.54 31.06
C ASP D 242 4.13 -2.08 31.16
N THR D 243 5.09 -1.66 30.34
CA THR D 243 5.57 -0.27 30.37
C THR D 243 4.46 0.70 30.01
N VAL D 244 4.32 1.74 30.80
CA VAL D 244 3.39 2.83 30.51
C VAL D 244 4.20 3.95 29.88
N VAL D 245 3.71 4.49 28.75
CA VAL D 245 4.47 5.48 28.00
C VAL D 245 3.62 6.75 27.84
N HIS D 246 4.20 7.89 28.18
CA HIS D 246 3.55 9.17 27.95
C HIS D 246 4.25 9.84 26.79
N ALA D 247 3.53 10.01 25.67
CA ALA D 247 4.10 10.70 24.52
C ALA D 247 3.64 12.17 24.57
N ILE D 248 4.57 13.07 24.85
CA ILE D 248 4.22 14.47 25.02
C ILE D 248 4.65 15.27 23.81
N MET D 249 3.67 15.84 23.12
CA MET D 249 3.98 16.51 21.85
C MET D 249 3.20 17.80 21.73
N PRO D 250 3.76 18.78 21.00
CA PRO D 250 3.14 20.09 20.84
C PRO D 250 1.94 20.04 19.89
N SER D 251 1.94 19.07 18.97
CA SER D 251 0.82 18.93 18.04
C SER D 251 -0.32 18.13 18.64
N TYR D 252 -1.44 18.10 17.94
CA TYR D 252 -2.58 17.29 18.33
C TYR D 252 -2.43 15.98 17.60
N GLY D 253 -1.60 15.09 18.11
CA GLY D 253 -1.29 13.86 17.43
C GLY D 253 -0.11 14.02 16.50
N TYR D 254 0.62 12.92 16.32
CA TYR D 254 1.71 12.85 15.36
C TYR D 254 1.31 13.36 13.96
N VAL D 255 2.17 14.18 13.35
CA VAL D 255 1.98 14.68 11.98
C VAL D 255 2.81 13.83 11.00
N VAL D 256 2.23 13.45 9.87
CA VAL D 256 2.89 12.53 8.95
C VAL D 256 4.02 13.22 8.18
N ALA D 257 5.07 12.44 7.88
CA ALA D 257 6.17 12.91 7.03
C ALA D 257 5.78 12.82 5.55
N ASP D 258 6.11 13.86 4.79
CA ASP D 258 5.82 13.87 3.36
C ASP D 258 6.94 13.13 2.64
N ASN D 259 6.65 11.93 2.11
CA ASN D 259 7.65 11.17 1.37
C ASN D 259 7.25 10.93 -0.08
N THR D 260 6.39 11.81 -0.60
CA THR D 260 5.94 11.73 -1.99
C THR D 260 7.06 12.17 -2.96
N PRO D 261 6.94 11.83 -4.26
CA PRO D 261 8.07 12.10 -5.15
C PRO D 261 8.40 13.59 -5.32
N PHE D 262 7.40 14.45 -5.39
CA PHE D 262 7.64 15.84 -5.55
C PHE D 262 8.38 16.40 -4.35
N ALA D 263 8.38 15.68 -3.24
CA ALA D 263 9.01 16.13 -2.03
C ALA D 263 10.39 15.58 -1.85
N ASN D 264 10.60 14.38 -2.30
CA ASN D 264 11.91 13.84 -2.36
C ASN D 264 12.78 14.77 -3.21
N GLN D 265 12.17 15.46 -4.17
CA GLN D 265 12.87 16.32 -5.12
C GLN D 265 13.59 17.49 -4.49
N ILE D 266 13.04 18.03 -3.42
CA ILE D 266 13.71 19.16 -2.82
C ILE D 266 15.10 18.72 -2.31
N PHE D 267 15.34 17.43 -2.20
CA PHE D 267 16.58 17.00 -1.65
C PHE D 267 17.58 16.58 -2.71
N ASP D 268 17.20 16.79 -3.96
CA ASP D 268 18.01 16.56 -5.13
C ASP D 268 19.04 17.69 -5.39
N PRO D 269 20.21 17.31 -6.06
CA PRO D 269 21.08 18.41 -6.46
C PRO D 269 20.45 19.59 -7.14
N ALA D 270 19.51 19.37 -8.04
CA ALA D 270 18.97 20.48 -8.80
C ALA D 270 18.22 21.45 -7.93
N ALA D 271 17.70 20.97 -6.83
CA ALA D 271 16.89 21.77 -5.97
C ALA D 271 17.80 22.52 -5.02
N VAL D 272 19.01 22.00 -4.83
CA VAL D 272 20.01 22.75 -4.08
C VAL D 272 20.31 24.04 -4.86
N ASP D 273 20.53 23.91 -6.15
CA ASP D 273 20.68 25.07 -7.02
C ASP D 273 19.51 26.05 -6.86
N ASP D 274 18.26 25.56 -6.93
CA ASP D 274 17.11 26.46 -6.86
C ASP D 274 17.07 27.17 -5.53
N TYR D 275 17.41 26.46 -4.47
CA TYR D 275 17.42 27.11 -3.16
C TYR D 275 18.59 28.09 -3.07
N PHE D 276 19.77 27.66 -3.49
CA PHE D 276 20.96 28.49 -3.40
C PHE D 276 20.76 29.80 -4.18
N ASP D 277 20.34 29.70 -5.45
CA ASP D 277 20.17 30.87 -6.30
C ASP D 277 18.94 31.68 -5.94
N GLY D 278 18.10 31.14 -5.06
CA GLY D 278 16.80 31.73 -4.78
C GLY D 278 16.87 32.92 -3.86
N SER D 279 15.88 33.82 -3.98
CA SER D 279 15.77 34.97 -3.10
C SER D 279 15.51 34.51 -1.68
N LYS D 280 15.62 35.42 -0.73
CA LYS D 280 15.34 35.11 0.66
C LYS D 280 13.87 34.68 0.81
N GLN D 281 13.02 35.27 -0.01
CA GLN D 281 11.59 34.94 -0.01
C GLN D 281 11.39 33.46 -0.38
N ALA D 282 12.07 33.04 -1.45
CA ALA D 282 11.99 31.67 -1.94
C ALA D 282 12.55 30.68 -0.92
N LYS D 283 13.71 31.00 -0.34
CA LYS D 283 14.31 30.15 0.68
C LYS D 283 13.36 29.98 1.86
N ASP D 284 12.70 31.07 2.26
CA ASP D 284 11.73 31.00 3.35
C ASP D 284 10.58 30.05 2.99
N ALA D 285 10.21 30.04 1.70
CA ALA D 285 9.09 29.24 1.22
C ALA D 285 9.40 27.75 1.32
N PHE D 286 10.64 27.37 0.96
CA PHE D 286 11.10 26.00 1.14
C PHE D 286 10.87 25.50 2.53
N TRP D 287 11.35 26.24 3.54
CA TRP D 287 11.19 25.84 4.92
C TRP D 287 9.74 25.89 5.36
N ARG D 288 8.99 26.88 4.87
CA ARG D 288 7.58 27.00 5.23
C ARG D 288 6.69 25.87 4.66
N TYR D 289 6.71 25.69 3.36
CA TYR D 289 5.91 24.63 2.73
C TYR D 289 6.45 23.21 2.92
N HIS D 290 7.75 23.07 3.13
CA HIS D 290 8.32 21.73 3.14
C HIS D 290 9.11 21.33 4.39
N ARG D 291 8.72 21.89 5.54
CA ARG D 291 9.33 21.53 6.82
C ARG D 291 8.90 20.13 7.25
N ASN D 292 7.71 19.71 6.80
CA ASN D 292 7.18 18.41 7.19
C ASN D 292 7.69 17.32 6.27
N THR D 293 8.99 17.03 6.34
CA THR D 293 9.59 16.07 5.43
C THR D 293 10.31 14.84 6.01
N ASN D 294 10.95 15.05 7.17
CA ASN D 294 11.75 14.00 7.82
C ASN D 294 11.66 14.05 9.37
N TYR D 295 12.65 14.63 10.04
CA TYR D 295 12.82 14.39 11.50
C TYR D 295 11.84 15.10 12.41
N SER D 296 11.25 16.20 11.93
CA SER D 296 10.25 16.88 12.71
C SER D 296 8.88 16.21 12.60
N VAL D 297 8.77 15.21 11.74
CA VAL D 297 7.47 14.56 11.55
C VAL D 297 7.67 13.05 11.58
N VAL D 298 6.61 12.28 11.33
CA VAL D 298 6.68 10.86 11.53
C VAL D 298 6.18 10.09 10.30
N ASP D 299 6.96 9.11 9.88
CA ASP D 299 6.56 8.30 8.73
C ASP D 299 5.23 7.58 8.95
N ASP D 300 4.46 7.45 7.87
CA ASP D 300 3.13 6.86 7.88
C ASP D 300 3.08 5.50 8.56
N GLU D 301 4.08 4.67 8.34
CA GLU D 301 4.10 3.33 8.90
C GLU D 301 4.15 3.35 10.41
N VAL D 302 5.01 4.21 10.93
CA VAL D 302 5.19 4.25 12.37
C VAL D 302 3.91 4.76 13.02
N ILE D 303 3.30 5.78 12.41
CA ILE D 303 2.07 6.35 12.93
C ILE D 303 0.98 5.30 12.98
N ARG D 304 0.83 4.54 11.89
CA ARG D 304 -0.23 3.54 11.84
C ARG D 304 0.01 2.43 12.85
N ASP D 305 1.27 2.03 13.00
CA ASP D 305 1.58 1.03 14.00
C ASP D 305 1.22 1.49 15.41
N LEU D 306 1.52 2.75 15.74
CA LEU D 306 1.24 3.24 17.07
C LEU D 306 -0.26 3.32 17.30
N TYR D 307 -1.00 3.77 16.29
CA TYR D 307 -2.43 3.88 16.43
C TYR D 307 -3.05 2.50 16.61
N ARG D 308 -2.54 1.54 15.89
CA ARG D 308 -3.01 0.19 15.95
C ARG D 308 -2.73 -0.39 17.32
N ARG D 309 -1.56 -0.12 17.83
CA ARG D 309 -1.19 -0.58 19.18
C ARG D 309 -2.14 -0.01 20.23
N GLY D 310 -2.47 1.27 20.09
CA GLY D 310 -3.36 1.93 21.01
C GLY D 310 -4.75 1.32 20.93
N TYR D 311 -5.22 1.12 19.70
CA TYR D 311 -6.54 0.55 19.49
C TYR D 311 -6.62 -0.84 20.14
N ASP D 312 -5.67 -1.73 19.83
CA ASP D 312 -5.73 -3.08 20.35
C ASP D 312 -5.69 -3.10 21.87
N ASP D 313 -4.88 -2.21 22.47
CA ASP D 313 -4.82 -2.10 23.92
C ASP D 313 -6.19 -1.73 24.47
N GLU D 314 -6.89 -0.84 23.77
CA GLU D 314 -8.21 -0.42 24.24
C GLU D 314 -9.19 -1.60 24.17
N VAL D 315 -9.17 -2.33 23.05
CA VAL D 315 -10.01 -3.53 22.93
C VAL D 315 -9.69 -4.47 24.10
N ALA D 316 -8.41 -4.61 24.42
CA ALA D 316 -8.01 -5.53 25.48
C ALA D 316 -8.31 -4.99 26.86
N GLY D 317 -8.74 -3.73 26.94
CA GLY D 317 -8.95 -3.05 28.21
C GLY D 317 -7.69 -2.86 29.04
N ALA D 318 -6.54 -2.68 28.36
CA ALA D 318 -5.25 -2.48 29.05
C ALA D 318 -4.45 -1.31 28.45
N PRO D 319 -4.95 -0.08 28.62
CA PRO D 319 -4.28 1.06 28.00
C PRO D 319 -2.89 1.30 28.59
N ARG D 320 -1.91 1.62 27.74
CA ARG D 320 -0.53 1.81 28.14
C ARG D 320 0.06 3.07 27.55
N LEU D 321 -0.44 3.44 26.37
CA LEU D 321 0.07 4.60 25.64
C LEU D 321 -0.78 5.81 25.95
N ASN D 322 -0.18 6.78 26.60
CA ASN D 322 -0.85 8.04 26.90
C ASN D 322 -0.32 9.11 25.93
N PHE D 323 -1.15 9.52 24.98
CA PHE D 323 -0.77 10.61 24.09
C PHE D 323 -1.20 11.94 24.69
N VAL D 324 -0.18 12.72 25.08
CA VAL D 324 -0.41 14.03 25.68
C VAL D 324 -0.24 15.08 24.58
N ASN D 325 -1.33 15.51 23.98
CA ASN D 325 -1.33 16.46 22.89
C ASN D 325 -1.15 17.90 23.29
N LEU D 326 -0.74 18.71 22.34
CA LEU D 326 -0.63 20.13 22.52
C LEU D 326 0.06 20.45 23.84
N ALA D 327 1.21 19.85 24.08
CA ALA D 327 1.89 20.05 25.34
C ALA D 327 3.39 20.09 25.20
N HIS D 328 4.08 20.67 26.18
CA HIS D 328 5.53 20.79 26.16
C HIS D 328 6.11 20.42 27.52
N VAL D 329 7.28 19.81 27.53
CA VAL D 329 7.98 19.59 28.77
C VAL D 329 8.77 20.86 29.09
N VAL D 330 8.56 21.42 30.28
CA VAL D 330 9.21 22.67 30.67
C VAL D 330 10.14 22.55 31.88
N GLY D 331 10.18 21.37 32.48
CA GLY D 331 11.13 21.11 33.54
C GLY D 331 11.18 19.65 33.97
N ALA D 332 12.28 19.25 34.58
CA ALA D 332 12.39 17.91 35.15
C ALA D 332 13.27 17.90 36.39
N LYS D 333 12.78 17.15 37.37
CA LYS D 333 13.37 16.99 38.68
C LYS D 333 13.17 15.63 39.28
N ARG D 334 14.21 15.09 39.86
CA ARG D 334 14.16 13.82 40.47
C ARG D 334 13.79 13.96 41.94
N ILE D 335 12.77 13.23 42.35
CA ILE D 335 12.27 13.23 43.69
C ILE D 335 12.26 11.80 44.16
N ALA D 336 13.17 11.46 45.02
CA ALA D 336 13.21 10.09 45.49
C ALA D 336 13.38 9.14 44.30
N ASP D 337 12.50 8.14 44.18
CA ASP D 337 12.57 7.18 43.09
C ASP D 337 11.79 7.63 41.86
N ASP D 338 11.52 8.90 41.70
CA ASP D 338 10.70 9.37 40.59
C ASP D 338 11.32 10.54 39.89
N THR D 339 11.27 10.59 38.56
CA THR D 339 11.60 11.77 37.80
C THR D 339 10.30 12.53 37.64
N ARG D 340 10.26 13.75 38.16
CA ARG D 340 9.08 14.59 38.10
C ARG D 340 9.15 15.53 36.91
N VAL D 341 8.32 15.22 35.91
CA VAL D 341 8.27 15.97 34.67
C VAL D 341 7.24 17.09 34.75
N THR D 342 7.65 18.34 34.50
CA THR D 342 6.65 19.40 34.49
C THR D 342 6.20 19.63 33.07
N VAL D 343 4.90 19.47 32.86
CA VAL D 343 4.32 19.54 31.53
C VAL D 343 3.41 20.75 31.41
N TYR D 344 3.62 21.55 30.37
CA TYR D 344 2.73 22.67 30.13
C TYR D 344 1.67 22.28 29.10
N SER D 345 0.40 22.35 29.51
CA SER D 345 -0.74 22.13 28.61
C SER D 345 -1.15 23.42 27.90
N MET D 346 -1.01 23.45 26.58
CA MET D 346 -1.40 24.64 25.83
C MET D 346 -2.90 24.89 25.87
N ALA D 347 -3.65 23.82 25.87
CA ALA D 347 -5.07 23.93 25.82
C ALA D 347 -5.56 24.73 26.99
N ARG D 348 -5.07 24.42 28.17
CA ARG D 348 -5.55 25.10 29.35
C ARG D 348 -4.58 26.06 29.99
N GLU D 349 -3.44 26.27 29.32
CA GLU D 349 -2.49 27.27 29.70
C GLU D 349 -2.06 27.16 31.13
N GLU D 350 -1.83 25.95 31.57
CA GLU D 350 -1.42 25.65 32.92
C GLU D 350 -0.48 24.48 32.86
N SER D 351 0.29 24.29 33.91
CA SER D 351 1.23 23.19 33.92
C SER D 351 0.92 22.17 35.00
N TYR D 352 1.36 20.94 34.82
CA TYR D 352 1.11 19.89 35.77
C TYR D 352 2.26 18.93 35.78
N ASP D 353 2.31 18.13 36.82
CA ASP D 353 3.44 17.25 37.01
C ASP D 353 3.04 15.85 36.69
N LEU D 354 3.99 15.13 36.16
CA LEU D 354 3.81 13.76 35.78
C LEU D 354 4.99 12.97 36.31
N ASP D 355 4.72 11.95 37.11
CA ASP D 355 5.79 11.11 37.63
C ASP D 355 6.11 9.88 36.80
N VAL D 356 7.37 9.73 36.44
CA VAL D 356 7.84 8.59 35.69
C VAL D 356 9.19 8.14 36.20
N ASP D 357 9.73 7.09 35.62
CA ASP D 357 11.07 6.61 35.94
C ASP D 357 12.14 7.33 35.13
N VAL D 358 11.84 7.61 33.86
CA VAL D 358 12.80 8.22 32.94
C VAL D 358 12.06 9.16 32.00
N LEU D 359 12.66 10.27 31.68
CA LEU D 359 12.14 11.13 30.69
C LEU D 359 13.14 11.09 29.55
N VAL D 360 12.67 10.85 28.34
CA VAL D 360 13.52 10.90 27.15
C VAL D 360 13.13 12.10 26.32
N CYS D 361 14.10 12.93 25.97
CA CYS D 361 13.82 14.11 25.17
C CYS D 361 14.23 13.84 23.73
N ALA D 362 13.26 13.48 22.90
CA ALA D 362 13.50 13.37 21.46
C ALA D 362 13.21 14.74 20.87
N THR D 363 14.02 15.73 21.23
CA THR D 363 13.74 17.13 20.92
C THR D 363 14.72 17.70 19.89
N GLY D 364 15.38 16.80 19.18
CA GLY D 364 16.10 17.20 17.98
C GLY D 364 17.49 17.78 18.23
N TYR D 365 17.91 18.67 17.33
CA TYR D 365 19.30 19.12 17.29
C TYR D 365 19.43 20.56 16.87
N ASP D 366 20.57 21.14 17.21
CA ASP D 366 21.02 22.39 16.61
C ASP D 366 21.99 22.06 15.52
N PRO D 367 22.06 22.91 14.49
CA PRO D 367 22.90 22.60 13.33
C PRO D 367 24.39 22.64 13.65
N MET D 368 25.20 22.11 12.77
CA MET D 368 26.63 22.21 12.88
C MET D 368 27.04 23.68 12.86
N ASP D 369 27.95 24.05 13.74
CA ASP D 369 28.50 25.40 13.67
C ASP D 369 29.98 25.43 13.39
N PRO D 370 30.31 25.91 12.12
CA PRO D 370 31.77 25.96 11.89
C PRO D 370 32.49 27.00 12.73
N GLY D 371 31.79 27.82 13.49
CA GLY D 371 32.43 28.85 14.26
C GLY D 371 33.20 28.26 15.41
N ASP D 372 32.69 27.14 15.90
CA ASP D 372 33.29 26.37 16.97
C ASP D 372 34.79 26.34 16.96
N LEU D 373 35.31 25.91 15.84
CA LEU D 373 36.64 25.41 15.69
C LEU D 373 37.53 26.41 15.02
N LEU D 374 36.95 27.47 14.55
CA LEU D 374 37.61 28.34 13.65
C LEU D 374 38.46 29.35 14.41
N GLY D 375 37.98 29.82 15.53
CA GLY D 375 38.72 30.84 16.27
C GLY D 375 39.18 32.03 15.44
N GLU D 376 40.48 32.17 15.31
CA GLU D 376 41.07 33.32 14.67
C GLU D 376 40.92 33.28 13.20
N LEU D 377 40.42 32.17 12.72
CA LEU D 377 40.29 32.00 11.29
C LEU D 377 39.02 32.64 10.78
N ALA D 378 38.12 32.95 11.69
CA ALA D 378 36.88 33.57 11.32
C ALA D 378 37.18 34.94 10.71
N GLU D 379 38.10 35.63 11.36
CA GLU D 379 38.52 36.93 10.90
C GLU D 379 38.56 37.05 9.42
N HIS D 380 38.87 35.95 8.77
CA HIS D 380 39.07 35.98 7.36
C HIS D 380 37.86 35.42 6.61
N CYS D 381 36.84 35.05 7.38
CA CYS D 381 35.55 34.57 6.89
C CYS D 381 34.43 35.60 6.93
N VAL D 382 33.90 35.88 5.76
CA VAL D 382 32.93 36.90 5.52
C VAL D 382 31.50 36.53 5.92
N GLN D 383 30.93 37.28 6.85
CA GLN D 383 29.55 37.09 7.25
C GLN D 383 28.62 37.93 6.41
N ASP D 384 27.33 37.75 6.58
CA ASP D 384 26.36 38.52 5.85
C ASP D 384 25.68 39.52 6.74
N ALA D 385 24.69 40.16 6.18
CA ALA D 385 23.88 41.15 6.88
C ALA D 385 23.56 40.69 8.28
N GLU D 386 22.89 39.56 8.37
CA GLU D 386 22.46 39.00 9.63
C GLU D 386 23.48 38.18 10.38
N GLY D 387 24.74 38.27 10.00
CA GLY D 387 25.78 37.56 10.72
C GLY D 387 25.93 36.06 10.57
N ARG D 388 25.43 35.51 9.47
CA ARG D 388 25.62 34.09 9.17
C ARG D 388 26.71 33.94 8.12
N TRP D 389 27.49 32.86 8.22
CA TRP D 389 28.61 32.67 7.29
C TRP D 389 28.15 32.68 5.84
N GLN D 390 28.89 33.38 4.99
CA GLN D 390 28.64 33.27 3.56
C GLN D 390 29.34 32.04 3.01
N VAL D 391 28.64 31.30 2.15
CA VAL D 391 29.19 30.07 1.61
C VAL D 391 28.92 30.04 0.13
N ASP D 392 29.92 29.70 -0.67
CA ASP D 392 29.73 29.53 -2.12
C ASP D 392 28.95 28.26 -2.44
N ARG D 393 28.53 28.12 -3.70
CA ARG D 393 27.72 26.98 -4.15
C ARG D 393 28.45 25.66 -3.93
N ASP D 394 29.78 25.69 -4.11
CA ASP D 394 30.60 24.50 -3.90
C ASP D 394 30.92 24.20 -2.42
N TYR D 395 30.18 24.82 -1.50
CA TYR D 395 30.27 24.53 -0.05
C TYR D 395 31.53 25.14 0.58
N ARG D 396 32.16 26.02 -0.17
CA ARG D 396 33.36 26.72 0.31
C ARG D 396 33.01 28.02 1.05
N MET D 397 33.50 28.16 2.28
CA MET D 397 33.21 29.39 3.03
C MET D 397 33.81 30.56 2.28
N VAL D 398 33.12 31.68 2.21
CA VAL D 398 33.65 32.87 1.57
C VAL D 398 34.66 33.53 2.48
N THR D 399 35.83 33.80 1.95
CA THR D 399 36.89 34.38 2.78
C THR D 399 37.50 35.68 2.29
N THR D 400 38.00 36.45 3.25
CA THR D 400 38.83 37.62 2.96
C THR D 400 40.01 37.20 2.14
N PRO D 401 40.54 38.22 1.36
CA PRO D 401 41.56 37.75 0.40
C PRO D 401 42.92 37.33 0.93
N ASP D 402 43.15 37.51 2.21
CA ASP D 402 44.36 37.00 2.81
C ASP D 402 44.36 35.50 2.99
N LEU D 403 43.17 34.92 3.01
CA LEU D 403 43.01 33.49 3.18
C LEU D 403 42.79 32.82 1.86
N ARG D 404 43.66 31.91 1.52
CA ARG D 404 43.52 31.19 0.28
C ARG D 404 43.10 29.72 0.44
N CYS D 405 43.23 29.21 1.64
CA CYS D 405 42.76 27.90 1.95
C CYS D 405 41.27 27.79 1.79
N GLY D 406 40.85 26.62 1.37
CA GLY D 406 39.45 26.21 1.33
C GLY D 406 39.00 25.70 2.67
N ILE D 407 37.96 26.32 3.21
CA ILE D 407 37.25 25.76 4.35
C ILE D 407 35.87 25.36 3.83
N TYR D 408 35.65 24.05 3.71
CA TYR D 408 34.39 23.54 3.16
C TYR D 408 33.53 22.99 4.28
N LEU D 409 32.21 23.12 4.12
CA LEU D 409 31.26 22.71 5.13
C LEU D 409 30.31 21.60 4.64
N GLN D 410 30.28 20.49 5.36
CA GLN D 410 29.28 19.45 5.10
C GLN D 410 28.45 19.45 6.37
N GLY D 411 27.33 20.15 6.29
CA GLY D 411 26.56 20.51 7.46
C GLY D 411 26.77 21.99 7.66
N GLY D 412 25.95 22.62 8.50
CA GLY D 412 26.05 24.04 8.74
C GLY D 412 25.65 24.94 7.59
N THR D 413 25.05 24.39 6.54
CA THR D 413 24.72 25.19 5.37
C THR D 413 23.22 25.33 5.15
N GLU D 414 22.44 25.16 6.22
CA GLU D 414 20.99 25.29 6.16
C GLU D 414 20.54 26.59 5.51
N HIS D 415 21.18 27.69 5.88
CA HIS D 415 20.86 29.00 5.31
C HIS D 415 21.21 29.14 3.85
N THR D 416 22.33 28.62 3.46
CA THR D 416 22.79 28.82 2.09
C THR D 416 22.35 27.73 1.11
N HIS D 417 22.39 26.47 1.54
CA HIS D 417 22.11 25.36 0.62
C HIS D 417 20.79 24.64 0.85
N GLY D 418 20.22 24.82 2.03
CA GLY D 418 18.85 24.36 2.30
C GLY D 418 18.69 23.09 3.11
N LEU D 419 17.53 22.46 2.97
CA LEU D 419 17.08 21.39 3.85
C LEU D 419 17.96 20.14 3.79
N SER D 420 18.72 19.98 2.72
CA SER D 420 19.52 18.78 2.52
C SER D 420 20.82 18.82 3.35
N SER D 421 21.09 19.96 3.97
CA SER D 421 22.39 20.22 4.60
C SER D 421 22.89 19.20 5.61
N SER D 422 22.00 18.72 6.48
CA SER D 422 22.41 17.76 7.51
C SER D 422 21.95 16.32 7.21
N LEU D 423 21.41 16.07 6.02
CA LEU D 423 20.86 14.73 5.67
C LEU D 423 21.81 13.89 4.83
N LEU D 424 21.39 12.67 4.51
CA LEU D 424 22.19 11.78 3.68
C LEU D 424 21.60 11.67 2.27
N SER D 425 20.86 12.69 1.86
CA SER D 425 20.13 12.64 0.59
C SER D 425 21.01 12.98 -0.59
N ASN D 426 22.15 13.60 -0.34
CA ASN D 426 22.95 14.15 -1.43
C ASN D 426 24.45 13.95 -1.24
N LEU D 427 24.84 12.82 -0.65
CA LEU D 427 26.25 12.61 -0.30
C LEU D 427 27.15 12.54 -1.53
N ALA D 428 26.70 11.87 -2.57
CA ALA D 428 27.55 11.60 -3.72
C ALA D 428 27.95 12.89 -4.45
N THR D 429 26.98 13.78 -4.61
CA THR D 429 27.21 15.00 -5.40
C THR D 429 27.87 16.09 -4.56
N ARG D 430 27.46 16.24 -3.30
CA ARG D 430 28.13 17.23 -2.45
C ARG D 430 29.63 16.90 -2.33
N SER D 431 29.93 15.65 -2.02
CA SER D 431 31.32 15.25 -1.86
C SER D 431 32.07 15.42 -3.19
N GLY D 432 31.46 15.03 -4.31
CA GLY D 432 32.09 15.19 -5.61
C GLY D 432 32.38 16.66 -5.93
N GLU D 433 31.44 17.53 -5.60
CA GLU D 433 31.59 18.96 -5.89
C GLU D 433 32.73 19.55 -5.07
N ILE D 434 32.88 19.10 -3.84
CA ILE D 434 33.92 19.58 -2.96
C ILE D 434 35.28 19.11 -3.46
N VAL D 435 35.39 17.83 -3.83
CA VAL D 435 36.63 17.34 -4.40
C VAL D 435 36.98 18.09 -5.68
N SER D 436 35.99 18.34 -6.53
CA SER D 436 36.25 19.04 -7.80
C SER D 436 36.71 20.47 -7.53
N SER D 437 36.12 21.11 -6.51
CA SER D 437 36.51 22.47 -6.16
C SER D 437 37.97 22.50 -5.71
N ILE D 438 38.34 21.56 -4.84
CA ILE D 438 39.71 21.44 -4.36
C ILE D 438 40.69 21.23 -5.53
N GLU D 439 40.36 20.34 -6.45
CA GLU D 439 41.25 20.06 -7.58
C GLU D 439 41.40 21.29 -8.46
N ARG D 440 40.28 21.96 -8.69
CA ARG D 440 40.23 23.12 -9.54
C ARG D 440 41.17 24.22 -9.07
N ARG D 441 41.20 24.45 -7.77
CA ARG D 441 41.92 25.55 -7.23
C ARG D 441 43.38 25.19 -7.06
N LYS D 442 43.71 23.96 -7.38
CA LYS D 442 45.03 23.42 -7.16
C LYS D 442 45.86 23.62 -8.38
#